data_1V8W
# 
_entry.id   1V8W 
# 
_audit_conform.dict_name       mmcif_pdbx.dic 
_audit_conform.dict_version    5.383 
_audit_conform.dict_location   http://mmcif.pdb.org/dictionaries/ascii/mmcif_pdbx.dic 
# 
loop_
_database_2.database_id 
_database_2.database_code 
_database_2.pdbx_database_accession 
_database_2.pdbx_DOI 
PDB   1V8W         pdb_00001v8w 10.2210/pdb1v8w/pdb 
RCSB  RCSB006353   ?            ?                   
WWPDB D_1000006353 ?            ?                   
# 
loop_
_pdbx_audit_revision_history.ordinal 
_pdbx_audit_revision_history.data_content_type 
_pdbx_audit_revision_history.major_revision 
_pdbx_audit_revision_history.minor_revision 
_pdbx_audit_revision_history.revision_date 
1 'Structure model' 1 0 2004-10-19 
2 'Structure model' 1 1 2008-04-27 
3 'Structure model' 1 2 2011-07-13 
4 'Structure model' 1 3 2021-11-10 
5 'Structure model' 1 4 2023-12-27 
# 
_pdbx_audit_revision_details.ordinal             1 
_pdbx_audit_revision_details.revision_ordinal    1 
_pdbx_audit_revision_details.data_content_type   'Structure model' 
_pdbx_audit_revision_details.provider            repository 
_pdbx_audit_revision_details.type                'Initial release' 
_pdbx_audit_revision_details.description         ? 
_pdbx_audit_revision_details.details             ? 
# 
loop_
_pdbx_audit_revision_group.ordinal 
_pdbx_audit_revision_group.revision_ordinal 
_pdbx_audit_revision_group.data_content_type 
_pdbx_audit_revision_group.group 
1 2 'Structure model' 'Version format compliance' 
2 3 'Structure model' 'Derived calculations'      
3 3 'Structure model' 'Version format compliance' 
4 4 'Structure model' 'Database references'       
5 4 'Structure model' 'Derived calculations'      
6 5 'Structure model' 'Data collection'           
# 
loop_
_pdbx_audit_revision_category.ordinal 
_pdbx_audit_revision_category.revision_ordinal 
_pdbx_audit_revision_category.data_content_type 
_pdbx_audit_revision_category.category 
1 4 'Structure model' database_2             
2 4 'Structure model' pdbx_struct_conn_angle 
3 4 'Structure model' struct_conn            
4 4 'Structure model' struct_ref_seq_dif     
5 4 'Structure model' struct_site            
6 5 'Structure model' chem_comp_atom         
7 5 'Structure model' chem_comp_bond         
# 
loop_
_pdbx_audit_revision_item.ordinal 
_pdbx_audit_revision_item.revision_ordinal 
_pdbx_audit_revision_item.data_content_type 
_pdbx_audit_revision_item.item 
1  4 'Structure model' '_database_2.pdbx_DOI'                        
2  4 'Structure model' '_database_2.pdbx_database_accession'         
3  4 'Structure model' '_pdbx_struct_conn_angle.ptnr1_auth_seq_id'   
4  4 'Structure model' '_pdbx_struct_conn_angle.ptnr1_label_atom_id' 
5  4 'Structure model' '_pdbx_struct_conn_angle.ptnr1_label_seq_id'  
6  4 'Structure model' '_pdbx_struct_conn_angle.ptnr1_symmetry'      
7  4 'Structure model' '_pdbx_struct_conn_angle.ptnr3_auth_seq_id'   
8  4 'Structure model' '_pdbx_struct_conn_angle.ptnr3_label_atom_id' 
9  4 'Structure model' '_pdbx_struct_conn_angle.ptnr3_label_seq_id'  
10 4 'Structure model' '_pdbx_struct_conn_angle.ptnr3_symmetry'      
11 4 'Structure model' '_pdbx_struct_conn_angle.value'               
12 4 'Structure model' '_struct_conn.pdbx_dist_value'                
13 4 'Structure model' '_struct_conn.ptnr1_auth_comp_id'             
14 4 'Structure model' '_struct_conn.ptnr1_auth_seq_id'              
15 4 'Structure model' '_struct_conn.ptnr1_label_asym_id'            
16 4 'Structure model' '_struct_conn.ptnr1_label_atom_id'            
17 4 'Structure model' '_struct_conn.ptnr1_label_comp_id'            
18 4 'Structure model' '_struct_conn.ptnr1_label_seq_id'             
19 4 'Structure model' '_struct_conn.ptnr1_symmetry'                 
20 4 'Structure model' '_struct_conn.ptnr2_auth_comp_id'             
21 4 'Structure model' '_struct_conn.ptnr2_auth_seq_id'              
22 4 'Structure model' '_struct_conn.ptnr2_label_asym_id'            
23 4 'Structure model' '_struct_conn.ptnr2_label_atom_id'            
24 4 'Structure model' '_struct_conn.ptnr2_label_comp_id'            
25 4 'Structure model' '_struct_conn.ptnr2_label_seq_id'             
26 4 'Structure model' '_struct_conn.ptnr2_symmetry'                 
27 4 'Structure model' '_struct_ref_seq_dif.details'                 
28 4 'Structure model' '_struct_site.pdbx_auth_asym_id'              
29 4 'Structure model' '_struct_site.pdbx_auth_comp_id'              
30 4 'Structure model' '_struct_site.pdbx_auth_seq_id'               
# 
_pdbx_database_status.status_code                     REL 
_pdbx_database_status.entry_id                        1V8W 
_pdbx_database_status.recvd_initial_deposition_date   2004-01-15 
_pdbx_database_status.deposit_site                    PDBJ 
_pdbx_database_status.process_site                    PDBJ 
_pdbx_database_status.status_code_sf                  REL 
_pdbx_database_status.SG_entry                        Y 
_pdbx_database_status.pdb_format_compatible           Y 
_pdbx_database_status.status_code_mr                  ? 
_pdbx_database_status.status_code_cs                  ? 
_pdbx_database_status.status_code_nmr_data            ? 
_pdbx_database_status.methods_development_category    ? 
# 
loop_
_pdbx_database_related.db_name 
_pdbx_database_related.db_id 
_pdbx_database_related.details 
_pdbx_database_related.content_type 
PDB      1V8I           'the same protein'                                 unspecified 
PDB      1V8L           'the same protein with ADP-ribose'                 unspecified 
PDB      1V8M           'the same protein with ADP-ribose and Gd'          unspecified 
PDB      1V8N           'the same protein with ZN'                         unspecified 
PDB      1V8R           'the same protein with ADP-ribose and ZN'          unspecified 
PDB      1V8S           'the same protein with AMP and MG'                 unspecified 
PDB      1V8T           
;the same protein with ribose-5'-phosphate and Zn
;
unspecified 
PDB      1V8U           'E82Q mutant, with SO4 and Mg'                     unspecified 
PDB      1V8V           'E86Q mutant, with ADP-ribose and Mg'              unspecified 
PDB      1V8Y           'E86Q mutant, with ADP-ribose and Zn'              unspecified 
TargetDB ttk003001345.9 .                                                  unspecified 
# 
loop_
_audit_author.name 
_audit_author.pdbx_ordinal 
'Yoshiba, S.'                                            1 
'Ooga, T.'                                               2 
'Nakagawa, N.'                                           3 
'Shibata, T.'                                            4 
'Inoue, Y.'                                              5 
'Yokoyama, S.'                                           6 
'Kuramitsu, S.'                                          7 
'Masui, R.'                                              8 
'RIKEN Structural Genomics/Proteomics Initiative (RSGI)' 9 
# 
_citation.id                        primary 
_citation.title                     
;Structural insights into the Thermus thermophilus ADP-ribose pyrophosphatase mechanism via crystal structures with the bound substrate and metal
;
_citation.journal_abbrev            J.Biol.Chem. 
_citation.journal_volume            279 
_citation.page_first                37163 
_citation.page_last                 37174 
_citation.year                      2004 
_citation.journal_id_ASTM           JBCHA3 
_citation.country                   US 
_citation.journal_id_ISSN           0021-9258 
_citation.journal_id_CSD            0071 
_citation.book_publisher            ? 
_citation.pdbx_database_id_PubMed   15210687 
_citation.pdbx_database_id_DOI      10.1074/jbc.M403817200 
# 
loop_
_citation_author.citation_id 
_citation_author.name 
_citation_author.ordinal 
_citation_author.identifier_ORCID 
primary 'Yoshiba, S.'   1 ? 
primary 'Ooga, T.'      2 ? 
primary 'Nakagawa, N.'  3 ? 
primary 'Shibata, T.'   4 ? 
primary 'Inoue, Y.'     5 ? 
primary 'Yokoyama, S.'  6 ? 
primary 'Kuramitsu, S.' 7 ? 
primary 'Masui, R.'     8 ? 
# 
loop_
_entity.id 
_entity.type 
_entity.src_method 
_entity.pdbx_description 
_entity.formula_weight 
_entity.pdbx_number_of_molecules 
_entity.pdbx_ec 
_entity.pdbx_mutation 
_entity.pdbx_fragment 
_entity.details 
1 polymer     man 'ADP-ribose pyrophosphatase' 19286.926 1  3.6.1.13 E82Q ? ? 
2 non-polymer syn 'SULFATE ION'                96.063    1  ?        ?    ? ? 
3 non-polymer syn 'ZINC ION'                   65.409    1  ?        ?    ? ? 
4 water       nat water                        18.015    57 ?        ?    ? ? 
# 
_entity_poly.entity_id                      1 
_entity_poly.type                           'polypeptide(L)' 
_entity_poly.nstd_linkage                   no 
_entity_poly.nstd_monomer                   no 
_entity_poly.pdbx_seq_one_letter_code       
;MGRVYYGGVERTYLYRGRILNLALEGRYEIVEHKPAVAVIALREGRMLFVRQMRPAVGLAPLEIPAGLIEPGEDPLEAAR
RQLAEETGLSGDLTYLFSYFVSPGFTDEKTHVFLAENLKEVEAHPDEDEAIEVVWMRPEEALERHQRGEVEFSATGLVGV
LYYHAFLRGR
;
_entity_poly.pdbx_seq_one_letter_code_can   
;MGRVYYGGVERTYLYRGRILNLALEGRYEIVEHKPAVAVIALREGRMLFVRQMRPAVGLAPLEIPAGLIEPGEDPLEAAR
RQLAEETGLSGDLTYLFSYFVSPGFTDEKTHVFLAENLKEVEAHPDEDEAIEVVWMRPEEALERHQRGEVEFSATGLVGV
LYYHAFLRGR
;
_entity_poly.pdbx_strand_id                 A 
_entity_poly.pdbx_target_identifier         ttk003001345.9 
# 
loop_
_pdbx_entity_nonpoly.entity_id 
_pdbx_entity_nonpoly.name 
_pdbx_entity_nonpoly.comp_id 
2 'SULFATE ION' SO4 
3 'ZINC ION'    ZN  
4 water         HOH 
# 
loop_
_entity_poly_seq.entity_id 
_entity_poly_seq.num 
_entity_poly_seq.mon_id 
_entity_poly_seq.hetero 
1 1   MET n 
1 2   GLY n 
1 3   ARG n 
1 4   VAL n 
1 5   TYR n 
1 6   TYR n 
1 7   GLY n 
1 8   GLY n 
1 9   VAL n 
1 10  GLU n 
1 11  ARG n 
1 12  THR n 
1 13  TYR n 
1 14  LEU n 
1 15  TYR n 
1 16  ARG n 
1 17  GLY n 
1 18  ARG n 
1 19  ILE n 
1 20  LEU n 
1 21  ASN n 
1 22  LEU n 
1 23  ALA n 
1 24  LEU n 
1 25  GLU n 
1 26  GLY n 
1 27  ARG n 
1 28  TYR n 
1 29  GLU n 
1 30  ILE n 
1 31  VAL n 
1 32  GLU n 
1 33  HIS n 
1 34  LYS n 
1 35  PRO n 
1 36  ALA n 
1 37  VAL n 
1 38  ALA n 
1 39  VAL n 
1 40  ILE n 
1 41  ALA n 
1 42  LEU n 
1 43  ARG n 
1 44  GLU n 
1 45  GLY n 
1 46  ARG n 
1 47  MET n 
1 48  LEU n 
1 49  PHE n 
1 50  VAL n 
1 51  ARG n 
1 52  GLN n 
1 53  MET n 
1 54  ARG n 
1 55  PRO n 
1 56  ALA n 
1 57  VAL n 
1 58  GLY n 
1 59  LEU n 
1 60  ALA n 
1 61  PRO n 
1 62  LEU n 
1 63  GLU n 
1 64  ILE n 
1 65  PRO n 
1 66  ALA n 
1 67  GLY n 
1 68  LEU n 
1 69  ILE n 
1 70  GLU n 
1 71  PRO n 
1 72  GLY n 
1 73  GLU n 
1 74  ASP n 
1 75  PRO n 
1 76  LEU n 
1 77  GLU n 
1 78  ALA n 
1 79  ALA n 
1 80  ARG n 
1 81  ARG n 
1 82  GLN n 
1 83  LEU n 
1 84  ALA n 
1 85  GLU n 
1 86  GLU n 
1 87  THR n 
1 88  GLY n 
1 89  LEU n 
1 90  SER n 
1 91  GLY n 
1 92  ASP n 
1 93  LEU n 
1 94  THR n 
1 95  TYR n 
1 96  LEU n 
1 97  PHE n 
1 98  SER n 
1 99  TYR n 
1 100 PHE n 
1 101 VAL n 
1 102 SER n 
1 103 PRO n 
1 104 GLY n 
1 105 PHE n 
1 106 THR n 
1 107 ASP n 
1 108 GLU n 
1 109 LYS n 
1 110 THR n 
1 111 HIS n 
1 112 VAL n 
1 113 PHE n 
1 114 LEU n 
1 115 ALA n 
1 116 GLU n 
1 117 ASN n 
1 118 LEU n 
1 119 LYS n 
1 120 GLU n 
1 121 VAL n 
1 122 GLU n 
1 123 ALA n 
1 124 HIS n 
1 125 PRO n 
1 126 ASP n 
1 127 GLU n 
1 128 ASP n 
1 129 GLU n 
1 130 ALA n 
1 131 ILE n 
1 132 GLU n 
1 133 VAL n 
1 134 VAL n 
1 135 TRP n 
1 136 MET n 
1 137 ARG n 
1 138 PRO n 
1 139 GLU n 
1 140 GLU n 
1 141 ALA n 
1 142 LEU n 
1 143 GLU n 
1 144 ARG n 
1 145 HIS n 
1 146 GLN n 
1 147 ARG n 
1 148 GLY n 
1 149 GLU n 
1 150 VAL n 
1 151 GLU n 
1 152 PHE n 
1 153 SER n 
1 154 ALA n 
1 155 THR n 
1 156 GLY n 
1 157 LEU n 
1 158 VAL n 
1 159 GLY n 
1 160 VAL n 
1 161 LEU n 
1 162 TYR n 
1 163 TYR n 
1 164 HIS n 
1 165 ALA n 
1 166 PHE n 
1 167 LEU n 
1 168 ARG n 
1 169 GLY n 
1 170 ARG n 
# 
_entity_src_gen.entity_id                          1 
_entity_src_gen.pdbx_src_id                        1 
_entity_src_gen.pdbx_alt_source_flag               sample 
_entity_src_gen.pdbx_seq_type                      ? 
_entity_src_gen.pdbx_beg_seq_num                   ? 
_entity_src_gen.pdbx_end_seq_num                   ? 
_entity_src_gen.gene_src_common_name               ? 
_entity_src_gen.gene_src_genus                     Thermus 
_entity_src_gen.pdbx_gene_src_gene                 ? 
_entity_src_gen.gene_src_species                   ? 
_entity_src_gen.gene_src_strain                    ? 
_entity_src_gen.gene_src_tissue                    ? 
_entity_src_gen.gene_src_tissue_fraction           ? 
_entity_src_gen.gene_src_details                   ? 
_entity_src_gen.pdbx_gene_src_fragment             ? 
_entity_src_gen.pdbx_gene_src_scientific_name      'Thermus thermophilus' 
_entity_src_gen.pdbx_gene_src_ncbi_taxonomy_id     274 
_entity_src_gen.pdbx_gene_src_variant              ? 
_entity_src_gen.pdbx_gene_src_cell_line            ? 
_entity_src_gen.pdbx_gene_src_atcc                 ? 
_entity_src_gen.pdbx_gene_src_organ                ? 
_entity_src_gen.pdbx_gene_src_organelle            ? 
_entity_src_gen.pdbx_gene_src_cell                 ? 
_entity_src_gen.pdbx_gene_src_cellular_location    ? 
_entity_src_gen.host_org_common_name               ? 
_entity_src_gen.pdbx_host_org_scientific_name      'Escherichia coli BL21(DE3)' 
_entity_src_gen.pdbx_host_org_ncbi_taxonomy_id     469008 
_entity_src_gen.host_org_genus                     Escherichia 
_entity_src_gen.pdbx_host_org_gene                 ? 
_entity_src_gen.pdbx_host_org_organ                ? 
_entity_src_gen.host_org_species                   'Escherichia coli' 
_entity_src_gen.pdbx_host_org_tissue               ? 
_entity_src_gen.pdbx_host_org_tissue_fraction      ? 
_entity_src_gen.pdbx_host_org_strain               'BL21(DE3)' 
_entity_src_gen.pdbx_host_org_variant              ? 
_entity_src_gen.pdbx_host_org_cell_line            ? 
_entity_src_gen.pdbx_host_org_atcc                 ? 
_entity_src_gen.pdbx_host_org_culture_collection   ? 
_entity_src_gen.pdbx_host_org_cell                 ? 
_entity_src_gen.pdbx_host_org_organelle            ? 
_entity_src_gen.pdbx_host_org_cellular_location    ? 
_entity_src_gen.pdbx_host_org_vector_type          plasmid 
_entity_src_gen.pdbx_host_org_vector               ? 
_entity_src_gen.host_org_details                   ? 
_entity_src_gen.expression_system_id               ? 
_entity_src_gen.plasmid_name                       pET3a 
_entity_src_gen.plasmid_details                    ? 
_entity_src_gen.pdbx_description                   ? 
# 
loop_
_chem_comp.id 
_chem_comp.type 
_chem_comp.mon_nstd_flag 
_chem_comp.name 
_chem_comp.pdbx_synonyms 
_chem_comp.formula 
_chem_comp.formula_weight 
ALA 'L-peptide linking' y ALANINE         ? 'C3 H7 N O2'     89.093  
ARG 'L-peptide linking' y ARGININE        ? 'C6 H15 N4 O2 1' 175.209 
ASN 'L-peptide linking' y ASPARAGINE      ? 'C4 H8 N2 O3'    132.118 
ASP 'L-peptide linking' y 'ASPARTIC ACID' ? 'C4 H7 N O4'     133.103 
GLN 'L-peptide linking' y GLUTAMINE       ? 'C5 H10 N2 O3'   146.144 
GLU 'L-peptide linking' y 'GLUTAMIC ACID' ? 'C5 H9 N O4'     147.129 
GLY 'peptide linking'   y GLYCINE         ? 'C2 H5 N O2'     75.067  
HIS 'L-peptide linking' y HISTIDINE       ? 'C6 H10 N3 O2 1' 156.162 
HOH non-polymer         . WATER           ? 'H2 O'           18.015  
ILE 'L-peptide linking' y ISOLEUCINE      ? 'C6 H13 N O2'    131.173 
LEU 'L-peptide linking' y LEUCINE         ? 'C6 H13 N O2'    131.173 
LYS 'L-peptide linking' y LYSINE          ? 'C6 H15 N2 O2 1' 147.195 
MET 'L-peptide linking' y METHIONINE      ? 'C5 H11 N O2 S'  149.211 
PHE 'L-peptide linking' y PHENYLALANINE   ? 'C9 H11 N O2'    165.189 
PRO 'L-peptide linking' y PROLINE         ? 'C5 H9 N O2'     115.130 
SER 'L-peptide linking' y SERINE          ? 'C3 H7 N O3'     105.093 
SO4 non-polymer         . 'SULFATE ION'   ? 'O4 S -2'        96.063  
THR 'L-peptide linking' y THREONINE       ? 'C4 H9 N O3'     119.119 
TRP 'L-peptide linking' y TRYPTOPHAN      ? 'C11 H12 N2 O2'  204.225 
TYR 'L-peptide linking' y TYROSINE        ? 'C9 H11 N O3'    181.189 
VAL 'L-peptide linking' y VALINE          ? 'C5 H11 N O2'    117.146 
ZN  non-polymer         . 'ZINC ION'      ? 'Zn 2'           65.409  
# 
loop_
_pdbx_poly_seq_scheme.asym_id 
_pdbx_poly_seq_scheme.entity_id 
_pdbx_poly_seq_scheme.seq_id 
_pdbx_poly_seq_scheme.mon_id 
_pdbx_poly_seq_scheme.ndb_seq_num 
_pdbx_poly_seq_scheme.pdb_seq_num 
_pdbx_poly_seq_scheme.auth_seq_num 
_pdbx_poly_seq_scheme.pdb_mon_id 
_pdbx_poly_seq_scheme.auth_mon_id 
_pdbx_poly_seq_scheme.pdb_strand_id 
_pdbx_poly_seq_scheme.pdb_ins_code 
_pdbx_poly_seq_scheme.hetero 
A 1 1   MET 1   1   ?   ?   ?   A . n 
A 1 2   GLY 2   2   ?   ?   ?   A . n 
A 1 3   ARG 3   3   ?   ?   ?   A . n 
A 1 4   VAL 4   4   ?   ?   ?   A . n 
A 1 5   TYR 5   5   ?   ?   ?   A . n 
A 1 6   TYR 6   6   ?   ?   ?   A . n 
A 1 7   GLY 7   7   ?   ?   ?   A . n 
A 1 8   GLY 8   8   ?   ?   ?   A . n 
A 1 9   VAL 9   9   ?   ?   ?   A . n 
A 1 10  GLU 10  10  ?   ?   ?   A . n 
A 1 11  ARG 11  11  11  ARG ARG A . n 
A 1 12  THR 12  12  12  THR THR A . n 
A 1 13  TYR 13  13  13  TYR TYR A . n 
A 1 14  LEU 14  14  14  LEU LEU A . n 
A 1 15  TYR 15  15  15  TYR TYR A . n 
A 1 16  ARG 16  16  16  ARG ARG A . n 
A 1 17  GLY 17  17  17  GLY GLY A . n 
A 1 18  ARG 18  18  18  ARG ARG A . n 
A 1 19  ILE 19  19  19  ILE ILE A . n 
A 1 20  LEU 20  20  20  LEU LEU A . n 
A 1 21  ASN 21  21  21  ASN ASN A . n 
A 1 22  LEU 22  22  22  LEU LEU A . n 
A 1 23  ALA 23  23  23  ALA ALA A . n 
A 1 24  LEU 24  24  24  LEU LEU A . n 
A 1 25  GLU 25  25  25  GLU GLU A . n 
A 1 26  GLY 26  26  26  GLY GLY A . n 
A 1 27  ARG 27  27  27  ARG ARG A . n 
A 1 28  TYR 28  28  28  TYR TYR A . n 
A 1 29  GLU 29  29  29  GLU GLU A . n 
A 1 30  ILE 30  30  30  ILE ILE A . n 
A 1 31  VAL 31  31  31  VAL VAL A . n 
A 1 32  GLU 32  32  32  GLU GLU A . n 
A 1 33  HIS 33  33  33  HIS HIS A . n 
A 1 34  LYS 34  34  34  LYS LYS A . n 
A 1 35  PRO 35  35  35  PRO PRO A . n 
A 1 36  ALA 36  36  36  ALA ALA A . n 
A 1 37  VAL 37  37  37  VAL VAL A . n 
A 1 38  ALA 38  38  38  ALA ALA A . n 
A 1 39  VAL 39  39  39  VAL VAL A . n 
A 1 40  ILE 40  40  40  ILE ILE A . n 
A 1 41  ALA 41  41  41  ALA ALA A . n 
A 1 42  LEU 42  42  42  LEU LEU A . n 
A 1 43  ARG 43  43  43  ARG ARG A . n 
A 1 44  GLU 44  44  44  GLU GLU A . n 
A 1 45  GLY 45  45  45  GLY GLY A . n 
A 1 46  ARG 46  46  46  ARG ARG A . n 
A 1 47  MET 47  47  47  MET MET A . n 
A 1 48  LEU 48  48  48  LEU LEU A . n 
A 1 49  PHE 49  49  49  PHE PHE A . n 
A 1 50  VAL 50  50  50  VAL VAL A . n 
A 1 51  ARG 51  51  51  ARG ARG A . n 
A 1 52  GLN 52  52  52  GLN GLN A . n 
A 1 53  MET 53  53  53  MET MET A . n 
A 1 54  ARG 54  54  54  ARG ARG A . n 
A 1 55  PRO 55  55  55  PRO PRO A . n 
A 1 56  ALA 56  56  56  ALA ALA A . n 
A 1 57  VAL 57  57  57  VAL VAL A . n 
A 1 58  GLY 58  58  58  GLY GLY A . n 
A 1 59  LEU 59  59  59  LEU LEU A . n 
A 1 60  ALA 60  60  60  ALA ALA A . n 
A 1 61  PRO 61  61  61  PRO PRO A . n 
A 1 62  LEU 62  62  62  LEU LEU A . n 
A 1 63  GLU 63  63  63  GLU GLU A . n 
A 1 64  ILE 64  64  64  ILE ILE A . n 
A 1 65  PRO 65  65  65  PRO PRO A . n 
A 1 66  ALA 66  66  66  ALA ALA A . n 
A 1 67  GLY 67  67  67  GLY GLY A . n 
A 1 68  LEU 68  68  68  LEU LEU A . n 
A 1 69  ILE 69  69  69  ILE ILE A . n 
A 1 70  GLU 70  70  70  GLU GLU A . n 
A 1 71  PRO 71  71  71  PRO PRO A . n 
A 1 72  GLY 72  72  72  GLY GLY A . n 
A 1 73  GLU 73  73  73  GLU GLU A . n 
A 1 74  ASP 74  74  74  ASP ASP A . n 
A 1 75  PRO 75  75  75  PRO PRO A . n 
A 1 76  LEU 76  76  76  LEU LEU A . n 
A 1 77  GLU 77  77  77  GLU GLU A . n 
A 1 78  ALA 78  78  78  ALA ALA A . n 
A 1 79  ALA 79  79  79  ALA ALA A . n 
A 1 80  ARG 80  80  80  ARG ARG A . n 
A 1 81  ARG 81  81  81  ARG ARG A . n 
A 1 82  GLN 82  82  82  GLN GLN A . n 
A 1 83  LEU 83  83  83  LEU LEU A . n 
A 1 84  ALA 84  84  84  ALA ALA A . n 
A 1 85  GLU 85  85  85  GLU GLU A . n 
A 1 86  GLU 86  86  86  GLU GLU A . n 
A 1 87  THR 87  87  87  THR THR A . n 
A 1 88  GLY 88  88  88  GLY GLY A . n 
A 1 89  LEU 89  89  89  LEU LEU A . n 
A 1 90  SER 90  90  90  SER SER A . n 
A 1 91  GLY 91  91  91  GLY GLY A . n 
A 1 92  ASP 92  92  92  ASP ASP A . n 
A 1 93  LEU 93  93  93  LEU LEU A . n 
A 1 94  THR 94  94  94  THR THR A . n 
A 1 95  TYR 95  95  95  TYR TYR A . n 
A 1 96  LEU 96  96  96  LEU LEU A . n 
A 1 97  PHE 97  97  97  PHE PHE A . n 
A 1 98  SER 98  98  98  SER SER A . n 
A 1 99  TYR 99  99  99  TYR TYR A . n 
A 1 100 PHE 100 100 100 PHE PHE A . n 
A 1 101 VAL 101 101 101 VAL VAL A . n 
A 1 102 SER 102 102 102 SER SER A . n 
A 1 103 PRO 103 103 103 PRO PRO A . n 
A 1 104 GLY 104 104 104 GLY GLY A . n 
A 1 105 PHE 105 105 105 PHE PHE A . n 
A 1 106 THR 106 106 106 THR THR A . n 
A 1 107 ASP 107 107 107 ASP ASP A . n 
A 1 108 GLU 108 108 108 GLU GLU A . n 
A 1 109 LYS 109 109 109 LYS LYS A . n 
A 1 110 THR 110 110 110 THR THR A . n 
A 1 111 HIS 111 111 111 HIS HIS A . n 
A 1 112 VAL 112 112 112 VAL VAL A . n 
A 1 113 PHE 113 113 113 PHE PHE A . n 
A 1 114 LEU 114 114 114 LEU LEU A . n 
A 1 115 ALA 115 115 115 ALA ALA A . n 
A 1 116 GLU 116 116 116 GLU GLU A . n 
A 1 117 ASN 117 117 117 ASN ASN A . n 
A 1 118 LEU 118 118 118 LEU LEU A . n 
A 1 119 LYS 119 119 119 LYS LYS A . n 
A 1 120 GLU 120 120 120 GLU GLU A . n 
A 1 121 VAL 121 121 121 VAL VAL A . n 
A 1 122 GLU 122 122 122 GLU GLU A . n 
A 1 123 ALA 123 123 123 ALA ALA A . n 
A 1 124 HIS 124 124 124 HIS HIS A . n 
A 1 125 PRO 125 125 125 PRO PRO A . n 
A 1 126 ASP 126 126 ?   ?   ?   A . n 
A 1 127 GLU 127 127 ?   ?   ?   A . n 
A 1 128 ASP 128 128 ?   ?   ?   A . n 
A 1 129 GLU 129 129 ?   ?   ?   A . n 
A 1 130 ALA 130 130 130 ALA ALA A . n 
A 1 131 ILE 131 131 131 ILE ILE A . n 
A 1 132 GLU 132 132 132 GLU GLU A . n 
A 1 133 VAL 133 133 133 VAL VAL A . n 
A 1 134 VAL 134 134 134 VAL VAL A . n 
A 1 135 TRP 135 135 135 TRP TRP A . n 
A 1 136 MET 136 136 136 MET MET A . n 
A 1 137 ARG 137 137 137 ARG ARG A . n 
A 1 138 PRO 138 138 138 PRO PRO A . n 
A 1 139 GLU 139 139 139 GLU GLU A . n 
A 1 140 GLU 140 140 140 GLU GLU A . n 
A 1 141 ALA 141 141 141 ALA ALA A . n 
A 1 142 LEU 142 142 142 LEU LEU A . n 
A 1 143 GLU 143 143 143 GLU GLU A . n 
A 1 144 ARG 144 144 144 ARG ARG A . n 
A 1 145 HIS 145 145 145 HIS HIS A . n 
A 1 146 GLN 146 146 146 GLN GLN A . n 
A 1 147 ARG 147 147 147 ARG ARG A . n 
A 1 148 GLY 148 148 148 GLY GLY A . n 
A 1 149 GLU 149 149 149 GLU GLU A . n 
A 1 150 VAL 150 150 150 VAL VAL A . n 
A 1 151 GLU 151 151 151 GLU GLU A . n 
A 1 152 PHE 152 152 152 PHE PHE A . n 
A 1 153 SER 153 153 153 SER SER A . n 
A 1 154 ALA 154 154 154 ALA ALA A . n 
A 1 155 THR 155 155 155 THR THR A . n 
A 1 156 GLY 156 156 156 GLY GLY A . n 
A 1 157 LEU 157 157 157 LEU LEU A . n 
A 1 158 VAL 158 158 158 VAL VAL A . n 
A 1 159 GLY 159 159 159 GLY GLY A . n 
A 1 160 VAL 160 160 160 VAL VAL A . n 
A 1 161 LEU 161 161 161 LEU LEU A . n 
A 1 162 TYR 162 162 162 TYR TYR A . n 
A 1 163 TYR 163 163 163 TYR TYR A . n 
A 1 164 HIS 164 164 164 HIS HIS A . n 
A 1 165 ALA 165 165 165 ALA ALA A . n 
A 1 166 PHE 166 166 166 PHE PHE A . n 
A 1 167 LEU 167 167 167 LEU LEU A . n 
A 1 168 ARG 168 168 168 ARG ARG A . n 
A 1 169 GLY 169 169 ?   ?   ?   A . n 
A 1 170 ARG 170 170 ?   ?   ?   A . n 
# 
loop_
_pdbx_nonpoly_scheme.asym_id 
_pdbx_nonpoly_scheme.entity_id 
_pdbx_nonpoly_scheme.mon_id 
_pdbx_nonpoly_scheme.ndb_seq_num 
_pdbx_nonpoly_scheme.pdb_seq_num 
_pdbx_nonpoly_scheme.auth_seq_num 
_pdbx_nonpoly_scheme.pdb_mon_id 
_pdbx_nonpoly_scheme.auth_mon_id 
_pdbx_nonpoly_scheme.pdb_strand_id 
_pdbx_nonpoly_scheme.pdb_ins_code 
B 2 SO4 1  601 601 SO4 SO4 A . 
C 3 ZN  1  300 300 ZN  ZN2 A . 
D 4 HOH 1  602 1   HOH TIP A . 
D 4 HOH 2  603 2   HOH TIP A . 
D 4 HOH 3  604 3   HOH TIP A . 
D 4 HOH 4  605 4   HOH TIP A . 
D 4 HOH 5  606 5   HOH TIP A . 
D 4 HOH 6  607 6   HOH TIP A . 
D 4 HOH 7  608 7   HOH TIP A . 
D 4 HOH 8  609 8   HOH TIP A . 
D 4 HOH 9  610 9   HOH TIP A . 
D 4 HOH 10 611 10  HOH TIP A . 
D 4 HOH 11 612 11  HOH TIP A . 
D 4 HOH 12 613 12  HOH TIP A . 
D 4 HOH 13 614 13  HOH TIP A . 
D 4 HOH 14 615 14  HOH TIP A . 
D 4 HOH 15 616 15  HOH TIP A . 
D 4 HOH 16 617 16  HOH TIP A . 
D 4 HOH 17 618 17  HOH TIP A . 
D 4 HOH 18 619 18  HOH TIP A . 
D 4 HOH 19 620 19  HOH TIP A . 
D 4 HOH 20 621 20  HOH TIP A . 
D 4 HOH 21 622 21  HOH TIP A . 
D 4 HOH 22 623 22  HOH TIP A . 
D 4 HOH 23 624 23  HOH TIP A . 
D 4 HOH 24 625 24  HOH TIP A . 
D 4 HOH 25 626 25  HOH TIP A . 
D 4 HOH 26 627 26  HOH TIP A . 
D 4 HOH 27 628 27  HOH TIP A . 
D 4 HOH 28 629 28  HOH TIP A . 
D 4 HOH 29 630 29  HOH TIP A . 
D 4 HOH 30 631 30  HOH TIP A . 
D 4 HOH 31 632 31  HOH TIP A . 
D 4 HOH 32 633 32  HOH TIP A . 
D 4 HOH 33 634 33  HOH TIP A . 
D 4 HOH 34 635 34  HOH TIP A . 
D 4 HOH 35 636 35  HOH TIP A . 
D 4 HOH 36 637 36  HOH TIP A . 
D 4 HOH 37 638 38  HOH TIP A . 
D 4 HOH 38 639 39  HOH TIP A . 
D 4 HOH 39 640 40  HOH TIP A . 
D 4 HOH 40 641 41  HOH TIP A . 
D 4 HOH 41 642 42  HOH TIP A . 
D 4 HOH 42 643 44  HOH TIP A . 
D 4 HOH 43 644 45  HOH TIP A . 
D 4 HOH 44 645 46  HOH TIP A . 
D 4 HOH 45 646 48  HOH TIP A . 
D 4 HOH 46 647 49  HOH TIP A . 
D 4 HOH 47 648 51  HOH TIP A . 
D 4 HOH 48 649 53  HOH TIP A . 
D 4 HOH 49 650 54  HOH TIP A . 
D 4 HOH 50 651 55  HOH TIP A . 
D 4 HOH 51 652 56  HOH TIP A . 
D 4 HOH 52 653 57  HOH TIP A . 
D 4 HOH 53 654 58  HOH TIP A . 
D 4 HOH 54 655 59  HOH TIP A . 
D 4 HOH 55 656 60  HOH TIP A . 
D 4 HOH 56 657 61  HOH TIP A . 
D 4 HOH 57 658 63  HOH TIP A . 
# 
loop_
_software.name 
_software.classification 
_software.version 
_software.citation_id 
_software.pdbx_ordinal 
CNS       refinement       1.1 ? 1 
HKL-2000  'data reduction' .   ? 2 
SCALEPACK 'data scaling'   .   ? 3 
# 
_cell.entry_id           1V8W 
_cell.length_a           49.850 
_cell.length_b           49.850 
_cell.length_c           118.560 
_cell.angle_alpha        90.00 
_cell.angle_beta         90.00 
_cell.angle_gamma        120.00 
_cell.Z_PDB              6 
_cell.pdbx_unique_axis   ? 
# 
_symmetry.entry_id                         1V8W 
_symmetry.space_group_name_H-M             'P 32 2 1' 
_symmetry.pdbx_full_space_group_name_H-M   ? 
_symmetry.cell_setting                     ? 
_symmetry.Int_Tables_number                154 
_symmetry.space_group_name_Hall            ? 
# 
_exptl.entry_id          1V8W 
_exptl.method            'X-RAY DIFFRACTION' 
_exptl.crystals_number   1 
# 
_exptl_crystal.id                    1 
_exptl_crystal.density_meas          ? 
_exptl_crystal.density_Matthews      2.34 
_exptl_crystal.density_percent_sol   47.11 
_exptl_crystal.description           ? 
_exptl_crystal.F_000                 ? 
_exptl_crystal.preparation           ? 
# 
_exptl_crystal_grow.crystal_id      1 
_exptl_crystal_grow.method          'VAPOR DIFFUSION, HANGING DROP' 
_exptl_crystal_grow.temp            293 
_exptl_crystal_grow.temp_details    ? 
_exptl_crystal_grow.pH              ? 
_exptl_crystal_grow.pdbx_details    'VAPOR DIFFUSION, HANGING DROP, temperature 293K' 
_exptl_crystal_grow.pdbx_pH_range   . 
# 
_diffrn.id                     1 
_diffrn.ambient_temp           ? 
_diffrn.ambient_temp_details   ? 
_diffrn.crystal_id             1 
# 
_diffrn_radiation.diffrn_id                        1 
_diffrn_radiation.wavelength_id                    1 
_diffrn_radiation.pdbx_monochromatic_or_laue_m_l   M 
_diffrn_radiation.monochromator                    ? 
_diffrn_radiation.pdbx_diffrn_protocol             'SINGLE WAVELENGTH' 
_diffrn_radiation.pdbx_scattering_type             x-ray 
# 
_diffrn_radiation_wavelength.id           1 
_diffrn_radiation_wavelength.wavelength   1.282 
_diffrn_radiation_wavelength.wt           1.0 
# 
_diffrn_source.diffrn_id                   1 
_diffrn_source.source                      SYNCHROTRON 
_diffrn_source.type                        'SPRING-8 BEAMLINE BL26B2' 
_diffrn_source.pdbx_synchrotron_site       SPring-8 
_diffrn_source.pdbx_synchrotron_beamline   BL26B2 
_diffrn_source.pdbx_wavelength             ? 
_diffrn_source.pdbx_wavelength_list        1.282 
# 
_reflns.entry_id                     1V8W 
_reflns.observed_criterion_sigma_I   -3 
_reflns.observed_criterion_sigma_F   ? 
_reflns.d_resolution_low             50 
_reflns.d_resolution_high            1.66 
_reflns.number_obs                   22446 
_reflns.number_all                   ? 
_reflns.percent_possible_obs         96.2 
_reflns.pdbx_Rmerge_I_obs            ? 
_reflns.pdbx_Rsym_value              0.04 
_reflns.pdbx_netI_over_sigmaI        ? 
_reflns.B_iso_Wilson_estimate        17.7 
_reflns.pdbx_redundancy              ? 
_reflns.R_free_details               ? 
_reflns.limit_h_max                  ? 
_reflns.limit_h_min                  ? 
_reflns.limit_k_max                  ? 
_reflns.limit_k_min                  ? 
_reflns.limit_l_max                  ? 
_reflns.limit_l_min                  ? 
_reflns.observed_criterion_F_max     ? 
_reflns.observed_criterion_F_min     ? 
_reflns.pdbx_chi_squared             ? 
_reflns.pdbx_scaling_rejects         ? 
_reflns.pdbx_ordinal                 1 
_reflns.pdbx_diffrn_id               1 
# 
_reflns_shell.d_res_high             1.66 
_reflns_shell.d_res_low              1.72 
_reflns_shell.percent_possible_all   95.8 
_reflns_shell.Rmerge_I_obs           ? 
_reflns_shell.pdbx_Rsym_value        0.145 
_reflns_shell.meanI_over_sigI_obs    ? 
_reflns_shell.pdbx_redundancy        ? 
_reflns_shell.percent_possible_obs   ? 
_reflns_shell.number_unique_all      ? 
_reflns_shell.number_measured_all    ? 
_reflns_shell.number_measured_obs    ? 
_reflns_shell.number_unique_obs      ? 
_reflns_shell.pdbx_chi_squared       ? 
_reflns_shell.pdbx_ordinal           1 
_reflns_shell.pdbx_diffrn_id         1 
# 
_refine.entry_id                                 1V8W 
_refine.ls_number_reflns_obs                     20476 
_refine.ls_number_reflns_all                     ? 
_refine.pdbx_ls_sigma_I                          ? 
_refine.pdbx_ls_sigma_F                          .0 
_refine.pdbx_data_cutoff_high_absF               1349697.60 
_refine.pdbx_data_cutoff_low_absF                .000000 
_refine.pdbx_data_cutoff_high_rms_absF           ? 
_refine.ls_d_res_low                             34.90 
_refine.ls_d_res_high                            1.66 
_refine.ls_percent_reflns_obs                    98.0 
_refine.ls_R_factor_obs                          0.221 
_refine.ls_R_factor_all                          ? 
_refine.ls_R_factor_R_work                       0.221 
_refine.ls_R_factor_R_free                       0.227 
_refine.ls_R_factor_R_free_error                 .007 
_refine.ls_R_factor_R_free_error_details         ? 
_refine.ls_percent_reflns_R_free                 5.0 
_refine.ls_number_reflns_R_free                  1027 
_refine.ls_number_parameters                     ? 
_refine.ls_number_restraints                     ? 
_refine.occupancy_min                            ? 
_refine.occupancy_max                            ? 
_refine.correlation_coeff_Fo_to_Fc               ? 
_refine.correlation_coeff_Fo_to_Fc_free          ? 
_refine.B_iso_mean                               22.1 
_refine.aniso_B[1][1]                            2.23 
_refine.aniso_B[2][2]                            2.23 
_refine.aniso_B[3][3]                            -4.47 
_refine.aniso_B[1][2]                            1.86 
_refine.aniso_B[1][3]                            .00 
_refine.aniso_B[2][3]                            .00 
_refine.solvent_model_details                    'FLAT MODEL' 
_refine.solvent_model_param_ksol                 .395259 
_refine.solvent_model_param_bsol                 48.5734 
_refine.pdbx_solvent_vdw_probe_radii             ? 
_refine.pdbx_solvent_ion_probe_radii             ? 
_refine.pdbx_solvent_shrinkage_radii             ? 
_refine.pdbx_ls_cross_valid_method               THROUGHOUT 
_refine.details                                  ? 
_refine.pdbx_starting_model                      ? 
_refine.pdbx_method_to_determine_struct          'MOLECULAR REPLACEMENT' 
_refine.pdbx_isotropic_thermal_model             RESTRAINED 
_refine.pdbx_stereochemistry_target_values       ? 
_refine.pdbx_stereochem_target_val_spec_case     ? 
_refine.pdbx_R_Free_selection_details            RANDOM 
_refine.pdbx_overall_ESU_R                       ? 
_refine.pdbx_overall_ESU_R_Free                  ? 
_refine.overall_SU_ML                            ? 
_refine.overall_SU_B                             ? 
_refine.ls_redundancy_reflns_obs                 ? 
_refine.B_iso_min                                ? 
_refine.B_iso_max                                ? 
_refine.overall_SU_R_Cruickshank_DPI             ? 
_refine.overall_SU_R_free                        ? 
_refine.ls_wR_factor_R_free                      ? 
_refine.ls_wR_factor_R_work                      ? 
_refine.overall_FOM_free_R_set                   ? 
_refine.overall_FOM_work_R_set                   ? 
_refine.pdbx_refine_id                           'X-RAY DIFFRACTION' 
_refine.pdbx_diffrn_id                           1 
_refine.pdbx_TLS_residual_ADP_flag               ? 
_refine.pdbx_overall_phase_error                 ? 
_refine.pdbx_overall_SU_R_free_Cruickshank_DPI   ? 
_refine.pdbx_overall_SU_R_Blow_DPI               ? 
_refine.pdbx_overall_SU_R_free_Blow_DPI          ? 
# 
_refine_analyze.entry_id                        1V8W 
_refine_analyze.Luzzati_coordinate_error_obs    .20 
_refine_analyze.Luzzati_sigma_a_obs             .04 
_refine_analyze.Luzzati_d_res_low_obs           5.00 
_refine_analyze.Luzzati_coordinate_error_free   .21 
_refine_analyze.Luzzati_sigma_a_free            .10 
_refine_analyze.Luzzati_d_res_low_free          ? 
_refine_analyze.number_disordered_residues      ? 
_refine_analyze.occupancy_sum_hydrogen          ? 
_refine_analyze.occupancy_sum_non_hydrogen      ? 
_refine_analyze.pdbx_Luzzati_d_res_high_obs     ? 
_refine_analyze.pdbx_refine_id                  'X-RAY DIFFRACTION' 
# 
_refine_hist.pdbx_refine_id                   'X-RAY DIFFRACTION' 
_refine_hist.cycle_id                         LAST 
_refine_hist.pdbx_number_atoms_protein        1233 
_refine_hist.pdbx_number_atoms_nucleic_acid   0 
_refine_hist.pdbx_number_atoms_ligand         6 
_refine_hist.number_atoms_solvent             57 
_refine_hist.number_atoms_total               1296 
_refine_hist.d_res_high                       1.66 
_refine_hist.d_res_low                        34.90 
# 
loop_
_refine_ls_restr.type 
_refine_ls_restr.dev_ideal 
_refine_ls_restr.dev_ideal_target 
_refine_ls_restr.weight 
_refine_ls_restr.number 
_refine_ls_restr.pdbx_refine_id 
_refine_ls_restr.pdbx_restraint_function 
c_bond_d                .005 ?    ? ? 'X-RAY DIFFRACTION' ? 
c_bond_d_na             ?    ?    ? ? 'X-RAY DIFFRACTION' ? 
c_bond_d_prot           ?    ?    ? ? 'X-RAY DIFFRACTION' ? 
c_angle_d               ?    ?    ? ? 'X-RAY DIFFRACTION' ? 
c_angle_d_na            ?    ?    ? ? 'X-RAY DIFFRACTION' ? 
c_angle_d_prot          ?    ?    ? ? 'X-RAY DIFFRACTION' ? 
c_angle_deg             1.3  ?    ? ? 'X-RAY DIFFRACTION' ? 
c_angle_deg_na          ?    ?    ? ? 'X-RAY DIFFRACTION' ? 
c_angle_deg_prot        ?    ?    ? ? 'X-RAY DIFFRACTION' ? 
c_dihedral_angle_d      24.1 ?    ? ? 'X-RAY DIFFRACTION' ? 
c_dihedral_angle_d_na   ?    ?    ? ? 'X-RAY DIFFRACTION' ? 
c_dihedral_angle_d_prot ?    ?    ? ? 'X-RAY DIFFRACTION' ? 
c_improper_angle_d      .68  ?    ? ? 'X-RAY DIFFRACTION' ? 
c_improper_angle_d_na   ?    ?    ? ? 'X-RAY DIFFRACTION' ? 
c_improper_angle_d_prot ?    ?    ? ? 'X-RAY DIFFRACTION' ? 
c_mcbond_it             1.15 1.50 ? ? 'X-RAY DIFFRACTION' ? 
c_mcangle_it            1.81 2.00 ? ? 'X-RAY DIFFRACTION' ? 
c_scbond_it             2.04 2.00 ? ? 'X-RAY DIFFRACTION' ? 
c_scangle_it            3.04 2.50 ? ? 'X-RAY DIFFRACTION' ? 
# 
_refine_ls_shell.pdbx_total_number_of_bins_used   6 
_refine_ls_shell.d_res_high                       1.66 
_refine_ls_shell.d_res_low                        1.76 
_refine_ls_shell.number_reflns_R_work             3104 
_refine_ls_shell.R_factor_R_work                  0.222 
_refine_ls_shell.percent_reflns_obs               96.2 
_refine_ls_shell.R_factor_R_free                  0.27 
_refine_ls_shell.R_factor_R_free_error            .021 
_refine_ls_shell.percent_reflns_R_free            5.0 
_refine_ls_shell.number_reflns_R_free             165 
_refine_ls_shell.number_reflns_obs                ? 
_refine_ls_shell.redundancy_reflns_obs            ? 
_refine_ls_shell.number_reflns_all                ? 
_refine_ls_shell.pdbx_refine_id                   'X-RAY DIFFRACTION' 
_refine_ls_shell.R_factor_all                     ? 
# 
loop_
_pdbx_xplor_file.serial_no 
_pdbx_xplor_file.param_file 
_pdbx_xplor_file.topol_file 
_pdbx_xplor_file.pdbx_refine_id 
1 PROTEIN_REP.PARAM PROTEIN.TOP 'X-RAY DIFFRACTION' 
2 WATER_REP.PARAM   WATER.TOP   'X-RAY DIFFRACTION' 
4 ION.PARAM         ION.TOP     'X-RAY DIFFRACTION' 
# 
_struct.entry_id                  1V8W 
_struct.title                     
'Crystal structure analysis of the ADP-ribose pyrophosphatase of E82Q mutant, complexed with SO4 and Zn' 
_struct.pdbx_model_details        ? 
_struct.pdbx_CASP_flag            ? 
_struct.pdbx_model_type_details   ? 
# 
_struct_keywords.entry_id        1V8W 
_struct_keywords.pdbx_keywords   HYDROLASE 
_struct_keywords.text            
'nudix motif, loop-helix-loop, MutT family, RIKEN Structural Genomics/Proteomics Initiative, RSGI, Structural Genomics, HYDROLASE' 
# 
loop_
_struct_asym.id 
_struct_asym.pdbx_blank_PDB_chainid_flag 
_struct_asym.pdbx_modified 
_struct_asym.entity_id 
_struct_asym.details 
A N N 1 ? 
B N N 2 ? 
C N N 3 ? 
D N N 4 ? 
# 
_struct_ref.id                         1 
_struct_ref.db_name                    UNP 
_struct_ref.db_code                    Q84CU3_THETH 
_struct_ref.pdbx_db_accession          Q84CU3 
_struct_ref.entity_id                  1 
_struct_ref.pdbx_seq_one_letter_code   
;MGRVYYGGVERTYLYRGRILNLALEGRYEIVEHKPAVAVIALREGRMLFVRQMRPAVGLAPLEIPAGLIEPGEDPLEAAR
RELAEETGLSGDLTYLFSYFVSPGFTDEKTHVFLAENLKEVEAHPDEDEAIEVVWMRPEEALERHQRGEVEFSATGLVGV
LYYHAFLRGR
;
_struct_ref.pdbx_align_begin           1 
_struct_ref.pdbx_db_isoform            ? 
# 
_struct_ref_seq.align_id                      1 
_struct_ref_seq.ref_id                        1 
_struct_ref_seq.pdbx_PDB_id_code              1V8W 
_struct_ref_seq.pdbx_strand_id                A 
_struct_ref_seq.seq_align_beg                 1 
_struct_ref_seq.pdbx_seq_align_beg_ins_code   ? 
_struct_ref_seq.seq_align_end                 170 
_struct_ref_seq.pdbx_seq_align_end_ins_code   ? 
_struct_ref_seq.pdbx_db_accession             Q84CU3 
_struct_ref_seq.db_align_beg                  1 
_struct_ref_seq.pdbx_db_align_beg_ins_code    ? 
_struct_ref_seq.db_align_end                  170 
_struct_ref_seq.pdbx_db_align_end_ins_code    ? 
_struct_ref_seq.pdbx_auth_seq_align_beg       1 
_struct_ref_seq.pdbx_auth_seq_align_end       170 
# 
_struct_ref_seq_dif.align_id                     1 
_struct_ref_seq_dif.pdbx_pdb_id_code             1V8W 
_struct_ref_seq_dif.mon_id                       GLN 
_struct_ref_seq_dif.pdbx_pdb_strand_id           A 
_struct_ref_seq_dif.seq_num                      82 
_struct_ref_seq_dif.pdbx_pdb_ins_code            ? 
_struct_ref_seq_dif.pdbx_seq_db_name             UNP 
_struct_ref_seq_dif.pdbx_seq_db_accession_code   Q84CU3 
_struct_ref_seq_dif.db_mon_id                    GLU 
_struct_ref_seq_dif.pdbx_seq_db_seq_num          82 
_struct_ref_seq_dif.details                      'engineered mutation' 
_struct_ref_seq_dif.pdbx_auth_seq_num            82 
_struct_ref_seq_dif.pdbx_ordinal                 1 
# 
_pdbx_struct_assembly.id                   1 
_pdbx_struct_assembly.details              author_and_software_defined_assembly 
_pdbx_struct_assembly.method_details       PISA,PQS 
_pdbx_struct_assembly.oligomeric_details   dimeric 
_pdbx_struct_assembly.oligomeric_count     2 
# 
loop_
_pdbx_struct_assembly_prop.biol_id 
_pdbx_struct_assembly_prop.type 
_pdbx_struct_assembly_prop.value 
_pdbx_struct_assembly_prop.details 
1 'ABSA (A^2)' 5110  ? 
1 MORE         -107  ? 
1 'SSA (A^2)'  13690 ? 
# 
_pdbx_struct_assembly_gen.assembly_id       1 
_pdbx_struct_assembly_gen.oper_expression   1,2 
_pdbx_struct_assembly_gen.asym_id_list      A,B,C,D 
# 
loop_
_pdbx_struct_oper_list.id 
_pdbx_struct_oper_list.type 
_pdbx_struct_oper_list.name 
_pdbx_struct_oper_list.symmetry_operation 
_pdbx_struct_oper_list.matrix[1][1] 
_pdbx_struct_oper_list.matrix[1][2] 
_pdbx_struct_oper_list.matrix[1][3] 
_pdbx_struct_oper_list.vector[1] 
_pdbx_struct_oper_list.matrix[2][1] 
_pdbx_struct_oper_list.matrix[2][2] 
_pdbx_struct_oper_list.matrix[2][3] 
_pdbx_struct_oper_list.vector[2] 
_pdbx_struct_oper_list.matrix[3][1] 
_pdbx_struct_oper_list.matrix[3][2] 
_pdbx_struct_oper_list.matrix[3][3] 
_pdbx_struct_oper_list.vector[3] 
1 'identity operation'         1_555 x,y,z          1.0000000000 0.0000000000  0.0000000000 0.0000000000  0.0000000000  1.0000000000  0.0000000000  0.0000000000   0.0000000000 0.0000000000  1.0000000000  0.0000000000 
2 'crystal symmetry operation' 6_555 -x,-x+y,-z+2/3 0.5678755864 -0.2949312676 0.7684613626 -4.0350260063 -0.2949312676 -0.9445208195 -0.1445543803 -17.9983143721 0.7684613626 -0.1445543803 -0.6233547668 1.3249242478 
# 
_struct_biol.id                    1 
_struct_biol.details               
;dimer, the second part of the biological assembly is generated 
by y, x, 1-z.
;
_struct_biol.pdbx_parent_biol_id   ? 
# 
loop_
_struct_conf.conf_type_id 
_struct_conf.id 
_struct_conf.pdbx_PDB_helix_id 
_struct_conf.beg_label_comp_id 
_struct_conf.beg_label_asym_id 
_struct_conf.beg_label_seq_id 
_struct_conf.pdbx_beg_PDB_ins_code 
_struct_conf.end_label_comp_id 
_struct_conf.end_label_asym_id 
_struct_conf.end_label_seq_id 
_struct_conf.pdbx_end_PDB_ins_code 
_struct_conf.beg_auth_comp_id 
_struct_conf.beg_auth_asym_id 
_struct_conf.beg_auth_seq_id 
_struct_conf.end_auth_comp_id 
_struct_conf.end_auth_asym_id 
_struct_conf.end_auth_seq_id 
_struct_conf.pdbx_PDB_helix_class 
_struct_conf.details 
_struct_conf.pdbx_PDB_helix_length 
HELX_P HELX_P1 1 ASP A 74  ? GLY A 88  ? ASP A 74  GLY A 88  1 ? 15 
HELX_P HELX_P2 2 ARG A 137 ? ARG A 147 ? ARG A 137 ARG A 147 1 ? 11 
HELX_P HELX_P3 3 SER A 153 ? LEU A 167 ? SER A 153 LEU A 167 1 ? 15 
# 
_struct_conf_type.id          HELX_P 
_struct_conf_type.criteria    ? 
_struct_conf_type.reference   ? 
# 
loop_
_struct_conn.id 
_struct_conn.conn_type_id 
_struct_conn.pdbx_leaving_atom_flag 
_struct_conn.pdbx_PDB_id 
_struct_conn.ptnr1_label_asym_id 
_struct_conn.ptnr1_label_comp_id 
_struct_conn.ptnr1_label_seq_id 
_struct_conn.ptnr1_label_atom_id 
_struct_conn.pdbx_ptnr1_label_alt_id 
_struct_conn.pdbx_ptnr1_PDB_ins_code 
_struct_conn.pdbx_ptnr1_standard_comp_id 
_struct_conn.ptnr1_symmetry 
_struct_conn.ptnr2_label_asym_id 
_struct_conn.ptnr2_label_comp_id 
_struct_conn.ptnr2_label_seq_id 
_struct_conn.ptnr2_label_atom_id 
_struct_conn.pdbx_ptnr2_label_alt_id 
_struct_conn.pdbx_ptnr2_PDB_ins_code 
_struct_conn.ptnr1_auth_asym_id 
_struct_conn.ptnr1_auth_comp_id 
_struct_conn.ptnr1_auth_seq_id 
_struct_conn.ptnr2_auth_asym_id 
_struct_conn.ptnr2_auth_comp_id 
_struct_conn.ptnr2_auth_seq_id 
_struct_conn.ptnr2_symmetry 
_struct_conn.pdbx_ptnr3_label_atom_id 
_struct_conn.pdbx_ptnr3_label_seq_id 
_struct_conn.pdbx_ptnr3_label_comp_id 
_struct_conn.pdbx_ptnr3_label_asym_id 
_struct_conn.pdbx_ptnr3_label_alt_id 
_struct_conn.pdbx_ptnr3_PDB_ins_code 
_struct_conn.details 
_struct_conn.pdbx_dist_value 
_struct_conn.pdbx_value_order 
_struct_conn.pdbx_role 
metalc1 metalc ? ? A GLU 44 OE1 ? ? ? 5_665 C ZN  . ZN ? ? A GLU 44  A ZN  300 1_555 ? ? ? ? ? ? ? 1.969 ? ? 
metalc2 metalc ? ? A GLU 44 OE2 ? ? ? 5_665 C ZN  . ZN ? ? A GLU 44  A ZN  300 1_555 ? ? ? ? ? ? ? 2.687 ? ? 
metalc3 metalc ? ? A GLU 70 OE2 ? ? ? 1_555 C ZN  . ZN ? ? A GLU 70  A ZN  300 1_555 ? ? ? ? ? ? ? 2.111 ? ? 
metalc4 metalc ? ? A GLU 70 OE1 ? ? ? 1_555 C ZN  . ZN ? ? A GLU 70  A ZN  300 1_555 ? ? ? ? ? ? ? 2.454 ? ? 
metalc5 metalc ? ? C ZN  .  ZN  ? ? ? 1_555 D HOH . O  ? ? A ZN  300 A HOH 619 5_665 ? ? ? ? ? ? ? 1.880 ? ? 
# 
_struct_conn_type.id          metalc 
_struct_conn_type.criteria    ? 
_struct_conn_type.reference   ? 
# 
loop_
_pdbx_struct_conn_angle.id 
_pdbx_struct_conn_angle.ptnr1_label_atom_id 
_pdbx_struct_conn_angle.ptnr1_label_alt_id 
_pdbx_struct_conn_angle.ptnr1_label_asym_id 
_pdbx_struct_conn_angle.ptnr1_label_comp_id 
_pdbx_struct_conn_angle.ptnr1_label_seq_id 
_pdbx_struct_conn_angle.ptnr1_auth_atom_id 
_pdbx_struct_conn_angle.ptnr1_auth_asym_id 
_pdbx_struct_conn_angle.ptnr1_auth_comp_id 
_pdbx_struct_conn_angle.ptnr1_auth_seq_id 
_pdbx_struct_conn_angle.ptnr1_PDB_ins_code 
_pdbx_struct_conn_angle.ptnr1_symmetry 
_pdbx_struct_conn_angle.ptnr2_label_atom_id 
_pdbx_struct_conn_angle.ptnr2_label_alt_id 
_pdbx_struct_conn_angle.ptnr2_label_asym_id 
_pdbx_struct_conn_angle.ptnr2_label_comp_id 
_pdbx_struct_conn_angle.ptnr2_label_seq_id 
_pdbx_struct_conn_angle.ptnr2_auth_atom_id 
_pdbx_struct_conn_angle.ptnr2_auth_asym_id 
_pdbx_struct_conn_angle.ptnr2_auth_comp_id 
_pdbx_struct_conn_angle.ptnr2_auth_seq_id 
_pdbx_struct_conn_angle.ptnr2_PDB_ins_code 
_pdbx_struct_conn_angle.ptnr2_symmetry 
_pdbx_struct_conn_angle.ptnr3_label_atom_id 
_pdbx_struct_conn_angle.ptnr3_label_alt_id 
_pdbx_struct_conn_angle.ptnr3_label_asym_id 
_pdbx_struct_conn_angle.ptnr3_label_comp_id 
_pdbx_struct_conn_angle.ptnr3_label_seq_id 
_pdbx_struct_conn_angle.ptnr3_auth_atom_id 
_pdbx_struct_conn_angle.ptnr3_auth_asym_id 
_pdbx_struct_conn_angle.ptnr3_auth_comp_id 
_pdbx_struct_conn_angle.ptnr3_auth_seq_id 
_pdbx_struct_conn_angle.ptnr3_PDB_ins_code 
_pdbx_struct_conn_angle.ptnr3_symmetry 
_pdbx_struct_conn_angle.value 
_pdbx_struct_conn_angle.value_esd 
1  OE1 ? A GLU 44 ? A GLU 44 ? 5_665 ZN ? C ZN . ? A ZN 300 ? 1_555 OE2 ? A GLU 44 ? A GLU 44  ? 5_665 53.5  ? 
2  OE1 ? A GLU 44 ? A GLU 44 ? 5_665 ZN ? C ZN . ? A ZN 300 ? 1_555 OE2 ? A GLU 70 ? A GLU 70  ? 1_555 113.0 ? 
3  OE2 ? A GLU 44 ? A GLU 44 ? 5_665 ZN ? C ZN . ? A ZN 300 ? 1_555 OE2 ? A GLU 70 ? A GLU 70  ? 1_555 166.2 ? 
4  OE1 ? A GLU 44 ? A GLU 44 ? 5_665 ZN ? C ZN . ? A ZN 300 ? 1_555 OE1 ? A GLU 70 ? A GLU 70  ? 1_555 83.2  ? 
5  OE2 ? A GLU 44 ? A GLU 44 ? 5_665 ZN ? C ZN . ? A ZN 300 ? 1_555 OE1 ? A GLU 70 ? A GLU 70  ? 1_555 114.1 ? 
6  OE2 ? A GLU 70 ? A GLU 70 ? 1_555 ZN ? C ZN . ? A ZN 300 ? 1_555 OE1 ? A GLU 70 ? A GLU 70  ? 1_555 56.8  ? 
7  OE1 ? A GLU 44 ? A GLU 44 ? 5_665 ZN ? C ZN . ? A ZN 300 ? 1_555 O   ? D HOH .  ? A HOH 619 ? 5_665 133.7 ? 
8  OE2 ? A GLU 44 ? A GLU 44 ? 5_665 ZN ? C ZN . ? A ZN 300 ? 1_555 O   ? D HOH .  ? A HOH 619 ? 5_665 82.3  ? 
9  OE2 ? A GLU 70 ? A GLU 70 ? 1_555 ZN ? C ZN . ? A ZN 300 ? 1_555 O   ? D HOH .  ? A HOH 619 ? 5_665 111.6 ? 
10 OE1 ? A GLU 70 ? A GLU 70 ? 1_555 ZN ? C ZN . ? A ZN 300 ? 1_555 O   ? D HOH .  ? A HOH 619 ? 5_665 133.2 ? 
# 
loop_
_struct_sheet.id 
_struct_sheet.type 
_struct_sheet.number_strands 
_struct_sheet.details 
A ? 3 ? 
B ? 4 ? 
C ? 4 ? 
# 
loop_
_struct_sheet_order.sheet_id 
_struct_sheet_order.range_id_1 
_struct_sheet_order.range_id_2 
_struct_sheet_order.offset 
_struct_sheet_order.sense 
A 1 2 ? anti-parallel 
A 2 3 ? anti-parallel 
B 1 2 ? anti-parallel 
B 2 3 ? parallel      
B 3 4 ? anti-parallel 
C 1 2 ? anti-parallel 
C 2 3 ? anti-parallel 
C 3 4 ? anti-parallel 
# 
loop_
_struct_sheet_range.sheet_id 
_struct_sheet_range.id 
_struct_sheet_range.beg_label_comp_id 
_struct_sheet_range.beg_label_asym_id 
_struct_sheet_range.beg_label_seq_id 
_struct_sheet_range.pdbx_beg_PDB_ins_code 
_struct_sheet_range.end_label_comp_id 
_struct_sheet_range.end_label_asym_id 
_struct_sheet_range.end_label_seq_id 
_struct_sheet_range.pdbx_end_PDB_ins_code 
_struct_sheet_range.beg_auth_comp_id 
_struct_sheet_range.beg_auth_asym_id 
_struct_sheet_range.beg_auth_seq_id 
_struct_sheet_range.end_auth_comp_id 
_struct_sheet_range.end_auth_asym_id 
_struct_sheet_range.end_auth_seq_id 
A 1 THR A 12  ? ARG A 16  ? THR A 12  ARG A 16  
A 2 LEU A 20  ? GLU A 25  ? LEU A 20  GLU A 25  
A 3 TYR A 28  ? HIS A 33  ? TYR A 28  HIS A 33  
B 1 ALA A 66  ? LEU A 68  ? ALA A 66  LEU A 68  
B 2 ALA A 36  ? ARG A 43  ? ALA A 36  ARG A 43  
B 3 LYS A 109 ? GLU A 120 ? LYS A 109 GLU A 120 
B 4 LEU A 89  ? PHE A 100 ? LEU A 89  PHE A 100 
C 1 ALA A 66  ? LEU A 68  ? ALA A 66  LEU A 68  
C 2 ALA A 36  ? ARG A 43  ? ALA A 36  ARG A 43  
C 3 ARG A 46  ? ARG A 51  ? ARG A 46  ARG A 51  
C 4 GLU A 132 ? MET A 136 ? GLU A 132 MET A 136 
# 
loop_
_pdbx_struct_sheet_hbond.sheet_id 
_pdbx_struct_sheet_hbond.range_id_1 
_pdbx_struct_sheet_hbond.range_id_2 
_pdbx_struct_sheet_hbond.range_1_label_atom_id 
_pdbx_struct_sheet_hbond.range_1_label_comp_id 
_pdbx_struct_sheet_hbond.range_1_label_asym_id 
_pdbx_struct_sheet_hbond.range_1_label_seq_id 
_pdbx_struct_sheet_hbond.range_1_PDB_ins_code 
_pdbx_struct_sheet_hbond.range_1_auth_atom_id 
_pdbx_struct_sheet_hbond.range_1_auth_comp_id 
_pdbx_struct_sheet_hbond.range_1_auth_asym_id 
_pdbx_struct_sheet_hbond.range_1_auth_seq_id 
_pdbx_struct_sheet_hbond.range_2_label_atom_id 
_pdbx_struct_sheet_hbond.range_2_label_comp_id 
_pdbx_struct_sheet_hbond.range_2_label_asym_id 
_pdbx_struct_sheet_hbond.range_2_label_seq_id 
_pdbx_struct_sheet_hbond.range_2_PDB_ins_code 
_pdbx_struct_sheet_hbond.range_2_auth_atom_id 
_pdbx_struct_sheet_hbond.range_2_auth_comp_id 
_pdbx_struct_sheet_hbond.range_2_auth_asym_id 
_pdbx_struct_sheet_hbond.range_2_auth_seq_id 
A 1 2 N THR A 12  ? N THR A 12  O LEU A 24  ? O LEU A 24  
A 2 3 N ALA A 23  ? N ALA A 23  O ILE A 30  ? O ILE A 30  
B 1 2 O GLY A 67  ? O GLY A 67  N VAL A 37  ? N VAL A 37  
B 2 3 N ILE A 40  ? N ILE A 40  O PHE A 113 ? O PHE A 113 
B 3 4 O VAL A 112 ? O VAL A 112 N PHE A 97  ? N PHE A 97  
C 1 2 O GLY A 67  ? O GLY A 67  N VAL A 37  ? N VAL A 37  
C 2 3 N ARG A 43  ? N ARG A 43  O ARG A 46  ? O ARG A 46  
C 3 4 N PHE A 49  ? N PHE A 49  O VAL A 134 ? O VAL A 134 
# 
loop_
_struct_site.id 
_struct_site.pdbx_evidence_code 
_struct_site.pdbx_auth_asym_id 
_struct_site.pdbx_auth_comp_id 
_struct_site.pdbx_auth_seq_id 
_struct_site.pdbx_auth_ins_code 
_struct_site.pdbx_num_residues 
_struct_site.details 
AC1 Software A SO4 601 ? 8 'BINDING SITE FOR RESIDUE SO4 A 601' 
AC2 Software A ZN  300 ? 3 'BINDING SITE FOR RESIDUE ZN A 300'  
# 
loop_
_struct_site_gen.id 
_struct_site_gen.site_id 
_struct_site_gen.pdbx_num_res 
_struct_site_gen.label_comp_id 
_struct_site_gen.label_asym_id 
_struct_site_gen.label_seq_id 
_struct_site_gen.pdbx_auth_ins_code 
_struct_site_gen.auth_comp_id 
_struct_site_gen.auth_asym_id 
_struct_site_gen.auth_seq_id 
_struct_site_gen.label_atom_id 
_struct_site_gen.label_alt_id 
_struct_site_gen.symmetry 
_struct_site_gen.details 
1  AC1 8 ARG A 54 ? ARG A 54  . ? 1_555 ? 
2  AC1 8 ALA A 66 ? ALA A 66  . ? 1_555 ? 
3  AC1 8 GLY A 67 ? GLY A 67  . ? 1_555 ? 
4  AC1 8 LEU A 68 ? LEU A 68  . ? 1_555 ? 
5  AC1 8 HOH D .  ? HOH A 615 . ? 1_555 ? 
6  AC1 8 HOH D .  ? HOH A 617 . ? 1_555 ? 
7  AC1 8 HOH D .  ? HOH A 626 . ? 1_555 ? 
8  AC1 8 HOH D .  ? HOH A 639 . ? 1_555 ? 
9  AC2 3 GLU A 44 ? GLU A 44  . ? 5_665 ? 
10 AC2 3 GLU A 70 ? GLU A 70  . ? 1_555 ? 
11 AC2 3 HOH D .  ? HOH A 619 . ? 5_665 ? 
# 
loop_
_pdbx_validate_torsion.id 
_pdbx_validate_torsion.PDB_model_num 
_pdbx_validate_torsion.auth_comp_id 
_pdbx_validate_torsion.auth_asym_id 
_pdbx_validate_torsion.auth_seq_id 
_pdbx_validate_torsion.PDB_ins_code 
_pdbx_validate_torsion.label_alt_id 
_pdbx_validate_torsion.phi 
_pdbx_validate_torsion.psi 
1 1 LEU A 96  ? ? -105.47 -60.42 
2 1 SER A 102 ? ? -166.96 78.45  
3 1 PHE A 105 ? ? -150.31 -18.46 
# 
_pdbx_SG_project.id                    1 
_pdbx_SG_project.project_name          ? 
_pdbx_SG_project.full_name_of_center   'RIKEN Structural Genomics/Proteomics Initiative' 
_pdbx_SG_project.initial_of_center     RSGI 
# 
loop_
_pdbx_unobs_or_zero_occ_residues.id 
_pdbx_unobs_or_zero_occ_residues.PDB_model_num 
_pdbx_unobs_or_zero_occ_residues.polymer_flag 
_pdbx_unobs_or_zero_occ_residues.occupancy_flag 
_pdbx_unobs_or_zero_occ_residues.auth_asym_id 
_pdbx_unobs_or_zero_occ_residues.auth_comp_id 
_pdbx_unobs_or_zero_occ_residues.auth_seq_id 
_pdbx_unobs_or_zero_occ_residues.PDB_ins_code 
_pdbx_unobs_or_zero_occ_residues.label_asym_id 
_pdbx_unobs_or_zero_occ_residues.label_comp_id 
_pdbx_unobs_or_zero_occ_residues.label_seq_id 
1  1 Y 1 A MET 1   ? A MET 1   
2  1 Y 1 A GLY 2   ? A GLY 2   
3  1 Y 1 A ARG 3   ? A ARG 3   
4  1 Y 1 A VAL 4   ? A VAL 4   
5  1 Y 1 A TYR 5   ? A TYR 5   
6  1 Y 1 A TYR 6   ? A TYR 6   
7  1 Y 1 A GLY 7   ? A GLY 7   
8  1 Y 1 A GLY 8   ? A GLY 8   
9  1 Y 1 A VAL 9   ? A VAL 9   
10 1 Y 1 A GLU 10  ? A GLU 10  
11 1 Y 1 A ASP 126 ? A ASP 126 
12 1 Y 1 A GLU 127 ? A GLU 127 
13 1 Y 1 A ASP 128 ? A ASP 128 
14 1 Y 1 A GLU 129 ? A GLU 129 
15 1 Y 1 A GLY 169 ? A GLY 169 
16 1 Y 1 A ARG 170 ? A ARG 170 
# 
loop_
_chem_comp_atom.comp_id 
_chem_comp_atom.atom_id 
_chem_comp_atom.type_symbol 
_chem_comp_atom.pdbx_aromatic_flag 
_chem_comp_atom.pdbx_stereo_config 
_chem_comp_atom.pdbx_ordinal 
ALA N    N  N N 1   
ALA CA   C  N S 2   
ALA C    C  N N 3   
ALA O    O  N N 4   
ALA CB   C  N N 5   
ALA OXT  O  N N 6   
ALA H    H  N N 7   
ALA H2   H  N N 8   
ALA HA   H  N N 9   
ALA HB1  H  N N 10  
ALA HB2  H  N N 11  
ALA HB3  H  N N 12  
ALA HXT  H  N N 13  
ARG N    N  N N 14  
ARG CA   C  N S 15  
ARG C    C  N N 16  
ARG O    O  N N 17  
ARG CB   C  N N 18  
ARG CG   C  N N 19  
ARG CD   C  N N 20  
ARG NE   N  N N 21  
ARG CZ   C  N N 22  
ARG NH1  N  N N 23  
ARG NH2  N  N N 24  
ARG OXT  O  N N 25  
ARG H    H  N N 26  
ARG H2   H  N N 27  
ARG HA   H  N N 28  
ARG HB2  H  N N 29  
ARG HB3  H  N N 30  
ARG HG2  H  N N 31  
ARG HG3  H  N N 32  
ARG HD2  H  N N 33  
ARG HD3  H  N N 34  
ARG HE   H  N N 35  
ARG HH11 H  N N 36  
ARG HH12 H  N N 37  
ARG HH21 H  N N 38  
ARG HH22 H  N N 39  
ARG HXT  H  N N 40  
ASN N    N  N N 41  
ASN CA   C  N S 42  
ASN C    C  N N 43  
ASN O    O  N N 44  
ASN CB   C  N N 45  
ASN CG   C  N N 46  
ASN OD1  O  N N 47  
ASN ND2  N  N N 48  
ASN OXT  O  N N 49  
ASN H    H  N N 50  
ASN H2   H  N N 51  
ASN HA   H  N N 52  
ASN HB2  H  N N 53  
ASN HB3  H  N N 54  
ASN HD21 H  N N 55  
ASN HD22 H  N N 56  
ASN HXT  H  N N 57  
ASP N    N  N N 58  
ASP CA   C  N S 59  
ASP C    C  N N 60  
ASP O    O  N N 61  
ASP CB   C  N N 62  
ASP CG   C  N N 63  
ASP OD1  O  N N 64  
ASP OD2  O  N N 65  
ASP OXT  O  N N 66  
ASP H    H  N N 67  
ASP H2   H  N N 68  
ASP HA   H  N N 69  
ASP HB2  H  N N 70  
ASP HB3  H  N N 71  
ASP HD2  H  N N 72  
ASP HXT  H  N N 73  
GLN N    N  N N 74  
GLN CA   C  N S 75  
GLN C    C  N N 76  
GLN O    O  N N 77  
GLN CB   C  N N 78  
GLN CG   C  N N 79  
GLN CD   C  N N 80  
GLN OE1  O  N N 81  
GLN NE2  N  N N 82  
GLN OXT  O  N N 83  
GLN H    H  N N 84  
GLN H2   H  N N 85  
GLN HA   H  N N 86  
GLN HB2  H  N N 87  
GLN HB3  H  N N 88  
GLN HG2  H  N N 89  
GLN HG3  H  N N 90  
GLN HE21 H  N N 91  
GLN HE22 H  N N 92  
GLN HXT  H  N N 93  
GLU N    N  N N 94  
GLU CA   C  N S 95  
GLU C    C  N N 96  
GLU O    O  N N 97  
GLU CB   C  N N 98  
GLU CG   C  N N 99  
GLU CD   C  N N 100 
GLU OE1  O  N N 101 
GLU OE2  O  N N 102 
GLU OXT  O  N N 103 
GLU H    H  N N 104 
GLU H2   H  N N 105 
GLU HA   H  N N 106 
GLU HB2  H  N N 107 
GLU HB3  H  N N 108 
GLU HG2  H  N N 109 
GLU HG3  H  N N 110 
GLU HE2  H  N N 111 
GLU HXT  H  N N 112 
GLY N    N  N N 113 
GLY CA   C  N N 114 
GLY C    C  N N 115 
GLY O    O  N N 116 
GLY OXT  O  N N 117 
GLY H    H  N N 118 
GLY H2   H  N N 119 
GLY HA2  H  N N 120 
GLY HA3  H  N N 121 
GLY HXT  H  N N 122 
HIS N    N  N N 123 
HIS CA   C  N S 124 
HIS C    C  N N 125 
HIS O    O  N N 126 
HIS CB   C  N N 127 
HIS CG   C  Y N 128 
HIS ND1  N  Y N 129 
HIS CD2  C  Y N 130 
HIS CE1  C  Y N 131 
HIS NE2  N  Y N 132 
HIS OXT  O  N N 133 
HIS H    H  N N 134 
HIS H2   H  N N 135 
HIS HA   H  N N 136 
HIS HB2  H  N N 137 
HIS HB3  H  N N 138 
HIS HD1  H  N N 139 
HIS HD2  H  N N 140 
HIS HE1  H  N N 141 
HIS HE2  H  N N 142 
HIS HXT  H  N N 143 
HOH O    O  N N 144 
HOH H1   H  N N 145 
HOH H2   H  N N 146 
ILE N    N  N N 147 
ILE CA   C  N S 148 
ILE C    C  N N 149 
ILE O    O  N N 150 
ILE CB   C  N S 151 
ILE CG1  C  N N 152 
ILE CG2  C  N N 153 
ILE CD1  C  N N 154 
ILE OXT  O  N N 155 
ILE H    H  N N 156 
ILE H2   H  N N 157 
ILE HA   H  N N 158 
ILE HB   H  N N 159 
ILE HG12 H  N N 160 
ILE HG13 H  N N 161 
ILE HG21 H  N N 162 
ILE HG22 H  N N 163 
ILE HG23 H  N N 164 
ILE HD11 H  N N 165 
ILE HD12 H  N N 166 
ILE HD13 H  N N 167 
ILE HXT  H  N N 168 
LEU N    N  N N 169 
LEU CA   C  N S 170 
LEU C    C  N N 171 
LEU O    O  N N 172 
LEU CB   C  N N 173 
LEU CG   C  N N 174 
LEU CD1  C  N N 175 
LEU CD2  C  N N 176 
LEU OXT  O  N N 177 
LEU H    H  N N 178 
LEU H2   H  N N 179 
LEU HA   H  N N 180 
LEU HB2  H  N N 181 
LEU HB3  H  N N 182 
LEU HG   H  N N 183 
LEU HD11 H  N N 184 
LEU HD12 H  N N 185 
LEU HD13 H  N N 186 
LEU HD21 H  N N 187 
LEU HD22 H  N N 188 
LEU HD23 H  N N 189 
LEU HXT  H  N N 190 
LYS N    N  N N 191 
LYS CA   C  N S 192 
LYS C    C  N N 193 
LYS O    O  N N 194 
LYS CB   C  N N 195 
LYS CG   C  N N 196 
LYS CD   C  N N 197 
LYS CE   C  N N 198 
LYS NZ   N  N N 199 
LYS OXT  O  N N 200 
LYS H    H  N N 201 
LYS H2   H  N N 202 
LYS HA   H  N N 203 
LYS HB2  H  N N 204 
LYS HB3  H  N N 205 
LYS HG2  H  N N 206 
LYS HG3  H  N N 207 
LYS HD2  H  N N 208 
LYS HD3  H  N N 209 
LYS HE2  H  N N 210 
LYS HE3  H  N N 211 
LYS HZ1  H  N N 212 
LYS HZ2  H  N N 213 
LYS HZ3  H  N N 214 
LYS HXT  H  N N 215 
MET N    N  N N 216 
MET CA   C  N S 217 
MET C    C  N N 218 
MET O    O  N N 219 
MET CB   C  N N 220 
MET CG   C  N N 221 
MET SD   S  N N 222 
MET CE   C  N N 223 
MET OXT  O  N N 224 
MET H    H  N N 225 
MET H2   H  N N 226 
MET HA   H  N N 227 
MET HB2  H  N N 228 
MET HB3  H  N N 229 
MET HG2  H  N N 230 
MET HG3  H  N N 231 
MET HE1  H  N N 232 
MET HE2  H  N N 233 
MET HE3  H  N N 234 
MET HXT  H  N N 235 
PHE N    N  N N 236 
PHE CA   C  N S 237 
PHE C    C  N N 238 
PHE O    O  N N 239 
PHE CB   C  N N 240 
PHE CG   C  Y N 241 
PHE CD1  C  Y N 242 
PHE CD2  C  Y N 243 
PHE CE1  C  Y N 244 
PHE CE2  C  Y N 245 
PHE CZ   C  Y N 246 
PHE OXT  O  N N 247 
PHE H    H  N N 248 
PHE H2   H  N N 249 
PHE HA   H  N N 250 
PHE HB2  H  N N 251 
PHE HB3  H  N N 252 
PHE HD1  H  N N 253 
PHE HD2  H  N N 254 
PHE HE1  H  N N 255 
PHE HE2  H  N N 256 
PHE HZ   H  N N 257 
PHE HXT  H  N N 258 
PRO N    N  N N 259 
PRO CA   C  N S 260 
PRO C    C  N N 261 
PRO O    O  N N 262 
PRO CB   C  N N 263 
PRO CG   C  N N 264 
PRO CD   C  N N 265 
PRO OXT  O  N N 266 
PRO H    H  N N 267 
PRO HA   H  N N 268 
PRO HB2  H  N N 269 
PRO HB3  H  N N 270 
PRO HG2  H  N N 271 
PRO HG3  H  N N 272 
PRO HD2  H  N N 273 
PRO HD3  H  N N 274 
PRO HXT  H  N N 275 
SER N    N  N N 276 
SER CA   C  N S 277 
SER C    C  N N 278 
SER O    O  N N 279 
SER CB   C  N N 280 
SER OG   O  N N 281 
SER OXT  O  N N 282 
SER H    H  N N 283 
SER H2   H  N N 284 
SER HA   H  N N 285 
SER HB2  H  N N 286 
SER HB3  H  N N 287 
SER HG   H  N N 288 
SER HXT  H  N N 289 
SO4 S    S  N N 290 
SO4 O1   O  N N 291 
SO4 O2   O  N N 292 
SO4 O3   O  N N 293 
SO4 O4   O  N N 294 
THR N    N  N N 295 
THR CA   C  N S 296 
THR C    C  N N 297 
THR O    O  N N 298 
THR CB   C  N R 299 
THR OG1  O  N N 300 
THR CG2  C  N N 301 
THR OXT  O  N N 302 
THR H    H  N N 303 
THR H2   H  N N 304 
THR HA   H  N N 305 
THR HB   H  N N 306 
THR HG1  H  N N 307 
THR HG21 H  N N 308 
THR HG22 H  N N 309 
THR HG23 H  N N 310 
THR HXT  H  N N 311 
TRP N    N  N N 312 
TRP CA   C  N S 313 
TRP C    C  N N 314 
TRP O    O  N N 315 
TRP CB   C  N N 316 
TRP CG   C  Y N 317 
TRP CD1  C  Y N 318 
TRP CD2  C  Y N 319 
TRP NE1  N  Y N 320 
TRP CE2  C  Y N 321 
TRP CE3  C  Y N 322 
TRP CZ2  C  Y N 323 
TRP CZ3  C  Y N 324 
TRP CH2  C  Y N 325 
TRP OXT  O  N N 326 
TRP H    H  N N 327 
TRP H2   H  N N 328 
TRP HA   H  N N 329 
TRP HB2  H  N N 330 
TRP HB3  H  N N 331 
TRP HD1  H  N N 332 
TRP HE1  H  N N 333 
TRP HE3  H  N N 334 
TRP HZ2  H  N N 335 
TRP HZ3  H  N N 336 
TRP HH2  H  N N 337 
TRP HXT  H  N N 338 
TYR N    N  N N 339 
TYR CA   C  N S 340 
TYR C    C  N N 341 
TYR O    O  N N 342 
TYR CB   C  N N 343 
TYR CG   C  Y N 344 
TYR CD1  C  Y N 345 
TYR CD2  C  Y N 346 
TYR CE1  C  Y N 347 
TYR CE2  C  Y N 348 
TYR CZ   C  Y N 349 
TYR OH   O  N N 350 
TYR OXT  O  N N 351 
TYR H    H  N N 352 
TYR H2   H  N N 353 
TYR HA   H  N N 354 
TYR HB2  H  N N 355 
TYR HB3  H  N N 356 
TYR HD1  H  N N 357 
TYR HD2  H  N N 358 
TYR HE1  H  N N 359 
TYR HE2  H  N N 360 
TYR HH   H  N N 361 
TYR HXT  H  N N 362 
VAL N    N  N N 363 
VAL CA   C  N S 364 
VAL C    C  N N 365 
VAL O    O  N N 366 
VAL CB   C  N N 367 
VAL CG1  C  N N 368 
VAL CG2  C  N N 369 
VAL OXT  O  N N 370 
VAL H    H  N N 371 
VAL H2   H  N N 372 
VAL HA   H  N N 373 
VAL HB   H  N N 374 
VAL HG11 H  N N 375 
VAL HG12 H  N N 376 
VAL HG13 H  N N 377 
VAL HG21 H  N N 378 
VAL HG22 H  N N 379 
VAL HG23 H  N N 380 
VAL HXT  H  N N 381 
ZN  ZN   ZN N N 382 
# 
loop_
_chem_comp_bond.comp_id 
_chem_comp_bond.atom_id_1 
_chem_comp_bond.atom_id_2 
_chem_comp_bond.value_order 
_chem_comp_bond.pdbx_aromatic_flag 
_chem_comp_bond.pdbx_stereo_config 
_chem_comp_bond.pdbx_ordinal 
ALA N   CA   sing N N 1   
ALA N   H    sing N N 2   
ALA N   H2   sing N N 3   
ALA CA  C    sing N N 4   
ALA CA  CB   sing N N 5   
ALA CA  HA   sing N N 6   
ALA C   O    doub N N 7   
ALA C   OXT  sing N N 8   
ALA CB  HB1  sing N N 9   
ALA CB  HB2  sing N N 10  
ALA CB  HB3  sing N N 11  
ALA OXT HXT  sing N N 12  
ARG N   CA   sing N N 13  
ARG N   H    sing N N 14  
ARG N   H2   sing N N 15  
ARG CA  C    sing N N 16  
ARG CA  CB   sing N N 17  
ARG CA  HA   sing N N 18  
ARG C   O    doub N N 19  
ARG C   OXT  sing N N 20  
ARG CB  CG   sing N N 21  
ARG CB  HB2  sing N N 22  
ARG CB  HB3  sing N N 23  
ARG CG  CD   sing N N 24  
ARG CG  HG2  sing N N 25  
ARG CG  HG3  sing N N 26  
ARG CD  NE   sing N N 27  
ARG CD  HD2  sing N N 28  
ARG CD  HD3  sing N N 29  
ARG NE  CZ   sing N N 30  
ARG NE  HE   sing N N 31  
ARG CZ  NH1  sing N N 32  
ARG CZ  NH2  doub N N 33  
ARG NH1 HH11 sing N N 34  
ARG NH1 HH12 sing N N 35  
ARG NH2 HH21 sing N N 36  
ARG NH2 HH22 sing N N 37  
ARG OXT HXT  sing N N 38  
ASN N   CA   sing N N 39  
ASN N   H    sing N N 40  
ASN N   H2   sing N N 41  
ASN CA  C    sing N N 42  
ASN CA  CB   sing N N 43  
ASN CA  HA   sing N N 44  
ASN C   O    doub N N 45  
ASN C   OXT  sing N N 46  
ASN CB  CG   sing N N 47  
ASN CB  HB2  sing N N 48  
ASN CB  HB3  sing N N 49  
ASN CG  OD1  doub N N 50  
ASN CG  ND2  sing N N 51  
ASN ND2 HD21 sing N N 52  
ASN ND2 HD22 sing N N 53  
ASN OXT HXT  sing N N 54  
ASP N   CA   sing N N 55  
ASP N   H    sing N N 56  
ASP N   H2   sing N N 57  
ASP CA  C    sing N N 58  
ASP CA  CB   sing N N 59  
ASP CA  HA   sing N N 60  
ASP C   O    doub N N 61  
ASP C   OXT  sing N N 62  
ASP CB  CG   sing N N 63  
ASP CB  HB2  sing N N 64  
ASP CB  HB3  sing N N 65  
ASP CG  OD1  doub N N 66  
ASP CG  OD2  sing N N 67  
ASP OD2 HD2  sing N N 68  
ASP OXT HXT  sing N N 69  
GLN N   CA   sing N N 70  
GLN N   H    sing N N 71  
GLN N   H2   sing N N 72  
GLN CA  C    sing N N 73  
GLN CA  CB   sing N N 74  
GLN CA  HA   sing N N 75  
GLN C   O    doub N N 76  
GLN C   OXT  sing N N 77  
GLN CB  CG   sing N N 78  
GLN CB  HB2  sing N N 79  
GLN CB  HB3  sing N N 80  
GLN CG  CD   sing N N 81  
GLN CG  HG2  sing N N 82  
GLN CG  HG3  sing N N 83  
GLN CD  OE1  doub N N 84  
GLN CD  NE2  sing N N 85  
GLN NE2 HE21 sing N N 86  
GLN NE2 HE22 sing N N 87  
GLN OXT HXT  sing N N 88  
GLU N   CA   sing N N 89  
GLU N   H    sing N N 90  
GLU N   H2   sing N N 91  
GLU CA  C    sing N N 92  
GLU CA  CB   sing N N 93  
GLU CA  HA   sing N N 94  
GLU C   O    doub N N 95  
GLU C   OXT  sing N N 96  
GLU CB  CG   sing N N 97  
GLU CB  HB2  sing N N 98  
GLU CB  HB3  sing N N 99  
GLU CG  CD   sing N N 100 
GLU CG  HG2  sing N N 101 
GLU CG  HG3  sing N N 102 
GLU CD  OE1  doub N N 103 
GLU CD  OE2  sing N N 104 
GLU OE2 HE2  sing N N 105 
GLU OXT HXT  sing N N 106 
GLY N   CA   sing N N 107 
GLY N   H    sing N N 108 
GLY N   H2   sing N N 109 
GLY CA  C    sing N N 110 
GLY CA  HA2  sing N N 111 
GLY CA  HA3  sing N N 112 
GLY C   O    doub N N 113 
GLY C   OXT  sing N N 114 
GLY OXT HXT  sing N N 115 
HIS N   CA   sing N N 116 
HIS N   H    sing N N 117 
HIS N   H2   sing N N 118 
HIS CA  C    sing N N 119 
HIS CA  CB   sing N N 120 
HIS CA  HA   sing N N 121 
HIS C   O    doub N N 122 
HIS C   OXT  sing N N 123 
HIS CB  CG   sing N N 124 
HIS CB  HB2  sing N N 125 
HIS CB  HB3  sing N N 126 
HIS CG  ND1  sing Y N 127 
HIS CG  CD2  doub Y N 128 
HIS ND1 CE1  doub Y N 129 
HIS ND1 HD1  sing N N 130 
HIS CD2 NE2  sing Y N 131 
HIS CD2 HD2  sing N N 132 
HIS CE1 NE2  sing Y N 133 
HIS CE1 HE1  sing N N 134 
HIS NE2 HE2  sing N N 135 
HIS OXT HXT  sing N N 136 
HOH O   H1   sing N N 137 
HOH O   H2   sing N N 138 
ILE N   CA   sing N N 139 
ILE N   H    sing N N 140 
ILE N   H2   sing N N 141 
ILE CA  C    sing N N 142 
ILE CA  CB   sing N N 143 
ILE CA  HA   sing N N 144 
ILE C   O    doub N N 145 
ILE C   OXT  sing N N 146 
ILE CB  CG1  sing N N 147 
ILE CB  CG2  sing N N 148 
ILE CB  HB   sing N N 149 
ILE CG1 CD1  sing N N 150 
ILE CG1 HG12 sing N N 151 
ILE CG1 HG13 sing N N 152 
ILE CG2 HG21 sing N N 153 
ILE CG2 HG22 sing N N 154 
ILE CG2 HG23 sing N N 155 
ILE CD1 HD11 sing N N 156 
ILE CD1 HD12 sing N N 157 
ILE CD1 HD13 sing N N 158 
ILE OXT HXT  sing N N 159 
LEU N   CA   sing N N 160 
LEU N   H    sing N N 161 
LEU N   H2   sing N N 162 
LEU CA  C    sing N N 163 
LEU CA  CB   sing N N 164 
LEU CA  HA   sing N N 165 
LEU C   O    doub N N 166 
LEU C   OXT  sing N N 167 
LEU CB  CG   sing N N 168 
LEU CB  HB2  sing N N 169 
LEU CB  HB3  sing N N 170 
LEU CG  CD1  sing N N 171 
LEU CG  CD2  sing N N 172 
LEU CG  HG   sing N N 173 
LEU CD1 HD11 sing N N 174 
LEU CD1 HD12 sing N N 175 
LEU CD1 HD13 sing N N 176 
LEU CD2 HD21 sing N N 177 
LEU CD2 HD22 sing N N 178 
LEU CD2 HD23 sing N N 179 
LEU OXT HXT  sing N N 180 
LYS N   CA   sing N N 181 
LYS N   H    sing N N 182 
LYS N   H2   sing N N 183 
LYS CA  C    sing N N 184 
LYS CA  CB   sing N N 185 
LYS CA  HA   sing N N 186 
LYS C   O    doub N N 187 
LYS C   OXT  sing N N 188 
LYS CB  CG   sing N N 189 
LYS CB  HB2  sing N N 190 
LYS CB  HB3  sing N N 191 
LYS CG  CD   sing N N 192 
LYS CG  HG2  sing N N 193 
LYS CG  HG3  sing N N 194 
LYS CD  CE   sing N N 195 
LYS CD  HD2  sing N N 196 
LYS CD  HD3  sing N N 197 
LYS CE  NZ   sing N N 198 
LYS CE  HE2  sing N N 199 
LYS CE  HE3  sing N N 200 
LYS NZ  HZ1  sing N N 201 
LYS NZ  HZ2  sing N N 202 
LYS NZ  HZ3  sing N N 203 
LYS OXT HXT  sing N N 204 
MET N   CA   sing N N 205 
MET N   H    sing N N 206 
MET N   H2   sing N N 207 
MET CA  C    sing N N 208 
MET CA  CB   sing N N 209 
MET CA  HA   sing N N 210 
MET C   O    doub N N 211 
MET C   OXT  sing N N 212 
MET CB  CG   sing N N 213 
MET CB  HB2  sing N N 214 
MET CB  HB3  sing N N 215 
MET CG  SD   sing N N 216 
MET CG  HG2  sing N N 217 
MET CG  HG3  sing N N 218 
MET SD  CE   sing N N 219 
MET CE  HE1  sing N N 220 
MET CE  HE2  sing N N 221 
MET CE  HE3  sing N N 222 
MET OXT HXT  sing N N 223 
PHE N   CA   sing N N 224 
PHE N   H    sing N N 225 
PHE N   H2   sing N N 226 
PHE CA  C    sing N N 227 
PHE CA  CB   sing N N 228 
PHE CA  HA   sing N N 229 
PHE C   O    doub N N 230 
PHE C   OXT  sing N N 231 
PHE CB  CG   sing N N 232 
PHE CB  HB2  sing N N 233 
PHE CB  HB3  sing N N 234 
PHE CG  CD1  doub Y N 235 
PHE CG  CD2  sing Y N 236 
PHE CD1 CE1  sing Y N 237 
PHE CD1 HD1  sing N N 238 
PHE CD2 CE2  doub Y N 239 
PHE CD2 HD2  sing N N 240 
PHE CE1 CZ   doub Y N 241 
PHE CE1 HE1  sing N N 242 
PHE CE2 CZ   sing Y N 243 
PHE CE2 HE2  sing N N 244 
PHE CZ  HZ   sing N N 245 
PHE OXT HXT  sing N N 246 
PRO N   CA   sing N N 247 
PRO N   CD   sing N N 248 
PRO N   H    sing N N 249 
PRO CA  C    sing N N 250 
PRO CA  CB   sing N N 251 
PRO CA  HA   sing N N 252 
PRO C   O    doub N N 253 
PRO C   OXT  sing N N 254 
PRO CB  CG   sing N N 255 
PRO CB  HB2  sing N N 256 
PRO CB  HB3  sing N N 257 
PRO CG  CD   sing N N 258 
PRO CG  HG2  sing N N 259 
PRO CG  HG3  sing N N 260 
PRO CD  HD2  sing N N 261 
PRO CD  HD3  sing N N 262 
PRO OXT HXT  sing N N 263 
SER N   CA   sing N N 264 
SER N   H    sing N N 265 
SER N   H2   sing N N 266 
SER CA  C    sing N N 267 
SER CA  CB   sing N N 268 
SER CA  HA   sing N N 269 
SER C   O    doub N N 270 
SER C   OXT  sing N N 271 
SER CB  OG   sing N N 272 
SER CB  HB2  sing N N 273 
SER CB  HB3  sing N N 274 
SER OG  HG   sing N N 275 
SER OXT HXT  sing N N 276 
SO4 S   O1   doub N N 277 
SO4 S   O2   doub N N 278 
SO4 S   O3   sing N N 279 
SO4 S   O4   sing N N 280 
THR N   CA   sing N N 281 
THR N   H    sing N N 282 
THR N   H2   sing N N 283 
THR CA  C    sing N N 284 
THR CA  CB   sing N N 285 
THR CA  HA   sing N N 286 
THR C   O    doub N N 287 
THR C   OXT  sing N N 288 
THR CB  OG1  sing N N 289 
THR CB  CG2  sing N N 290 
THR CB  HB   sing N N 291 
THR OG1 HG1  sing N N 292 
THR CG2 HG21 sing N N 293 
THR CG2 HG22 sing N N 294 
THR CG2 HG23 sing N N 295 
THR OXT HXT  sing N N 296 
TRP N   CA   sing N N 297 
TRP N   H    sing N N 298 
TRP N   H2   sing N N 299 
TRP CA  C    sing N N 300 
TRP CA  CB   sing N N 301 
TRP CA  HA   sing N N 302 
TRP C   O    doub N N 303 
TRP C   OXT  sing N N 304 
TRP CB  CG   sing N N 305 
TRP CB  HB2  sing N N 306 
TRP CB  HB3  sing N N 307 
TRP CG  CD1  doub Y N 308 
TRP CG  CD2  sing Y N 309 
TRP CD1 NE1  sing Y N 310 
TRP CD1 HD1  sing N N 311 
TRP CD2 CE2  doub Y N 312 
TRP CD2 CE3  sing Y N 313 
TRP NE1 CE2  sing Y N 314 
TRP NE1 HE1  sing N N 315 
TRP CE2 CZ2  sing Y N 316 
TRP CE3 CZ3  doub Y N 317 
TRP CE3 HE3  sing N N 318 
TRP CZ2 CH2  doub Y N 319 
TRP CZ2 HZ2  sing N N 320 
TRP CZ3 CH2  sing Y N 321 
TRP CZ3 HZ3  sing N N 322 
TRP CH2 HH2  sing N N 323 
TRP OXT HXT  sing N N 324 
TYR N   CA   sing N N 325 
TYR N   H    sing N N 326 
TYR N   H2   sing N N 327 
TYR CA  C    sing N N 328 
TYR CA  CB   sing N N 329 
TYR CA  HA   sing N N 330 
TYR C   O    doub N N 331 
TYR C   OXT  sing N N 332 
TYR CB  CG   sing N N 333 
TYR CB  HB2  sing N N 334 
TYR CB  HB3  sing N N 335 
TYR CG  CD1  doub Y N 336 
TYR CG  CD2  sing Y N 337 
TYR CD1 CE1  sing Y N 338 
TYR CD1 HD1  sing N N 339 
TYR CD2 CE2  doub Y N 340 
TYR CD2 HD2  sing N N 341 
TYR CE1 CZ   doub Y N 342 
TYR CE1 HE1  sing N N 343 
TYR CE2 CZ   sing Y N 344 
TYR CE2 HE2  sing N N 345 
TYR CZ  OH   sing N N 346 
TYR OH  HH   sing N N 347 
TYR OXT HXT  sing N N 348 
VAL N   CA   sing N N 349 
VAL N   H    sing N N 350 
VAL N   H2   sing N N 351 
VAL CA  C    sing N N 352 
VAL CA  CB   sing N N 353 
VAL CA  HA   sing N N 354 
VAL C   O    doub N N 355 
VAL C   OXT  sing N N 356 
VAL CB  CG1  sing N N 357 
VAL CB  CG2  sing N N 358 
VAL CB  HB   sing N N 359 
VAL CG1 HG11 sing N N 360 
VAL CG1 HG12 sing N N 361 
VAL CG1 HG13 sing N N 362 
VAL CG2 HG21 sing N N 363 
VAL CG2 HG22 sing N N 364 
VAL CG2 HG23 sing N N 365 
VAL OXT HXT  sing N N 366 
# 
_atom_sites.entry_id                    1V8W 
_atom_sites.fract_transf_matrix[1][1]   -0.00884067 
_atom_sites.fract_transf_matrix[1][2]   0.00631082 
_atom_sites.fract_transf_matrix[1][3]   0.02045880 
_atom_sites.fract_transf_matrix[2][1]   -0.02218202 
_atom_sites.fract_transf_matrix[2][2]   0.00649659 
_atom_sites.fract_transf_matrix[2][3]   0.00152416 
_atom_sites.fract_transf_matrix[3][1]   -0.00223811 
_atom_sites.fract_transf_matrix[3][2]   -0.00799340 
_atom_sites.fract_transf_matrix[3][3]   0.00149855 
_atom_sites.fract_transf_vector[1]      0.025409 
_atom_sites.fract_transf_vector[2]      0.450509 
_atom_sites.fract_transf_vector[3]      0.255909 
# 
loop_
_atom_type.symbol 
C  
N  
O  
S  
ZN 
# 
loop_
_atom_site.group_PDB 
_atom_site.id 
_atom_site.type_symbol 
_atom_site.label_atom_id 
_atom_site.label_alt_id 
_atom_site.label_comp_id 
_atom_site.label_asym_id 
_atom_site.label_entity_id 
_atom_site.label_seq_id 
_atom_site.pdbx_PDB_ins_code 
_atom_site.Cartn_x 
_atom_site.Cartn_y 
_atom_site.Cartn_z 
_atom_site.occupancy 
_atom_site.B_iso_or_equiv 
_atom_site.pdbx_formal_charge 
_atom_site.auth_seq_id 
_atom_site.auth_comp_id 
_atom_site.auth_asym_id 
_atom_site.auth_atom_id 
_atom_site.pdbx_PDB_model_num 
ATOM   1    N  N   . ARG A 1 11  ? 10.567  -16.580 22.483  1.00 44.96 ? 11  ARG A N   1 
ATOM   2    C  CA  . ARG A 1 11  ? 10.662  -15.371 21.615  1.00 44.45 ? 11  ARG A CA  1 
ATOM   3    C  C   . ARG A 1 11  ? 12.087  -14.824 21.634  1.00 43.83 ? 11  ARG A C   1 
ATOM   4    O  O   . ARG A 1 11  ? 12.388  -13.873 22.356  1.00 43.52 ? 11  ARG A O   1 
ATOM   5    C  CB  . ARG A 1 11  ? 9.698   -14.293 22.112  1.00 45.06 ? 11  ARG A CB  1 
ATOM   6    C  CG  . ARG A 1 11  ? 9.471   -13.155 21.130  1.00 45.38 ? 11  ARG A CG  1 
ATOM   7    C  CD  . ARG A 1 11  ? 8.557   -13.582 19.989  1.00 46.40 ? 11  ARG A CD  1 
ATOM   8    N  NE  . ARG A 1 11  ? 8.143   -12.445 19.171  1.00 45.61 ? 11  ARG A NE  1 
ATOM   9    C  CZ  . ARG A 1 11  ? 7.139   -12.473 18.299  1.00 45.94 ? 11  ARG A CZ  1 
ATOM   10   N  NH1 . ARG A 1 11  ? 6.438   -13.583 18.125  1.00 46.28 ? 11  ARG A NH1 1 
ATOM   11   N  NH2 . ARG A 1 11  ? 6.829   -11.386 17.606  1.00 43.98 ? 11  ARG A NH2 1 
ATOM   12   N  N   . THR A 1 12  ? 12.958  -15.431 20.836  1.00 43.22 ? 12  THR A N   1 
ATOM   13   C  CA  . THR A 1 12  ? 14.353  -15.017 20.758  1.00 43.15 ? 12  THR A CA  1 
ATOM   14   C  C   . THR A 1 12  ? 14.624  -14.244 19.472  1.00 42.66 ? 12  THR A C   1 
ATOM   15   O  O   . THR A 1 12  ? 14.162  -14.629 18.397  1.00 42.10 ? 12  THR A O   1 
ATOM   16   C  CB  . THR A 1 12  ? 15.289  -16.238 20.807  1.00 43.58 ? 12  THR A CB  1 
ATOM   17   O  OG1 . THR A 1 12  ? 15.035  -16.983 22.004  1.00 45.08 ? 12  THR A OG1 1 
ATOM   18   C  CG2 . THR A 1 12  ? 16.744  -15.800 20.788  1.00 44.46 ? 12  THR A CG2 1 
ATOM   19   N  N   . TYR A 1 13  ? 15.380  -13.156 19.584  1.00 41.14 ? 13  TYR A N   1 
ATOM   20   C  CA  . TYR A 1 13  ? 15.700  -12.334 18.425  1.00 40.85 ? 13  TYR A CA  1 
ATOM   21   C  C   . TYR A 1 13  ? 17.070  -12.635 17.833  1.00 40.78 ? 13  TYR A C   1 
ATOM   22   O  O   . TYR A 1 13  ? 18.082  -12.634 18.536  1.00 41.42 ? 13  TYR A O   1 
ATOM   23   C  CB  . TYR A 1 13  ? 15.603  -10.851 18.788  1.00 39.78 ? 13  TYR A CB  1 
ATOM   24   C  CG  . TYR A 1 13  ? 14.206  -10.431 19.180  1.00 39.99 ? 13  TYR A CG  1 
ATOM   25   C  CD1 . TYR A 1 13  ? 13.665  -10.799 20.411  1.00 38.32 ? 13  TYR A CD1 1 
ATOM   26   C  CD2 . TYR A 1 13  ? 13.404  -9.707  18.297  1.00 38.46 ? 13  TYR A CD2 1 
ATOM   27   C  CE1 . TYR A 1 13  ? 12.361  -10.460 20.754  1.00 39.18 ? 13  TYR A CE1 1 
ATOM   28   C  CE2 . TYR A 1 13  ? 12.100  -9.364  18.629  1.00 38.30 ? 13  TYR A CE2 1 
ATOM   29   C  CZ  . TYR A 1 13  ? 11.583  -9.744  19.856  1.00 38.20 ? 13  TYR A CZ  1 
ATOM   30   O  OH  . TYR A 1 13  ? 10.290  -9.417  20.183  1.00 38.12 ? 13  TYR A OH  1 
ATOM   31   N  N   . LEU A 1 14  ? 17.089  -12.889 16.529  1.00 40.11 ? 14  LEU A N   1 
ATOM   32   C  CA  . LEU A 1 14  ? 18.321  -13.189 15.813  1.00 39.75 ? 14  LEU A CA  1 
ATOM   33   C  C   . LEU A 1 14  ? 18.795  -11.971 15.031  1.00 39.05 ? 14  LEU A C   1 
ATOM   34   O  O   . LEU A 1 14  ? 19.911  -11.953 14.511  1.00 38.68 ? 14  LEU A O   1 
ATOM   35   C  CB  . LEU A 1 14  ? 18.102  -14.357 14.844  1.00 41.48 ? 14  LEU A CB  1 
ATOM   36   C  CG  . LEU A 1 14  ? 17.803  -15.744 15.421  1.00 42.31 ? 14  LEU A CG  1 
ATOM   37   C  CD1 . LEU A 1 14  ? 16.536  -15.710 16.256  1.00 43.62 ? 14  LEU A CD1 1 
ATOM   38   C  CD2 . LEU A 1 14  ? 17.655  -16.734 14.279  1.00 43.71 ? 14  LEU A CD2 1 
ATOM   39   N  N   . TYR A 1 15  ? 17.940  -10.956 14.950  1.00 37.75 ? 15  TYR A N   1 
ATOM   40   C  CA  . TYR A 1 15  ? 18.277  -9.740  14.223  1.00 36.54 ? 15  TYR A CA  1 
ATOM   41   C  C   . TYR A 1 15  ? 17.289  -8.606  14.480  1.00 36.69 ? 15  TYR A C   1 
ATOM   42   O  O   . TYR A 1 15  ? 16.077  -8.793  14.383  1.00 36.34 ? 15  TYR A O   1 
ATOM   43   C  CB  . TYR A 1 15  ? 18.325  -10.029 12.719  1.00 34.99 ? 15  TYR A CB  1 
ATOM   44   C  CG  . TYR A 1 15  ? 18.590  -8.811  11.860  1.00 34.73 ? 15  TYR A CG  1 
ATOM   45   C  CD1 . TYR A 1 15  ? 19.854  -8.224  11.815  1.00 34.22 ? 15  TYR A CD1 1 
ATOM   46   C  CD2 . TYR A 1 15  ? 17.570  -8.234  11.098  1.00 33.94 ? 15  TYR A CD2 1 
ATOM   47   C  CE1 . TYR A 1 15  ? 20.098  -7.096  11.033  1.00 34.49 ? 15  TYR A CE1 1 
ATOM   48   C  CE2 . TYR A 1 15  ? 17.803  -7.105  10.315  1.00 32.90 ? 15  TYR A CE2 1 
ATOM   49   C  CZ  . TYR A 1 15  ? 19.069  -6.542  10.287  1.00 34.80 ? 15  TYR A CZ  1 
ATOM   50   O  OH  . TYR A 1 15  ? 19.308  -5.428  9.515   1.00 34.14 ? 15  TYR A OH  1 
ATOM   51   N  N   . ARG A 1 16  ? 17.820  -7.437  14.823  1.00 36.03 ? 16  ARG A N   1 
ATOM   52   C  CA  . ARG A 1 16  ? 17.006  -6.249  15.054  1.00 35.92 ? 16  ARG A CA  1 
ATOM   53   C  C   . ARG A 1 16  ? 17.457  -5.230  14.016  1.00 35.61 ? 16  ARG A C   1 
ATOM   54   O  O   . ARG A 1 16  ? 18.540  -4.655  14.134  1.00 34.97 ? 16  ARG A O   1 
ATOM   55   C  CB  . ARG A 1 16  ? 17.228  -5.685  16.461  1.00 37.55 ? 16  ARG A CB  1 
ATOM   56   C  CG  . ARG A 1 16  ? 16.639  -6.523  17.582  1.00 39.05 ? 16  ARG A CG  1 
ATOM   57   C  CD  . ARG A 1 16  ? 16.554  -5.709  18.866  1.00 41.69 ? 16  ARG A CD  1 
ATOM   58   N  NE  . ARG A 1 16  ? 15.905  -6.438  19.952  1.00 43.91 ? 16  ARG A NE  1 
ATOM   59   C  CZ  . ARG A 1 16  ? 16.437  -7.483  20.578  1.00 45.17 ? 16  ARG A CZ  1 
ATOM   60   N  NH1 . ARG A 1 16  ? 17.635  -7.933  20.228  1.00 46.06 ? 16  ARG A NH1 1 
ATOM   61   N  NH2 . ARG A 1 16  ? 15.770  -8.080  21.556  1.00 45.58 ? 16  ARG A NH2 1 
ATOM   62   N  N   . GLY A 1 17  ? 16.631  -5.018  12.995  1.00 33.80 ? 17  GLY A N   1 
ATOM   63   C  CA  . GLY A 1 17  ? 16.992  -4.088  11.941  1.00 33.17 ? 17  GLY A CA  1 
ATOM   64   C  C   . GLY A 1 17  ? 16.195  -2.800  11.867  1.00 32.66 ? 17  GLY A C   1 
ATOM   65   O  O   . GLY A 1 17  ? 15.601  -2.357  12.851  1.00 32.64 ? 17  GLY A O   1 
ATOM   66   N  N   . ARG A 1 18  ? 16.185  -2.205  10.679  1.00 33.03 ? 18  ARG A N   1 
ATOM   67   C  CA  . ARG A 1 18  ? 15.486  -0.949  10.435  1.00 34.45 ? 18  ARG A CA  1 
ATOM   68   C  C   . ARG A 1 18  ? 13.988  -1.145  10.217  1.00 34.37 ? 18  ARG A C   1 
ATOM   69   O  O   . ARG A 1 18  ? 13.169  -0.621  10.971  1.00 33.55 ? 18  ARG A O   1 
ATOM   70   C  CB  . ARG A 1 18  ? 16.078  -0.254  9.206   1.00 36.31 ? 18  ARG A CB  1 
ATOM   71   C  CG  . ARG A 1 18  ? 17.596  -0.178  9.191   1.00 40.86 ? 18  ARG A CG  1 
ATOM   72   C  CD  . ARG A 1 18  ? 18.094  0.459   7.901   1.00 43.57 ? 18  ARG A CD  1 
ATOM   73   N  NE  . ARG A 1 18  ? 19.551  0.426   7.791   1.00 46.88 ? 18  ARG A NE  1 
ATOM   74   C  CZ  . ARG A 1 18  ? 20.269  -0.688  7.685   1.00 48.16 ? 18  ARG A CZ  1 
ATOM   75   N  NH1 . ARG A 1 18  ? 19.669  -1.871  7.672   1.00 47.82 ? 18  ARG A NH1 1 
ATOM   76   N  NH2 . ARG A 1 18  ? 21.591  -0.620  7.591   1.00 48.90 ? 18  ARG A NH2 1 
ATOM   77   N  N   . ILE A 1 19  ? 13.637  -1.901  9.181   1.00 33.96 ? 19  ILE A N   1 
ATOM   78   C  CA  . ILE A 1 19  ? 12.234  -2.137  8.861   1.00 33.92 ? 19  ILE A CA  1 
ATOM   79   C  C   . ILE A 1 19  ? 11.687  -3.443  9.424   1.00 32.40 ? 19  ILE A C   1 
ATOM   80   O  O   . ILE A 1 19  ? 10.501  -3.729  9.279   1.00 32.70 ? 19  ILE A O   1 
ATOM   81   C  CB  . ILE A 1 19  ? 12.000  -2.150  7.335   1.00 35.68 ? 19  ILE A CB  1 
ATOM   82   C  CG1 . ILE A 1 19  ? 12.566  -3.436  6.733   1.00 36.52 ? 19  ILE A CG1 1 
ATOM   83   C  CG2 . ILE A 1 19  ? 12.661  -0.935  6.696   1.00 36.16 ? 19  ILE A CG2 1 
ATOM   84   C  CD1 . ILE A 1 19  ? 12.212  -3.638  5.279   1.00 39.04 ? 19  ILE A CD1 1 
ATOM   85   N  N   . LEU A 1 20  ? 12.535  -4.237  10.065  1.00 29.59 ? 20  LEU A N   1 
ATOM   86   C  CA  . LEU A 1 20  ? 12.070  -5.501  10.612  1.00 27.20 ? 20  LEU A CA  1 
ATOM   87   C  C   . LEU A 1 20  ? 13.032  -6.140  11.603  1.00 27.22 ? 20  LEU A C   1 
ATOM   88   O  O   . LEU A 1 20  ? 14.200  -5.765  11.690  1.00 26.55 ? 20  LEU A O   1 
ATOM   89   C  CB  . LEU A 1 20  ? 11.801  -6.486  9.467   1.00 27.43 ? 20  LEU A CB  1 
ATOM   90   C  CG  . LEU A 1 20  ? 12.984  -6.880  8.570   1.00 28.14 ? 20  LEU A CG  1 
ATOM   91   C  CD1 . LEU A 1 20  ? 13.864  -7.893  9.281   1.00 29.43 ? 20  LEU A CD1 1 
ATOM   92   C  CD2 . LEU A 1 20  ? 12.465  -7.476  7.272   1.00 29.89 ? 20  LEU A CD2 1 
ATOM   93   N  N   . ASN A 1 21  ? 12.509  -7.105  12.350  1.00 26.56 ? 21  ASN A N   1 
ATOM   94   C  CA  . ASN A 1 21  ? 13.287  -7.871  13.315  1.00 26.45 ? 21  ASN A CA  1 
ATOM   95   C  C   . ASN A 1 21  ? 12.995  -9.325  12.992  1.00 27.85 ? 21  ASN A C   1 
ATOM   96   O  O   . ASN A 1 21  ? 11.865  -9.667  12.631  1.00 25.54 ? 21  ASN A O   1 
ATOM   97   C  CB  . ASN A 1 21  ? 12.843  -7.606  14.756  1.00 26.00 ? 21  ASN A CB  1 
ATOM   98   C  CG  . ASN A 1 21  ? 13.017  -6.167  15.171  1.00 24.05 ? 21  ASN A CG  1 
ATOM   99   O  OD1 . ASN A 1 21  ? 14.021  -5.534  14.854  1.00 26.43 ? 21  ASN A OD1 1 
ATOM   100  N  ND2 . ASN A 1 21  ? 12.043  -5.645  15.903  1.00 23.69 ? 21  ASN A ND2 1 
ATOM   101  N  N   . LEU A 1 22  ? 14.009  -10.174 13.111  1.00 26.66 ? 22  LEU A N   1 
ATOM   102  C  CA  . LEU A 1 22  ? 13.838  -11.596 12.852  1.00 28.19 ? 22  LEU A CA  1 
ATOM   103  C  C   . LEU A 1 22  ? 13.937  -12.318 14.188  1.00 29.70 ? 22  LEU A C   1 
ATOM   104  O  O   . LEU A 1 22  ? 14.958  -12.225 14.874  1.00 29.75 ? 22  LEU A O   1 
ATOM   105  C  CB  . LEU A 1 22  ? 14.917  -12.105 11.896  1.00 28.28 ? 22  LEU A CB  1 
ATOM   106  C  CG  . LEU A 1 22  ? 14.934  -13.619 11.643  1.00 29.49 ? 22  LEU A CG  1 
ATOM   107  C  CD1 . LEU A 1 22  ? 13.582  -14.070 11.090  1.00 28.74 ? 22  LEU A CD1 1 
ATOM   108  C  CD2 . LEU A 1 22  ? 16.053  -13.964 10.674  1.00 27.87 ? 22  LEU A CD2 1 
ATOM   109  N  N   . ALA A 1 23  ? 12.873  -13.021 14.565  1.00 29.94 ? 23  ALA A N   1 
ATOM   110  C  CA  . ALA A 1 23  ? 12.850  -13.742 15.833  1.00 31.47 ? 23  ALA A CA  1 
ATOM   111  C  C   . ALA A 1 23  ? 12.391  -15.186 15.683  1.00 33.20 ? 23  ALA A C   1 
ATOM   112  O  O   . ALA A 1 23  ? 11.948  -15.604 14.614  1.00 32.07 ? 23  ALA A O   1 
ATOM   113  C  CB  . ALA A 1 23  ? 11.954  -13.017 16.828  1.00 31.33 ? 23  ALA A CB  1 
ATOM   114  N  N   . LEU A 1 24  ? 12.504  -15.941 16.771  1.00 35.12 ? 24  LEU A N   1 
ATOM   115  C  CA  . LEU A 1 24  ? 12.103  -17.339 16.790  1.00 37.38 ? 24  LEU A CA  1 
ATOM   116  C  C   . LEU A 1 24  ? 11.246  -17.640 18.013  1.00 38.65 ? 24  LEU A C   1 
ATOM   117  O  O   . LEU A 1 24  ? 11.515  -17.151 19.110  1.00 38.43 ? 24  LEU A O   1 
ATOM   118  C  CB  . LEU A 1 24  ? 13.336  -18.252 16.815  1.00 38.55 ? 24  LEU A CB  1 
ATOM   119  C  CG  . LEU A 1 24  ? 14.294  -18.252 15.621  1.00 39.58 ? 24  LEU A CG  1 
ATOM   120  C  CD1 . LEU A 1 24  ? 15.522  -19.094 15.955  1.00 39.82 ? 24  LEU A CD1 1 
ATOM   121  C  CD2 . LEU A 1 24  ? 13.589  -18.799 14.390  1.00 40.20 ? 24  LEU A CD2 1 
ATOM   122  N  N   . GLU A 1 25  ? 10.204  -18.437 17.806  1.00 39.96 ? 25  GLU A N   1 
ATOM   123  C  CA  . GLU A 1 25  ? 9.316   -18.859 18.880  1.00 42.45 ? 25  GLU A CA  1 
ATOM   124  C  C   . GLU A 1 25  ? 9.225   -20.371 18.787  1.00 43.81 ? 25  GLU A C   1 
ATOM   125  O  O   . GLU A 1 25  ? 8.226   -20.916 18.314  1.00 44.18 ? 25  GLU A O   1 
ATOM   126  C  CB  . GLU A 1 25  ? 7.921   -18.254 18.727  1.00 43.34 ? 25  GLU A CB  1 
ATOM   127  C  CG  . GLU A 1 25  ? 7.784   -16.858 19.293  1.00 44.41 ? 25  GLU A CG  1 
ATOM   128  C  CD  . GLU A 1 25  ? 6.337   -16.478 19.537  1.00 44.46 ? 25  GLU A CD  1 
ATOM   129  O  OE1 . GLU A 1 25  ? 6.093   -15.366 20.049  1.00 45.05 ? 25  GLU A OE1 1 
ATOM   130  O  OE2 . GLU A 1 25  ? 5.446   -17.294 19.220  1.00 43.96 ? 25  GLU A OE2 1 
ATOM   131  N  N   . GLY A 1 26  ? 10.282  -21.040 19.229  1.00 44.76 ? 26  GLY A N   1 
ATOM   132  C  CA  . GLY A 1 26  ? 10.313  -22.486 19.168  1.00 45.48 ? 26  GLY A CA  1 
ATOM   133  C  C   . GLY A 1 26  ? 10.667  -22.938 17.765  1.00 45.60 ? 26  GLY A C   1 
ATOM   134  O  O   . GLY A 1 26  ? 11.817  -22.840 17.342  1.00 46.61 ? 26  GLY A O   1 
ATOM   135  N  N   . ARG A 1 27  ? 9.668   -23.419 17.036  1.00 45.90 ? 27  ARG A N   1 
ATOM   136  C  CA  . ARG A 1 27  ? 9.872   -23.894 15.674  1.00 46.05 ? 27  ARG A CA  1 
ATOM   137  C  C   . ARG A 1 27  ? 9.485   -22.843 14.632  1.00 44.52 ? 27  ARG A C   1 
ATOM   138  O  O   . ARG A 1 27  ? 9.776   -23.000 13.447  1.00 44.88 ? 27  ARG A O   1 
ATOM   139  C  CB  . ARG A 1 27  ? 9.049   -25.165 15.448  1.00 48.03 ? 27  ARG A CB  1 
ATOM   140  C  CG  . ARG A 1 27  ? 9.123   -25.726 14.038  1.00 51.69 ? 27  ARG A CG  1 
ATOM   141  C  CD  . ARG A 1 27  ? 8.056   -26.785 13.815  1.00 54.58 ? 27  ARG A CD  1 
ATOM   142  N  NE  . ARG A 1 27  ? 8.046   -27.273 12.439  1.00 57.08 ? 27  ARG A NE  1 
ATOM   143  C  CZ  . ARG A 1 27  ? 7.090   -28.041 11.927  1.00 58.28 ? 27  ARG A CZ  1 
ATOM   144  N  NH1 . ARG A 1 27  ? 6.061   -28.412 12.678  1.00 59.01 ? 27  ARG A NH1 1 
ATOM   145  N  NH2 . ARG A 1 27  ? 7.161   -28.438 10.664  1.00 59.22 ? 27  ARG A NH2 1 
ATOM   146  N  N   . TYR A 1 28  ? 8.841   -21.768 15.074  1.00 42.31 ? 28  TYR A N   1 
ATOM   147  C  CA  . TYR A 1 28  ? 8.405   -20.727 14.150  1.00 40.08 ? 28  TYR A CA  1 
ATOM   148  C  C   . TYR A 1 28  ? 9.359   -19.554 13.958  1.00 37.49 ? 28  TYR A C   1 
ATOM   149  O  O   . TYR A 1 28  ? 9.863   -18.975 14.920  1.00 37.18 ? 28  TYR A O   1 
ATOM   150  C  CB  . TYR A 1 28  ? 7.040   -20.175 14.575  1.00 42.24 ? 28  TYR A CB  1 
ATOM   151  C  CG  . TYR A 1 28  ? 5.917   -21.184 14.553  1.00 44.37 ? 28  TYR A CG  1 
ATOM   152  C  CD1 . TYR A 1 28  ? 5.752   -22.099 15.595  1.00 45.55 ? 28  TYR A CD1 1 
ATOM   153  C  CD2 . TYR A 1 28  ? 5.005   -21.218 13.498  1.00 45.19 ? 28  TYR A CD2 1 
ATOM   154  C  CE1 . TYR A 1 28  ? 4.703   -23.019 15.588  1.00 46.36 ? 28  TYR A CE1 1 
ATOM   155  C  CE2 . TYR A 1 28  ? 3.956   -22.133 13.480  1.00 46.58 ? 28  TYR A CE2 1 
ATOM   156  C  CZ  . TYR A 1 28  ? 3.809   -23.029 14.528  1.00 47.21 ? 28  TYR A CZ  1 
ATOM   157  O  OH  . TYR A 1 28  ? 2.766   -23.927 14.518  1.00 47.86 ? 28  TYR A OH  1 
ATOM   158  N  N   . GLU A 1 29  ? 9.585   -19.209 12.696  1.00 34.07 ? 29  GLU A N   1 
ATOM   159  C  CA  . GLU A 1 29  ? 10.437  -18.088 12.329  1.00 31.94 ? 29  GLU A CA  1 
ATOM   160  C  C   . GLU A 1 29  ? 9.471   -16.918 12.147  1.00 30.18 ? 29  GLU A C   1 
ATOM   161  O  O   . GLU A 1 29  ? 8.543   -16.993 11.343  1.00 29.63 ? 29  GLU A O   1 
ATOM   162  C  CB  . GLU A 1 29  ? 11.176  -18.406 11.029  1.00 32.31 ? 29  GLU A CB  1 
ATOM   163  C  CG  . GLU A 1 29  ? 12.046  -19.657 11.133  1.00 33.87 ? 29  GLU A CG  1 
ATOM   164  C  CD  . GLU A 1 29  ? 12.453  -20.214 9.783   1.00 35.13 ? 29  GLU A CD  1 
ATOM   165  O  OE1 . GLU A 1 29  ? 11.556  -20.488 8.959   1.00 35.83 ? 29  GLU A OE1 1 
ATOM   166  O  OE2 . GLU A 1 29  ? 13.668  -20.386 9.546   1.00 36.94 ? 29  GLU A OE2 1 
ATOM   167  N  N   . ILE A 1 30  ? 9.685   -15.848 12.905  1.00 27.43 ? 30  ILE A N   1 
ATOM   168  C  CA  . ILE A 1 30  ? 8.803   -14.688 12.864  1.00 25.32 ? 30  ILE A CA  1 
ATOM   169  C  C   . ILE A 1 30  ? 9.507   -13.392 12.489  1.00 25.11 ? 30  ILE A C   1 
ATOM   170  O  O   . ILE A 1 30  ? 10.579  -13.081 13.007  1.00 24.64 ? 30  ILE A O   1 
ATOM   171  C  CB  . ILE A 1 30  ? 8.126   -14.486 14.237  1.00 24.77 ? 30  ILE A CB  1 
ATOM   172  C  CG1 . ILE A 1 30  ? 7.340   -15.746 14.614  1.00 25.40 ? 30  ILE A CG1 1 
ATOM   173  C  CG2 . ILE A 1 30  ? 7.214   -13.266 14.207  1.00 25.34 ? 30  ILE A CG2 1 
ATOM   174  C  CD1 . ILE A 1 30  ? 6.727   -15.695 15.995  1.00 23.62 ? 30  ILE A CD1 1 
ATOM   175  N  N   . VAL A 1 31  ? 8.891   -12.632 11.586  1.00 22.79 ? 31  VAL A N   1 
ATOM   176  C  CA  . VAL A 1 31  ? 9.443   -11.352 11.169  1.00 21.80 ? 31  VAL A CA  1 
ATOM   177  C  C   . VAL A 1 31  ? 8.534   -10.235 11.676  1.00 22.54 ? 31  VAL A C   1 
ATOM   178  O  O   . VAL A 1 31  ? 7.402   -10.092 11.214  1.00 20.43 ? 31  VAL A O   1 
ATOM   179  C  CB  . VAL A 1 31  ? 9.548   -11.249 9.631   1.00 21.10 ? 31  VAL A CB  1 
ATOM   180  C  CG1 . VAL A 1 31  ? 10.070  -9.869  9.230   1.00 22.63 ? 31  VAL A CG1 1 
ATOM   181  C  CG2 . VAL A 1 31  ? 10.475  -12.335 9.101   1.00 21.54 ? 31  VAL A CG2 1 
ATOM   182  N  N   . GLU A 1 32  ? 9.021   -9.463  12.646  1.00 20.58 ? 32  GLU A N   1 
ATOM   183  C  CA  . GLU A 1 32  ? 8.250   -8.348  13.188  1.00 20.29 ? 32  GLU A CA  1 
ATOM   184  C  C   . GLU A 1 32  ? 8.433   -7.195  12.214  1.00 20.04 ? 32  GLU A C   1 
ATOM   185  O  O   . GLU A 1 32  ? 9.549   -6.898  11.792  1.00 19.97 ? 32  GLU A O   1 
ATOM   186  C  CB  . GLU A 1 32  ? 8.759   -7.958  14.578  1.00 21.88 ? 32  GLU A CB  1 
ATOM   187  C  CG  . GLU A 1 32  ? 8.752   -9.104  15.575  1.00 24.39 ? 32  GLU A CG  1 
ATOM   188  C  CD  . GLU A 1 32  ? 9.152   -8.666  16.970  1.00 25.72 ? 32  GLU A CD  1 
ATOM   189  O  OE1 . GLU A 1 32  ? 9.944   -7.707  17.088  1.00 25.27 ? 32  GLU A OE1 1 
ATOM   190  O  OE2 . GLU A 1 32  ? 8.680   -9.289  17.945  1.00 27.37 ? 32  GLU A OE2 1 
ATOM   191  N  N   . HIS A 1 33  ? 7.333   -6.542  11.867  1.00 17.85 ? 33  HIS A N   1 
ATOM   192  C  CA  . HIS A 1 33  ? 7.366   -5.459  10.894  1.00 16.19 ? 33  HIS A CA  1 
ATOM   193  C  C   . HIS A 1 33  ? 6.383   -4.366  11.307  1.00 15.57 ? 33  HIS A C   1 
ATOM   194  O  O   . HIS A 1 33  ? 5.323   -4.654  11.864  1.00 16.53 ? 33  HIS A O   1 
ATOM   195  C  CB  . HIS A 1 33  ? 6.985   -6.061  9.535   1.00 16.36 ? 33  HIS A CB  1 
ATOM   196  C  CG  . HIS A 1 33  ? 7.133   -5.132  8.371   1.00 16.13 ? 33  HIS A CG  1 
ATOM   197  N  ND1 . HIS A 1 33  ? 6.335   -4.022  8.194   1.00 16.70 ? 33  HIS A ND1 1 
ATOM   198  C  CD2 . HIS A 1 33  ? 7.945   -5.189  7.289   1.00 17.79 ? 33  HIS A CD2 1 
ATOM   199  C  CE1 . HIS A 1 33  ? 6.648   -3.436  7.052   1.00 16.95 ? 33  HIS A CE1 1 
ATOM   200  N  NE2 . HIS A 1 33  ? 7.622   -4.124  6.483   1.00 17.79 ? 33  HIS A NE2 1 
ATOM   201  N  N   . LYS A 1 34  ? 6.735   -3.111  11.048  1.00 16.68 ? 34  LYS A N   1 
ATOM   202  C  CA  . LYS A 1 34  ? 5.845   -2.011  11.397  1.00 16.34 ? 34  LYS A CA  1 
ATOM   203  C  C   . LYS A 1 34  ? 4.547   -2.125  10.601  1.00 15.01 ? 34  LYS A C   1 
ATOM   204  O  O   . LYS A 1 34  ? 4.534   -2.659  9.491   1.00 15.85 ? 34  LYS A O   1 
ATOM   205  C  CB  . LYS A 1 34  ? 6.500   -0.660  11.085  1.00 18.43 ? 34  LYS A CB  1 
ATOM   206  C  CG  . LYS A 1 34  ? 7.682   -0.296  11.978  1.00 23.01 ? 34  LYS A CG  1 
ATOM   207  C  CD  . LYS A 1 34  ? 8.287   1.045   11.563  1.00 26.80 ? 34  LYS A CD  1 
ATOM   208  C  CE  . LYS A 1 34  ? 9.487   1.406   12.427  1.00 28.98 ? 34  LYS A CE  1 
ATOM   209  N  NZ  . LYS A 1 34  ? 9.117   1.497   13.866  1.00 31.56 ? 34  LYS A NZ  1 
ATOM   210  N  N   . PRO A 1 35  ? 3.433   -1.647  11.172  1.00 16.50 ? 35  PRO A N   1 
ATOM   211  C  CA  . PRO A 1 35  ? 2.159   -1.716  10.454  1.00 15.14 ? 35  PRO A CA  1 
ATOM   212  C  C   . PRO A 1 35  ? 2.208   -0.729  9.294   1.00 15.24 ? 35  PRO A C   1 
ATOM   213  O  O   . PRO A 1 35  ? 3.062   0.164   9.263   1.00 13.52 ? 35  PRO A O   1 
ATOM   214  C  CB  . PRO A 1 35  ? 1.135   -1.340  11.521  1.00 16.30 ? 35  PRO A CB  1 
ATOM   215  C  CG  . PRO A 1 35  ? 1.914   -0.445  12.441  1.00 17.08 ? 35  PRO A CG  1 
ATOM   216  C  CD  . PRO A 1 35  ? 3.244   -1.138  12.541  1.00 16.92 ? 35  PRO A CD  1 
ATOM   217  N  N   . ALA A 1 36  ? 1.294   -0.884  8.345   1.00 13.16 ? 36  ALA A N   1 
ATOM   218  C  CA  . ALA A 1 36  ? 1.277   -0.027  7.172   1.00 12.48 ? 36  ALA A CA  1 
ATOM   219  C  C   . ALA A 1 36  ? -0.111  0.476   6.829   1.00 11.71 ? 36  ALA A C   1 
ATOM   220  O  O   . ALA A 1 36  ? -1.107  0.080   7.436   1.00 12.48 ? 36  ALA A O   1 
ATOM   221  C  CB  . ALA A 1 36  ? 1.856   -0.788  5.973   1.00 14.01 ? 36  ALA A CB  1 
ATOM   222  N  N   . VAL A 1 37  ? -0.156  1.366   5.845   1.00 11.17 ? 37  VAL A N   1 
ATOM   223  C  CA  . VAL A 1 37  ? -1.408  1.927   5.363   1.00 12.11 ? 37  VAL A CA  1 
ATOM   224  C  C   . VAL A 1 37  ? -1.381  1.916   3.837   1.00 11.15 ? 37  VAL A C   1 
ATOM   225  O  O   . VAL A 1 37  ? -0.313  1.832   3.217   1.00 12.91 ? 37  VAL A O   1 
ATOM   226  C  CB  . VAL A 1 37  ? -1.605  3.381   5.843   1.00 12.44 ? 37  VAL A CB  1 
ATOM   227  C  CG1 . VAL A 1 37  ? -1.751  3.415   7.369   1.00 15.55 ? 37  VAL A CG1 1 
ATOM   228  C  CG2 . VAL A 1 37  ? -0.417  4.240   5.395   1.00 11.49 ? 37  VAL A CG2 1 
ATOM   229  N  N   . ALA A 1 38  ? -2.559  1.991   3.236   1.00 10.72 ? 38  ALA A N   1 
ATOM   230  C  CA  . ALA A 1 38  ? -2.685  2.024   1.782   1.00 10.27 ? 38  ALA A CA  1 
ATOM   231  C  C   . ALA A 1 38  ? -3.906  2.880   1.498   1.00 11.42 ? 38  ALA A C   1 
ATOM   232  O  O   . ALA A 1 38  ? -4.869  2.853   2.256   1.00 10.71 ? 38  ALA A O   1 
ATOM   233  C  CB  . ALA A 1 38  ? -2.877  0.613   1.221   1.00 12.33 ? 38  ALA A CB  1 
ATOM   234  N  N   . VAL A 1 39  ? -3.859  3.639   0.409   1.00 9.19  ? 39  VAL A N   1 
ATOM   235  C  CA  . VAL A 1 39  ? -4.955  4.538   0.074   1.00 10.18 ? 39  VAL A CA  1 
ATOM   236  C  C   . VAL A 1 39  ? -5.532  4.289   -1.310  1.00 10.85 ? 39  VAL A C   1 
ATOM   237  O  O   . VAL A 1 39  ? -4.822  4.369   -2.315  1.00 11.46 ? 39  VAL A O   1 
ATOM   238  C  CB  . VAL A 1 39  ? -4.472  6.007   0.154   1.00 10.00 ? 39  VAL A CB  1 
ATOM   239  C  CG1 . VAL A 1 39  ? -5.597  6.965   -0.206  1.00 11.37 ? 39  VAL A CG1 1 
ATOM   240  C  CG2 . VAL A 1 39  ? -3.947  6.298   1.557   1.00 11.27 ? 39  VAL A CG2 1 
ATOM   241  N  N   . ILE A 1 40  ? -6.831  3.997   -1.348  1.00 10.91 ? 40  ILE A N   1 
ATOM   242  C  CA  . ILE A 1 40  ? -7.547  3.763   -2.599  1.00 11.95 ? 40  ILE A CA  1 
ATOM   243  C  C   . ILE A 1 40  ? -8.152  5.097   -3.043  1.00 13.26 ? 40  ILE A C   1 
ATOM   244  O  O   . ILE A 1 40  ? -8.909  5.718   -2.296  1.00 13.98 ? 40  ILE A O   1 
ATOM   245  C  CB  . ILE A 1 40  ? -8.693  2.745   -2.402  1.00 11.51 ? 40  ILE A CB  1 
ATOM   246  C  CG1 . ILE A 1 40  ? -8.124  1.391   -1.969  1.00 10.49 ? 40  ILE A CG1 1 
ATOM   247  C  CG2 . ILE A 1 40  ? -9.496  2.605   -3.693  1.00 12.68 ? 40  ILE A CG2 1 
ATOM   248  C  CD1 . ILE A 1 40  ? -9.202  0.361   -1.606  1.00 12.42 ? 40  ILE A CD1 1 
ATOM   249  N  N   . ALA A 1 41  ? -7.811  5.543   -4.247  1.00 13.40 ? 41  ALA A N   1 
ATOM   250  C  CA  . ALA A 1 41  ? -8.333  6.814   -4.749  1.00 14.17 ? 41  ALA A CA  1 
ATOM   251  C  C   . ALA A 1 41  ? -8.759  6.707   -6.202  1.00 14.52 ? 41  ALA A C   1 
ATOM   252  O  O   . ALA A 1 41  ? -7.989  6.246   -7.049  1.00 12.79 ? 41  ALA A O   1 
ATOM   253  C  CB  . ALA A 1 41  ? -7.282  7.902   -4.595  1.00 12.63 ? 41  ALA A CB  1 
ATOM   254  N  N   . LEU A 1 42  ? -9.986  7.144   -6.487  1.00 15.02 ? 42  LEU A N   1 
ATOM   255  C  CA  . LEU A 1 42  ? -10.527 7.105   -7.839  1.00 16.82 ? 42  LEU A CA  1 
ATOM   256  C  C   . LEU A 1 42  ? -10.867 8.521   -8.296  1.00 18.54 ? 42  LEU A C   1 
ATOM   257  O  O   . LEU A 1 42  ? -11.367 9.331   -7.515  1.00 19.11 ? 42  LEU A O   1 
ATOM   258  C  CB  . LEU A 1 42  ? -11.796 6.242   -7.878  1.00 19.38 ? 42  LEU A CB  1 
ATOM   259  C  CG  . LEU A 1 42  ? -12.312 5.820   -9.257  1.00 22.07 ? 42  LEU A CG  1 
ATOM   260  C  CD1 . LEU A 1 42  ? -11.431 4.696   -9.793  1.00 21.40 ? 42  LEU A CD1 1 
ATOM   261  C  CD2 . LEU A 1 42  ? -13.757 5.348   -9.154  1.00 23.27 ? 42  LEU A CD2 1 
ATOM   262  N  N   . ARG A 1 43  ? -10.590 8.817   -9.559  1.00 19.18 ? 43  ARG A N   1 
ATOM   263  C  CA  . ARG A 1 43  ? -10.888 10.133  -10.110 1.00 19.95 ? 43  ARG A CA  1 
ATOM   264  C  C   . ARG A 1 43  ? -11.093 9.993   -11.612 1.00 19.70 ? 43  ARG A C   1 
ATOM   265  O  O   . ARG A 1 43  ? -10.229 9.482   -12.321 1.00 17.95 ? 43  ARG A O   1 
ATOM   266  C  CB  . ARG A 1 43  ? -9.745  11.111  -9.818  1.00 22.62 ? 43  ARG A CB  1 
ATOM   267  C  CG  . ARG A 1 43  ? -10.064 12.563  -10.161 1.00 27.95 ? 43  ARG A CG  1 
ATOM   268  C  CD  . ARG A 1 43  ? -8.980  13.510  -9.655  1.00 30.89 ? 43  ARG A CD  1 
ATOM   269  N  NE  . ARG A 1 43  ? -9.327  14.913  -9.875  1.00 34.74 ? 43  ARG A NE  1 
ATOM   270  C  CZ  . ARG A 1 43  ? -9.402  15.482  -11.073 1.00 34.84 ? 43  ARG A CZ  1 
ATOM   271  N  NH1 . ARG A 1 43  ? -9.153  14.770  -12.163 1.00 36.42 ? 43  ARG A NH1 1 
ATOM   272  N  NH2 . ARG A 1 43  ? -9.729  16.762  -11.183 1.00 36.83 ? 43  ARG A NH2 1 
ATOM   273  N  N   . GLU A 1 44  ? -12.254 10.436  -12.083 1.00 20.01 ? 44  GLU A N   1 
ATOM   274  C  CA  . GLU A 1 44  ? -12.597 10.353  -13.498 1.00 21.01 ? 44  GLU A CA  1 
ATOM   275  C  C   . GLU A 1 44  ? -12.428 8.926   -14.022 1.00 19.84 ? 44  GLU A C   1 
ATOM   276  O  O   . GLU A 1 44  ? -11.997 8.714   -15.158 1.00 18.31 ? 44  GLU A O   1 
ATOM   277  C  CB  . GLU A 1 44  ? -11.734 11.326  -14.315 1.00 24.49 ? 44  GLU A CB  1 
ATOM   278  C  CG  . GLU A 1 44  ? -11.767 12.762  -13.791 1.00 28.31 ? 44  GLU A CG  1 
ATOM   279  C  CD  . GLU A 1 44  ? -11.041 13.752  -14.690 1.00 31.34 ? 44  GLU A CD  1 
ATOM   280  O  OE1 . GLU A 1 44  ? -9.882  13.488  -15.075 1.00 33.92 ? 44  GLU A OE1 1 
ATOM   281  O  OE2 . GLU A 1 44  ? -11.631 14.805  -15.006 1.00 34.11 ? 44  GLU A OE2 1 
ATOM   282  N  N   . GLY A 1 45  ? -12.756 7.947   -13.181 1.00 18.45 ? 45  GLY A N   1 
ATOM   283  C  CA  . GLY A 1 45  ? -12.659 6.556   -13.594 1.00 18.07 ? 45  GLY A CA  1 
ATOM   284  C  C   . GLY A 1 45  ? -11.286 5.919   -13.502 1.00 16.81 ? 45  GLY A C   1 
ATOM   285  O  O   . GLY A 1 45  ? -11.143 4.720   -13.740 1.00 16.93 ? 45  GLY A O   1 
ATOM   286  N  N   . ARG A 1 46  ? -10.274 6.709   -13.163 1.00 16.02 ? 46  ARG A N   1 
ATOM   287  C  CA  . ARG A 1 46  ? -8.919  6.180   -13.042 1.00 15.09 ? 46  ARG A CA  1 
ATOM   288  C  C   . ARG A 1 46  ? -8.544  5.993   -11.580 1.00 13.85 ? 46  ARG A C   1 
ATOM   289  O  O   . ARG A 1 46  ? -8.892  6.812   -10.730 1.00 13.88 ? 46  ARG A O   1 
ATOM   290  C  CB  . ARG A 1 46  ? -7.905  7.130   -13.686 1.00 16.37 ? 46  ARG A CB  1 
ATOM   291  C  CG  . ARG A 1 46  ? -8.178  7.451   -15.146 1.00 21.49 ? 46  ARG A CG  1 
ATOM   292  C  CD  . ARG A 1 46  ? -7.013  8.216   -15.756 1.00 25.67 ? 46  ARG A CD  1 
ATOM   293  N  NE  . ARG A 1 46  ? -7.313  8.698   -17.102 1.00 27.17 ? 46  ARG A NE  1 
ATOM   294  C  CZ  . ARG A 1 46  ? -8.052  9.771   -17.368 1.00 29.73 ? 46  ARG A CZ  1 
ATOM   295  N  NH1 . ARG A 1 46  ? -8.569  10.483  -16.375 1.00 30.31 ? 46  ARG A NH1 1 
ATOM   296  N  NH2 . ARG A 1 46  ? -8.271  10.133  -18.627 1.00 27.18 ? 46  ARG A NH2 1 
ATOM   297  N  N   . MET A 1 47  ? -7.838  4.906   -11.289 1.00 12.45 ? 47  MET A N   1 
ATOM   298  C  CA  . MET A 1 47  ? -7.389  4.660   -9.929  1.00 12.82 ? 47  MET A CA  1 
ATOM   299  C  C   . MET A 1 47  ? -5.963  5.180   -9.812  1.00 13.06 ? 47  MET A C   1 
ATOM   300  O  O   . MET A 1 47  ? -5.189  5.144   -10.775 1.00 11.67 ? 47  MET A O   1 
ATOM   301  C  CB  . MET A 1 47  ? -7.437  3.167   -9.592  1.00 12.70 ? 47  MET A CB  1 
ATOM   302  C  CG  . MET A 1 47  ? -6.946  2.849   -8.184  1.00 13.45 ? 47  MET A CG  1 
ATOM   303  S  SD  . MET A 1 47  ? -7.527  1.236   -7.601  1.00 15.41 ? 47  MET A SD  1 
ATOM   304  C  CE  . MET A 1 47  ? -9.250  1.601   -7.279  1.00 16.00 ? 47  MET A CE  1 
ATOM   305  N  N   . LEU A 1 48  ? -5.624  5.671   -8.627  1.00 11.72 ? 48  LEU A N   1 
ATOM   306  C  CA  . LEU A 1 48  ? -4.305  6.215   -8.376  1.00 11.99 ? 48  LEU A CA  1 
ATOM   307  C  C   . LEU A 1 48  ? -3.329  5.116   -7.976  1.00 11.97 ? 48  LEU A C   1 
ATOM   308  O  O   . LEU A 1 48  ? -3.303  4.699   -6.820  1.00 13.38 ? 48  LEU A O   1 
ATOM   309  C  CB  . LEU A 1 48  ? -4.394  7.278   -7.275  1.00 13.45 ? 48  LEU A CB  1 
ATOM   310  C  CG  . LEU A 1 48  ? -3.109  7.959   -6.802  1.00 17.29 ? 48  LEU A CG  1 
ATOM   311  C  CD1 . LEU A 1 48  ? -2.419  8.632   -7.970  1.00 16.59 ? 48  LEU A CD1 1 
ATOM   312  C  CD2 . LEU A 1 48  ? -3.447  8.988   -5.730  1.00 18.92 ? 48  LEU A CD2 1 
ATOM   313  N  N   . PHE A 1 49  ? -2.555  4.624   -8.941  1.00 10.95 ? 49  PHE A N   1 
ATOM   314  C  CA  . PHE A 1 49  ? -1.554  3.594   -8.657  1.00 12.25 ? 49  PHE A CA  1 
ATOM   315  C  C   . PHE A 1 49  ? -0.187  4.267   -8.590  1.00 12.88 ? 49  PHE A C   1 
ATOM   316  O  O   . PHE A 1 49  ? -0.018  5.395   -9.056  1.00 14.08 ? 49  PHE A O   1 
ATOM   317  C  CB  . PHE A 1 49  ? -1.495  2.531   -9.765  1.00 11.40 ? 49  PHE A CB  1 
ATOM   318  C  CG  . PHE A 1 49  ? -2.755  1.736   -9.926  1.00 11.77 ? 49  PHE A CG  1 
ATOM   319  C  CD1 . PHE A 1 49  ? -3.673  2.055   -10.926 1.00 13.19 ? 49  PHE A CD1 1 
ATOM   320  C  CD2 . PHE A 1 49  ? -3.020  0.659   -9.085  1.00 12.54 ? 49  PHE A CD2 1 
ATOM   321  C  CE1 . PHE A 1 49  ? -4.836  1.310   -11.091 1.00 14.90 ? 49  PHE A CE1 1 
ATOM   322  C  CE2 . PHE A 1 49  ? -4.178  -0.094  -9.237  1.00 14.22 ? 49  PHE A CE2 1 
ATOM   323  C  CZ  . PHE A 1 49  ? -5.092  0.229   -10.246 1.00 15.17 ? 49  PHE A CZ  1 
ATOM   324  N  N   . VAL A 1 50  ? 0.777   3.576   -7.991  1.00 13.12 ? 50  VAL A N   1 
ATOM   325  C  CA  . VAL A 1 50  ? 2.149   4.070   -7.913  1.00 12.80 ? 50  VAL A CA  1 
ATOM   326  C  C   . VAL A 1 50  ? 3.071   2.886   -8.158  1.00 13.28 ? 50  VAL A C   1 
ATOM   327  O  O   . VAL A 1 50  ? 2.709   1.737   -7.891  1.00 14.05 ? 50  VAL A O   1 
ATOM   328  C  CB  . VAL A 1 50  ? 2.507   4.677   -6.522  1.00 13.79 ? 50  VAL A CB  1 
ATOM   329  C  CG1 . VAL A 1 50  ? 1.689   5.933   -6.264  1.00 15.20 ? 50  VAL A CG1 1 
ATOM   330  C  CG2 . VAL A 1 50  ? 2.294   3.638   -5.419  1.00 14.39 ? 50  VAL A CG2 1 
ATOM   331  N  N   . ARG A 1 51  ? 4.255   3.166   -8.695  1.00 13.04 ? 51  ARG A N   1 
ATOM   332  C  CA  . ARG A 1 51  ? 5.249   2.132   -8.947  1.00 15.41 ? 51  ARG A CA  1 
ATOM   333  C  C   . ARG A 1 51  ? 6.600   2.648   -8.484  1.00 16.01 ? 51  ARG A C   1 
ATOM   334  O  O   . ARG A 1 51  ? 6.867   3.846   -8.528  1.00 17.36 ? 51  ARG A O   1 
ATOM   335  C  CB  . ARG A 1 51  ? 5.334   1.788   -10.438 1.00 16.88 ? 51  ARG A CB  1 
ATOM   336  C  CG  . ARG A 1 51  ? 4.123   1.053   -10.980 1.00 20.53 ? 51  ARG A CG  1 
ATOM   337  C  CD  . ARG A 1 51  ? 4.357   0.578   -12.401 1.00 23.93 ? 51  ARG A CD  1 
ATOM   338  N  NE  . ARG A 1 51  ? 4.424   1.678   -13.361 1.00 27.52 ? 51  ARG A NE  1 
ATOM   339  C  CZ  . ARG A 1 51  ? 4.440   1.510   -14.681 1.00 29.74 ? 51  ARG A CZ  1 
ATOM   340  N  NH1 . ARG A 1 51  ? 4.400   0.286   -15.192 1.00 29.76 ? 51  ARG A NH1 1 
ATOM   341  N  NH2 . ARG A 1 51  ? 4.479   2.560   -15.491 1.00 28.97 ? 51  ARG A NH2 1 
ATOM   342  N  N   . GLN A 1 52  ? 7.452   1.740   -8.032  1.00 16.95 ? 52  GLN A N   1 
ATOM   343  C  CA  . GLN A 1 52  ? 8.782   2.125   -7.581  1.00 18.05 ? 52  GLN A CA  1 
ATOM   344  C  C   . GLN A 1 52  ? 9.647   0.884   -7.609  1.00 18.00 ? 52  GLN A C   1 
ATOM   345  O  O   . GLN A 1 52  ? 9.134   -0.229  -7.541  1.00 17.59 ? 52  GLN A O   1 
ATOM   346  C  CB  . GLN A 1 52  ? 8.724   2.696   -6.165  1.00 19.92 ? 52  GLN A CB  1 
ATOM   347  C  CG  . GLN A 1 52  ? 8.452   1.671   -5.082  1.00 22.36 ? 52  GLN A CG  1 
ATOM   348  C  CD  . GLN A 1 52  ? 8.276   2.304   -3.716  1.00 26.08 ? 52  GLN A CD  1 
ATOM   349  O  OE1 . GLN A 1 52  ? 7.161   2.613   -3.303  1.00 26.47 ? 52  GLN A OE1 1 
ATOM   350  N  NE2 . GLN A 1 52  ? 9.385   2.515   -3.014  1.00 27.00 ? 52  GLN A NE2 1 
ATOM   351  N  N   . MET A 1 53  ? 10.957  1.059   -7.730  1.00 20.11 ? 53  MET A N   1 
ATOM   352  C  CA  . MET A 1 53  ? 11.819  -0.107  -7.754  1.00 21.97 ? 53  MET A CA  1 
ATOM   353  C  C   . MET A 1 53  ? 11.728  -0.801  -6.404  1.00 19.89 ? 53  MET A C   1 
ATOM   354  O  O   . MET A 1 53  ? 11.809  -0.163  -5.351  1.00 20.83 ? 53  MET A O   1 
ATOM   355  C  CB  . MET A 1 53  ? 13.268  0.279   -8.056  1.00 26.34 ? 53  MET A CB  1 
ATOM   356  C  CG  . MET A 1 53  ? 14.179  -0.926  -8.253  1.00 33.34 ? 53  MET A CG  1 
ATOM   357  S  SD  . MET A 1 53  ? 13.442  -2.205  -9.310  1.00 42.32 ? 53  MET A SD  1 
ATOM   358  C  CE  . MET A 1 53  ? 13.744  -1.514  -10.948 1.00 39.78 ? 53  MET A CE  1 
ATOM   359  N  N   . ARG A 1 54  ? 11.533  -2.114  -6.446  1.00 18.49 ? 54  ARG A N   1 
ATOM   360  C  CA  . ARG A 1 54  ? 11.421  -2.921  -5.240  1.00 16.55 ? 54  ARG A CA  1 
ATOM   361  C  C   . ARG A 1 54  ? 12.492  -4.007  -5.294  1.00 17.27 ? 54  ARG A C   1 
ATOM   362  O  O   . ARG A 1 54  ? 12.271  -5.078  -5.849  1.00 18.16 ? 54  ARG A O   1 
ATOM   363  C  CB  . ARG A 1 54  ? 10.034  -3.568  -5.170  1.00 14.79 ? 54  ARG A CB  1 
ATOM   364  C  CG  . ARG A 1 54  ? 8.883   -2.585  -4.974  1.00 14.11 ? 54  ARG A CG  1 
ATOM   365  C  CD  . ARG A 1 54  ? 9.007   -1.863  -3.646  1.00 15.36 ? 54  ARG A CD  1 
ATOM   366  N  NE  . ARG A 1 54  ? 7.715   -1.370  -3.176  1.00 15.37 ? 54  ARG A NE  1 
ATOM   367  C  CZ  . ARG A 1 54  ? 7.544   -0.658  -2.069  1.00 15.06 ? 54  ARG A CZ  1 
ATOM   368  N  NH1 . ARG A 1 54  ? 8.588   -0.342  -1.312  1.00 16.10 ? 54  ARG A NH1 1 
ATOM   369  N  NH2 . ARG A 1 54  ? 6.324   -0.277  -1.706  1.00 17.24 ? 54  ARG A NH2 1 
ATOM   370  N  N   . PRO A 1 55  ? 13.670  -3.740  -4.711  1.00 19.32 ? 55  PRO A N   1 
ATOM   371  C  CA  . PRO A 1 55  ? 14.766  -4.715  -4.714  1.00 19.95 ? 55  PRO A CA  1 
ATOM   372  C  C   . PRO A 1 55  ? 14.403  -6.114  -4.221  1.00 20.16 ? 55  PRO A C   1 
ATOM   373  O  O   . PRO A 1 55  ? 14.981  -7.102  -4.676  1.00 19.95 ? 55  PRO A O   1 
ATOM   374  C  CB  . PRO A 1 55  ? 15.835  -4.043  -3.847  1.00 21.42 ? 55  PRO A CB  1 
ATOM   375  C  CG  . PRO A 1 55  ? 15.038  -3.161  -2.935  1.00 24.58 ? 55  PRO A CG  1 
ATOM   376  C  CD  . PRO A 1 55  ? 14.004  -2.580  -3.869  1.00 19.36 ? 55  PRO A CD  1 
ATOM   377  N  N   . ALA A 1 56  ? 13.445  -6.207  -3.305  1.00 19.82 ? 56  ALA A N   1 
ATOM   378  C  CA  . ALA A 1 56  ? 13.052  -7.511  -2.784  1.00 21.01 ? 56  ALA A CA  1 
ATOM   379  C  C   . ALA A 1 56  ? 12.437  -8.414  -3.848  1.00 21.74 ? 56  ALA A C   1 
ATOM   380  O  O   . ALA A 1 56  ? 12.551  -9.637  -3.767  1.00 22.09 ? 56  ALA A O   1 
ATOM   381  C  CB  . ALA A 1 56  ? 12.082  -7.346  -1.616  1.00 20.68 ? 56  ALA A CB  1 
ATOM   382  N  N   . VAL A 1 57  ? 11.789  -7.821  -4.848  1.00 20.54 ? 57  VAL A N   1 
ATOM   383  C  CA  . VAL A 1 57  ? 11.157  -8.617  -5.894  1.00 22.02 ? 57  VAL A CA  1 
ATOM   384  C  C   . VAL A 1 57  ? 11.843  -8.514  -7.254  1.00 22.58 ? 57  VAL A C   1 
ATOM   385  O  O   . VAL A 1 57  ? 11.582  -9.322  -8.146  1.00 24.75 ? 57  VAL A O   1 
ATOM   386  C  CB  . VAL A 1 57  ? 9.663   -8.245  -6.051  1.00 22.37 ? 57  VAL A CB  1 
ATOM   387  C  CG1 . VAL A 1 57  ? 8.933   -8.486  -4.736  1.00 23.31 ? 57  VAL A CG1 1 
ATOM   388  C  CG2 . VAL A 1 57  ? 9.525   -6.795  -6.469  1.00 22.67 ? 57  VAL A CG2 1 
ATOM   389  N  N   . GLY A 1 58  ? 12.713  -7.521  -7.412  1.00 22.99 ? 58  GLY A N   1 
ATOM   390  C  CA  . GLY A 1 58  ? 13.431  -7.360  -8.665  1.00 23.84 ? 58  GLY A CA  1 
ATOM   391  C  C   . GLY A 1 58  ? 12.666  -6.676  -9.782  1.00 24.02 ? 58  GLY A C   1 
ATOM   392  O  O   . GLY A 1 58  ? 13.110  -6.673  -10.932 1.00 24.41 ? 58  GLY A O   1 
ATOM   393  N  N   . LEU A 1 59  ? 11.519  -6.093  -9.454  1.00 23.39 ? 59  LEU A N   1 
ATOM   394  C  CA  . LEU A 1 59  ? 10.710  -5.399  -10.446 1.00 21.78 ? 59  LEU A CA  1 
ATOM   395  C  C   . LEU A 1 59  ? 9.805   -4.379  -9.767  1.00 21.19 ? 59  LEU A C   1 
ATOM   396  O  O   . LEU A 1 59  ? 9.797   -4.270  -8.540  1.00 21.15 ? 59  LEU A O   1 
ATOM   397  C  CB  . LEU A 1 59  ? 9.886   -6.409  -11.254 1.00 23.54 ? 59  LEU A CB  1 
ATOM   398  C  CG  . LEU A 1 59  ? 9.010   -7.430  -10.523 1.00 24.16 ? 59  LEU A CG  1 
ATOM   399  C  CD1 . LEU A 1 59  ? 7.785   -6.751  -9.923  1.00 25.03 ? 59  LEU A CD1 1 
ATOM   400  C  CD2 . LEU A 1 59  ? 8.575   -8.502  -11.508 1.00 25.86 ? 59  LEU A CD2 1 
ATOM   401  N  N   . ALA A 1 60  ? 9.051   -3.626  -10.562 1.00 18.92 ? 60  ALA A N   1 
ATOM   402  C  CA  . ALA A 1 60  ? 8.158   -2.609  -10.014 1.00 17.80 ? 60  ALA A CA  1 
ATOM   403  C  C   . ALA A 1 60  ? 6.693   -2.984  -10.198 1.00 15.96 ? 60  ALA A C   1 
ATOM   404  O  O   . ALA A 1 60  ? 6.110   -2.745  -11.251 1.00 18.04 ? 60  ALA A O   1 
ATOM   405  C  CB  . ALA A 1 60  ? 8.437   -1.260  -10.671 1.00 19.39 ? 60  ALA A CB  1 
ATOM   406  N  N   . PRO A 1 61  ? 6.078   -3.580  -9.167  1.00 15.50 ? 61  PRO A N   1 
ATOM   407  C  CA  . PRO A 1 61  ? 4.670   -3.962  -9.281  1.00 15.61 ? 61  PRO A CA  1 
ATOM   408  C  C   . PRO A 1 61  ? 3.748   -2.757  -9.202  1.00 15.02 ? 61  PRO A C   1 
ATOM   409  O  O   . PRO A 1 61  ? 4.167   -1.669  -8.803  1.00 14.29 ? 61  PRO A O   1 
ATOM   410  C  CB  . PRO A 1 61  ? 4.474   -4.904  -8.099  1.00 16.66 ? 61  PRO A CB  1 
ATOM   411  C  CG  . PRO A 1 61  ? 5.397   -4.328  -7.067  1.00 17.53 ? 61  PRO A CG  1 
ATOM   412  C  CD  . PRO A 1 61  ? 6.638   -3.992  -7.866  1.00 16.89 ? 61  PRO A CD  1 
ATOM   413  N  N   . LEU A 1 62  ? 2.494   -2.959  -9.591  1.00 13.01 ? 62  LEU A N   1 
ATOM   414  C  CA  . LEU A 1 62  ? 1.499   -1.901  -9.531  1.00 13.33 ? 62  LEU A CA  1 
ATOM   415  C  C   . LEU A 1 62  ? 0.948   -1.906  -8.105  1.00 11.70 ? 62  LEU A C   1 
ATOM   416  O  O   . LEU A 1 62  ? 0.390   -2.904  -7.648  1.00 11.78 ? 62  LEU A O   1 
ATOM   417  C  CB  . LEU A 1 62  ? 0.370   -2.174  -10.527 1.00 15.24 ? 62  LEU A CB  1 
ATOM   418  C  CG  . LEU A 1 62  ? -0.485  -0.977  -10.940 1.00 18.44 ? 62  LEU A CG  1 
ATOM   419  C  CD1 . LEU A 1 62  ? 0.378   0.030   -11.703 1.00 16.69 ? 62  LEU A CD1 1 
ATOM   420  C  CD2 . LEU A 1 62  ? -1.638  -1.455  -11.813 1.00 19.39 ? 62  LEU A CD2 1 
ATOM   421  N  N   . GLU A 1 63  ? 1.129   -0.794  -7.403  1.00 10.59 ? 63  GLU A N   1 
ATOM   422  C  CA  . GLU A 1 63  ? 0.659   -0.653  -6.027  1.00 10.03 ? 63  GLU A CA  1 
ATOM   423  C  C   . GLU A 1 63  ? -0.207  0.598   -5.956  1.00 11.27 ? 63  GLU A C   1 
ATOM   424  O  O   . GLU A 1 63  ? -0.454  1.243   -6.971  1.00 11.54 ? 63  GLU A O   1 
ATOM   425  C  CB  . GLU A 1 63  ? 1.857   -0.477  -5.083  1.00 12.19 ? 63  GLU A CB  1 
ATOM   426  C  CG  . GLU A 1 63  ? 2.952   -1.520  -5.259  1.00 12.92 ? 63  GLU A CG  1 
ATOM   427  C  CD  . GLU A 1 63  ? 4.101   -1.350  -4.274  1.00 15.90 ? 63  GLU A CD  1 
ATOM   428  O  OE1 . GLU A 1 63  ? 3.848   -0.962  -3.112  1.00 14.19 ? 63  GLU A OE1 1 
ATOM   429  O  OE2 . GLU A 1 63  ? 5.260   -1.624  -4.660  1.00 15.72 ? 63  GLU A OE2 1 
ATOM   430  N  N   . ILE A 1 64  ? -0.696  0.915   -4.760  1.00 12.22 ? 64  ILE A N   1 
ATOM   431  C  CA  . ILE A 1 64  ? -1.455  2.145   -4.564  1.00 11.78 ? 64  ILE A CA  1 
ATOM   432  C  C   . ILE A 1 64  ? -0.660  2.877   -3.488  1.00 11.86 ? 64  ILE A C   1 
ATOM   433  O  O   . ILE A 1 64  ? 0.181   2.273   -2.820  1.00 11.61 ? 64  ILE A O   1 
ATOM   434  C  CB  . ILE A 1 64  ? -2.927  1.897   -4.111  1.00 11.47 ? 64  ILE A CB  1 
ATOM   435  C  CG1 . ILE A 1 64  ? -2.989  0.966   -2.900  1.00 11.30 ? 64  ILE A CG1 1 
ATOM   436  C  CG2 . ILE A 1 64  ? -3.732  1.339   -5.284  1.00 11.63 ? 64  ILE A CG2 1 
ATOM   437  C  CD1 . ILE A 1 64  ? -4.425  0.726   -2.416  1.00 12.41 ? 64  ILE A CD1 1 
ATOM   438  N  N   . PRO A 1 65  ? -0.884  4.187   -3.321  1.00 11.53 ? 65  PRO A N   1 
ATOM   439  C  CA  . PRO A 1 65  ? -0.124  4.908   -2.296  1.00 11.46 ? 65  PRO A CA  1 
ATOM   440  C  C   . PRO A 1 65  ? -0.156  4.169   -0.963  1.00 12.05 ? 65  PRO A C   1 
ATOM   441  O  O   . PRO A 1 65  ? -1.224  3.837   -0.441  1.00 12.40 ? 65  PRO A O   1 
ATOM   442  C  CB  . PRO A 1 65  ? -0.819  6.264   -2.246  1.00 11.56 ? 65  PRO A CB  1 
ATOM   443  C  CG  . PRO A 1 65  ? -1.250  6.447   -3.681  1.00 11.47 ? 65  PRO A CG  1 
ATOM   444  C  CD  . PRO A 1 65  ? -1.826  5.086   -4.011  1.00 11.95 ? 65  PRO A CD  1 
ATOM   445  N  N   . ALA A 1 66  ? 1.025   3.914   -0.418  1.00 12.10 ? 66  ALA A N   1 
ATOM   446  C  CA  . ALA A 1 66  ? 1.133   3.169   0.825   1.00 12.34 ? 66  ALA A CA  1 
ATOM   447  C  C   . ALA A 1 66  ? 2.480   3.400   1.486   1.00 12.36 ? 66  ALA A C   1 
ATOM   448  O  O   . ALA A 1 66  ? 3.401   3.939   0.876   1.00 14.69 ? 66  ALA A O   1 
ATOM   449  C  CB  . ALA A 1 66  ? 0.947   1.677   0.539   1.00 13.03 ? 66  ALA A CB  1 
ATOM   450  N  N   . GLY A 1 67  ? 2.588   2.976   2.738   1.00 12.50 ? 67  GLY A N   1 
ATOM   451  C  CA  . GLY A 1 67  ? 3.835   3.139   3.458   1.00 12.47 ? 67  GLY A CA  1 
ATOM   452  C  C   . GLY A 1 67  ? 3.675   2.736   4.904   1.00 12.81 ? 67  GLY A C   1 
ATOM   453  O  O   . GLY A 1 67  ? 2.592   2.344   5.333   1.00 12.16 ? 67  GLY A O   1 
ATOM   454  N  N   . LEU A 1 68  ? 4.761   2.836   5.659   1.00 13.38 ? 68  LEU A N   1 
ATOM   455  C  CA  . LEU A 1 68  ? 4.752   2.473   7.066   1.00 15.48 ? 68  LEU A CA  1 
ATOM   456  C  C   . LEU A 1 68  ? 4.163   3.563   7.952   1.00 17.05 ? 68  LEU A C   1 
ATOM   457  O  O   . LEU A 1 68  ? 4.160   4.744   7.594   1.00 17.19 ? 68  LEU A O   1 
ATOM   458  C  CB  . LEU A 1 68  ? 6.179   2.177   7.531   1.00 17.54 ? 68  LEU A CB  1 
ATOM   459  C  CG  . LEU A 1 68  ? 6.830   0.830   7.206   1.00 22.61 ? 68  LEU A CG  1 
ATOM   460  C  CD1 . LEU A 1 68  ? 6.535   0.399   5.784   1.00 25.44 ? 68  LEU A CD1 1 
ATOM   461  C  CD2 . LEU A 1 68  ? 8.334   0.958   7.443   1.00 22.43 ? 68  LEU A CD2 1 
ATOM   462  N  N   . ILE A 1 69  ? 3.656   3.148   9.107   1.00 15.60 ? 69  ILE A N   1 
ATOM   463  C  CA  . ILE A 1 69  ? 3.110   4.078   10.080  1.00 16.81 ? 69  ILE A CA  1 
ATOM   464  C  C   . ILE A 1 69  ? 4.294   4.411   10.976  1.00 18.89 ? 69  ILE A C   1 
ATOM   465  O  O   . ILE A 1 69  ? 4.908   3.512   11.555  1.00 19.79 ? 69  ILE A O   1 
ATOM   466  C  CB  . ILE A 1 69  ? 2.005   3.431   10.940  1.00 16.00 ? 69  ILE A CB  1 
ATOM   467  C  CG1 . ILE A 1 69  ? 0.840   2.987   10.051  1.00 15.31 ? 69  ILE A CG1 1 
ATOM   468  C  CG2 . ILE A 1 69  ? 1.525   4.422   12.000  1.00 15.13 ? 69  ILE A CG2 1 
ATOM   469  C  CD1 . ILE A 1 69  ? -0.309  2.354   10.816  1.00 16.68 ? 69  ILE A CD1 1 
ATOM   470  N  N   . GLU A 1 70  ? 4.617   5.695   11.086  1.00 18.44 ? 70  GLU A N   1 
ATOM   471  C  CA  . GLU A 1 70  ? 5.747   6.123   11.906  1.00 20.47 ? 70  GLU A CA  1 
ATOM   472  C  C   . GLU A 1 70  ? 5.351   6.289   13.371  1.00 19.22 ? 70  GLU A C   1 
ATOM   473  O  O   . GLU A 1 70  ? 4.169   6.397   13.701  1.00 18.26 ? 70  GLU A O   1 
ATOM   474  C  CB  . GLU A 1 70  ? 6.309   7.443   11.368  1.00 22.53 ? 70  GLU A CB  1 
ATOM   475  C  CG  . GLU A 1 70  ? 6.862   7.383   9.938   1.00 29.98 ? 70  GLU A CG  1 
ATOM   476  C  CD  . GLU A 1 70  ? 8.046   6.440   9.793   1.00 32.29 ? 70  GLU A CD  1 
ATOM   477  O  OE1 . GLU A 1 70  ? 8.927   6.446   10.678  1.00 36.91 ? 70  GLU A OE1 1 
ATOM   478  O  OE2 . GLU A 1 70  ? 8.109   5.699   8.787   1.00 36.18 ? 70  GLU A OE2 1 
ATOM   479  N  N   . PRO A 1 71  ? 6.340   6.297   14.277  1.00 21.05 ? 71  PRO A N   1 
ATOM   480  C  CA  . PRO A 1 71  ? 6.020   6.458   15.697  1.00 20.22 ? 71  PRO A CA  1 
ATOM   481  C  C   . PRO A 1 71  ? 5.253   7.749   15.947  1.00 19.84 ? 71  PRO A C   1 
ATOM   482  O  O   . PRO A 1 71  ? 5.602   8.797   15.403  1.00 19.88 ? 71  PRO A O   1 
ATOM   483  C  CB  . PRO A 1 71  ? 7.397   6.445   16.368  1.00 22.20 ? 71  PRO A CB  1 
ATOM   484  C  CG  . PRO A 1 71  ? 8.319   6.918   15.292  1.00 24.41 ? 71  PRO A CG  1 
ATOM   485  C  CD  . PRO A 1 71  ? 7.795   6.202   14.074  1.00 21.84 ? 71  PRO A CD  1 
ATOM   486  N  N   . GLY A 1 72  ? 4.200   7.658   16.756  1.00 19.10 ? 72  GLY A N   1 
ATOM   487  C  CA  . GLY A 1 72  ? 3.390   8.822   17.070  1.00 20.30 ? 72  GLY A CA  1 
ATOM   488  C  C   . GLY A 1 72  ? 2.168   8.959   16.182  1.00 20.93 ? 72  GLY A C   1 
ATOM   489  O  O   . GLY A 1 72  ? 1.232   9.691   16.504  1.00 21.60 ? 72  GLY A O   1 
ATOM   490  N  N   . GLU A 1 73  ? 2.175   8.241   15.064  1.00 19.45 ? 73  GLU A N   1 
ATOM   491  C  CA  . GLU A 1 73  ? 1.082   8.277   14.096  1.00 19.23 ? 73  GLU A CA  1 
ATOM   492  C  C   . GLU A 1 73  ? 0.044   7.180   14.245  1.00 17.79 ? 73  GLU A C   1 
ATOM   493  O  O   . GLU A 1 73  ? 0.370   6.054   14.634  1.00 19.71 ? 73  GLU A O   1 
ATOM   494  C  CB  . GLU A 1 73  ? 1.629   8.135   12.679  1.00 20.56 ? 73  GLU A CB  1 
ATOM   495  C  CG  . GLU A 1 73  ? 2.217   9.357   12.060  1.00 18.54 ? 73  GLU A CG  1 
ATOM   496  C  CD  . GLU A 1 73  ? 2.563   9.112   10.604  1.00 18.21 ? 73  GLU A CD  1 
ATOM   497  O  OE1 . GLU A 1 73  ? 2.507   10.073  9.814   1.00 17.27 ? 73  GLU A OE1 1 
ATOM   498  O  OE2 . GLU A 1 73  ? 2.895   7.955   10.255  1.00 15.88 ? 73  GLU A OE2 1 
ATOM   499  N  N   . ASP A 1 74  ? -1.207  7.509   13.937  1.00 16.56 ? 74  ASP A N   1 
ATOM   500  C  CA  . ASP A 1 74  ? -2.247  6.492   13.932  1.00 16.78 ? 74  ASP A CA  1 
ATOM   501  C  C   . ASP A 1 74  ? -2.425  6.230   12.438  1.00 15.66 ? 74  ASP A C   1 
ATOM   502  O  O   . ASP A 1 74  ? -1.863  6.952   11.611  1.00 15.97 ? 74  ASP A O   1 
ATOM   503  C  CB  . ASP A 1 74  ? -3.551  6.945   14.614  1.00 18.54 ? 74  ASP A CB  1 
ATOM   504  C  CG  . ASP A 1 74  ? -4.186  8.161   13.977  1.00 19.58 ? 74  ASP A CG  1 
ATOM   505  O  OD1 . ASP A 1 74  ? -4.082  8.348   12.748  1.00 19.22 ? 74  ASP A OD1 1 
ATOM   506  O  OD2 . ASP A 1 74  ? -4.831  8.925   14.729  1.00 23.67 ? 74  ASP A OD2 1 
ATOM   507  N  N   . PRO A 1 75  ? -3.178  5.189   12.064  1.00 14.49 ? 75  PRO A N   1 
ATOM   508  C  CA  . PRO A 1 75  ? -3.369  4.883   10.642  1.00 13.87 ? 75  PRO A CA  1 
ATOM   509  C  C   . PRO A 1 75  ? -3.867  6.020   9.754   1.00 13.31 ? 75  PRO A C   1 
ATOM   510  O  O   . PRO A 1 75  ? -3.356  6.223   8.649   1.00 13.07 ? 75  PRO A O   1 
ATOM   511  C  CB  . PRO A 1 75  ? -4.336  3.701   10.680  1.00 14.77 ? 75  PRO A CB  1 
ATOM   512  C  CG  . PRO A 1 75  ? -3.942  3.010   11.964  1.00 14.75 ? 75  PRO A CG  1 
ATOM   513  C  CD  . PRO A 1 75  ? -3.840  4.179   12.907  1.00 15.04 ? 75  PRO A CD  1 
ATOM   514  N  N   . LEU A 1 76  ? -4.863  6.760   10.225  1.00 13.83 ? 76  LEU A N   1 
ATOM   515  C  CA  . LEU A 1 76  ? -5.411  7.856   9.435   1.00 14.44 ? 76  LEU A CA  1 
ATOM   516  C  C   . LEU A 1 76  ? -4.362  8.912   9.097   1.00 13.84 ? 76  LEU A C   1 
ATOM   517  O  O   . LEU A 1 76  ? -4.289  9.389   7.965   1.00 14.12 ? 76  LEU A O   1 
ATOM   518  C  CB  . LEU A 1 76  ? -6.575  8.512   10.183  1.00 16.07 ? 76  LEU A CB  1 
ATOM   519  C  CG  . LEU A 1 76  ? -7.159  9.761   9.519   1.00 17.66 ? 76  LEU A CG  1 
ATOM   520  C  CD1 . LEU A 1 76  ? -7.702  9.407   8.142   1.00 18.66 ? 76  LEU A CD1 1 
ATOM   521  C  CD2 . LEU A 1 76  ? -8.266  10.344  10.397  1.00 19.29 ? 76  LEU A CD2 1 
ATOM   522  N  N   . GLU A 1 77  ? -3.562  9.283   10.091  1.00 13.26 ? 77  GLU A N   1 
ATOM   523  C  CA  . GLU A 1 77  ? -2.519  10.283  9.906   1.00 12.83 ? 77  GLU A CA  1 
ATOM   524  C  C   . GLU A 1 77  ? -1.442  9.774   8.954   1.00 11.53 ? 77  GLU A C   1 
ATOM   525  O  O   . GLU A 1 77  ? -0.941  10.521  8.115   1.00 12.71 ? 77  GLU A O   1 
ATOM   526  C  CB  . GLU A 1 77  ? -1.928  10.647  11.269  1.00 13.27 ? 77  GLU A CB  1 
ATOM   527  C  CG  . GLU A 1 77  ? -2.989  11.235  12.197  1.00 14.36 ? 77  GLU A CG  1 
ATOM   528  C  CD  . GLU A 1 77  ? -2.574  11.303  13.654  1.00 15.14 ? 77  GLU A CD  1 
ATOM   529  O  OE1 . GLU A 1 77  ? -1.740  10.481  14.088  1.00 16.18 ? 77  GLU A OE1 1 
ATOM   530  O  OE2 . GLU A 1 77  ? -3.110  12.169  14.380  1.00 15.07 ? 77  GLU A OE2 1 
ATOM   531  N  N   . ALA A 1 78  ? -1.093  8.499   9.083   1.00 10.83 ? 78  ALA A N   1 
ATOM   532  C  CA  . ALA A 1 78  ? -0.092  7.903   8.210   1.00 10.75 ? 78  ALA A CA  1 
ATOM   533  C  C   . ALA A 1 78  ? -0.611  7.868   6.773   1.00 12.55 ? 78  ALA A C   1 
ATOM   534  O  O   . ALA A 1 78  ? 0.147   8.092   5.826   1.00 13.64 ? 78  ALA A O   1 
ATOM   535  C  CB  . ALA A 1 78  ? 0.240   6.485   8.686   1.00 11.58 ? 78  ALA A CB  1 
ATOM   536  N  N   . ALA A 1 79  ? -1.903  7.589   6.611   1.00 12.35 ? 79  ALA A N   1 
ATOM   537  C  CA  . ALA A 1 79  ? -2.496  7.528   5.272   1.00 12.61 ? 79  ALA A CA  1 
ATOM   538  C  C   . ALA A 1 79  ? -2.424  8.893   4.596   1.00 13.99 ? 79  ALA A C   1 
ATOM   539  O  O   . ALA A 1 79  ? -2.084  8.995   3.418   1.00 14.70 ? 79  ALA A O   1 
ATOM   540  C  CB  . ALA A 1 79  ? -3.946  7.059   5.353   1.00 14.51 ? 79  ALA A CB  1 
ATOM   541  N  N   . ARG A 1 80  ? -2.743  9.938   5.353   1.00 14.18 ? 80  ARG A N   1 
ATOM   542  C  CA  . ARG A 1 80  ? -2.696  11.307  4.839   1.00 15.01 ? 80  ARG A CA  1 
ATOM   543  C  C   . ARG A 1 80  ? -1.283  11.630  4.368   1.00 13.44 ? 80  ARG A C   1 
ATOM   544  O  O   . ARG A 1 80  ? -1.081  12.191  3.285   1.00 14.45 ? 80  ARG A O   1 
ATOM   545  C  CB  . ARG A 1 80  ? -3.076  12.301  5.941   1.00 17.49 ? 80  ARG A CB  1 
ATOM   546  C  CG  . ARG A 1 80  ? -2.758  13.754  5.593   1.00 24.88 ? 80  ARG A CG  1 
ATOM   547  C  CD  . ARG A 1 80  ? -2.499  14.595  6.841   1.00 28.37 ? 80  ARG A CD  1 
ATOM   548  N  NE  . ARG A 1 80  ? -1.234  14.256  7.499   1.00 30.82 ? 80  ARG A NE  1 
ATOM   549  C  CZ  . ARG A 1 80  ? -0.028  14.539  7.011   1.00 31.60 ? 80  ARG A CZ  1 
ATOM   550  N  NH1 . ARG A 1 80  ? 0.095   15.172  5.850   1.00 30.36 ? 80  ARG A NH1 1 
ATOM   551  N  NH2 . ARG A 1 80  ? 1.062   14.193  7.688   1.00 30.70 ? 80  ARG A NH2 1 
ATOM   552  N  N   . ARG A 1 81  ? -0.306  11.276  5.194   1.00 12.64 ? 81  ARG A N   1 
ATOM   553  C  CA  . ARG A 1 81  ? 1.089   11.551  4.880   1.00 13.39 ? 81  ARG A CA  1 
ATOM   554  C  C   . ARG A 1 81  ? 1.583   10.787  3.660   1.00 13.56 ? 81  ARG A C   1 
ATOM   555  O  O   . ARG A 1 81  ? 2.194   11.372  2.767   1.00 14.72 ? 81  ARG A O   1 
ATOM   556  C  CB  . ARG A 1 81  ? 1.986   11.234  6.081   1.00 13.99 ? 81  ARG A CB  1 
ATOM   557  C  CG  . ARG A 1 81  ? 3.465   11.498  5.820   1.00 13.03 ? 81  ARG A CG  1 
ATOM   558  C  CD  . ARG A 1 81  ? 4.292   11.297  7.081   1.00 13.76 ? 81  ARG A CD  1 
ATOM   559  N  NE  . ARG A 1 81  ? 4.094   9.969   7.652   1.00 14.17 ? 81  ARG A NE  1 
ATOM   560  C  CZ  . ARG A 1 81  ? 4.641   8.853   7.180   1.00 15.94 ? 81  ARG A CZ  1 
ATOM   561  N  NH1 . ARG A 1 81  ? 5.441   8.892   6.121   1.00 17.03 ? 81  ARG A NH1 1 
ATOM   562  N  NH2 . ARG A 1 81  ? 4.374   7.690   7.763   1.00 17.42 ? 81  ARG A NH2 1 
ATOM   563  N  N   . GLN A 1 82  ? 1.313   9.487   3.607   1.00 13.54 ? 82  GLN A N   1 
ATOM   564  C  CA  . GLN A 1 82  ? 1.772   8.706   2.464   1.00 14.55 ? 82  GLN A CA  1 
ATOM   565  C  C   . GLN A 1 82  ? 1.181   9.257   1.167   1.00 14.61 ? 82  GLN A C   1 
ATOM   566  O  O   . GLN A 1 82  ? 1.873   9.374   0.154   1.00 14.99 ? 82  GLN A O   1 
ATOM   567  C  CB  . GLN A 1 82  ? 1.401   7.230   2.633   1.00 16.04 ? 82  GLN A CB  1 
ATOM   568  C  CG  . GLN A 1 82  ? 2.111   6.525   3.794   1.00 18.69 ? 82  GLN A CG  1 
ATOM   569  C  CD  . GLN A 1 82  ? 3.634   6.539   3.682   1.00 20.14 ? 82  GLN A CD  1 
ATOM   570  O  OE1 . GLN A 1 82  ? 4.197   6.896   2.647   1.00 20.77 ? 82  GLN A OE1 1 
ATOM   571  N  NE2 . GLN A 1 82  ? 4.306   6.133   4.755   1.00 22.66 ? 82  GLN A NE2 1 
ATOM   572  N  N   . LEU A 1 83  ? -0.099  9.604   1.198   1.00 12.77 ? 83  LEU A N   1 
ATOM   573  C  CA  . LEU A 1 83  ? -0.747  10.141  0.013   1.00 13.37 ? 83  LEU A CA  1 
ATOM   574  C  C   . LEU A 1 83  ? -0.063  11.438  -0.418  1.00 14.06 ? 83  LEU A C   1 
ATOM   575  O  O   . LEU A 1 83  ? 0.252   11.628  -1.600  1.00 15.83 ? 83  LEU A O   1 
ATOM   576  C  CB  . LEU A 1 83  ? -2.234  10.402  0.292   1.00 12.64 ? 83  LEU A CB  1 
ATOM   577  C  CG  . LEU A 1 83  ? -3.051  10.895  -0.908  1.00 14.53 ? 83  LEU A CG  1 
ATOM   578  C  CD1 . LEU A 1 83  ? -3.087  9.811   -1.977  1.00 14.78 ? 83  LEU A CD1 1 
ATOM   579  C  CD2 . LEU A 1 83  ? -4.464  11.260  -0.468  1.00 15.41 ? 83  LEU A CD2 1 
ATOM   580  N  N   . ALA A 1 84  ? 0.184   12.327  0.539   1.00 14.01 ? 84  ALA A N   1 
ATOM   581  C  CA  . ALA A 1 84  ? 0.819   13.606  0.232   1.00 14.72 ? 84  ALA A CA  1 
ATOM   582  C  C   . ALA A 1 84  ? 2.266   13.477  -0.227  1.00 16.28 ? 84  ALA A C   1 
ATOM   583  O  O   . ALA A 1 84  ? 2.680   14.134  -1.182  1.00 17.53 ? 84  ALA A O   1 
ATOM   584  C  CB  . ALA A 1 84  ? 0.748   14.531  1.448   1.00 15.31 ? 84  ALA A CB  1 
ATOM   585  N  N   . GLU A 1 85  ? 3.035   12.635  0.451   1.00 15.31 ? 85  GLU A N   1 
ATOM   586  C  CA  . GLU A 1 85  ? 4.442   12.467  0.109   1.00 16.85 ? 85  GLU A CA  1 
ATOM   587  C  C   . GLU A 1 85  ? 4.669   11.720  -1.196  1.00 17.95 ? 85  GLU A C   1 
ATOM   588  O  O   . GLU A 1 85  ? 5.603   12.025  -1.940  1.00 18.41 ? 85  GLU A O   1 
ATOM   589  C  CB  . GLU A 1 85  ? 5.184   11.758  1.243   1.00 18.15 ? 85  GLU A CB  1 
ATOM   590  C  CG  . GLU A 1 85  ? 5.150   12.516  2.566   1.00 19.06 ? 85  GLU A CG  1 
ATOM   591  C  CD  . GLU A 1 85  ? 6.112   11.951  3.597   1.00 21.57 ? 85  GLU A CD  1 
ATOM   592  O  OE1 . GLU A 1 85  ? 6.230   10.709  3.692   1.00 20.18 ? 85  GLU A OE1 1 
ATOM   593  O  OE2 . GLU A 1 85  ? 6.743   12.751  4.325   1.00 21.74 ? 85  GLU A OE2 1 
ATOM   594  N  N   . GLU A 1 86  ? 3.811   10.751  -1.490  1.00 16.10 ? 86  GLU A N   1 
ATOM   595  C  CA  . GLU A 1 86  ? 3.981   9.981   -2.715  1.00 16.22 ? 86  GLU A CA  1 
ATOM   596  C  C   . GLU A 1 86  ? 3.307   10.577  -3.945  1.00 16.97 ? 86  GLU A C   1 
ATOM   597  O  O   . GLU A 1 86  ? 3.790   10.384  -5.061  1.00 16.52 ? 86  GLU A O   1 
ATOM   598  C  CB  . GLU A 1 86  ? 3.496   8.537   -2.511  1.00 15.55 ? 86  GLU A CB  1 
ATOM   599  C  CG  . GLU A 1 86  ? 4.268   7.770   -1.431  1.00 17.03 ? 86  GLU A CG  1 
ATOM   600  C  CD  . GLU A 1 86  ? 4.088   6.261   -1.533  1.00 19.65 ? 86  GLU A CD  1 
ATOM   601  O  OE1 . GLU A 1 86  ? 2.991   5.816   -1.928  1.00 19.66 ? 86  GLU A OE1 1 
ATOM   602  O  OE2 . GLU A 1 86  ? 5.040   5.514   -1.209  1.00 20.18 ? 86  GLU A OE2 1 
ATOM   603  N  N   . THR A 1 87  ? 2.221   11.322  -3.754  1.00 16.46 ? 87  THR A N   1 
ATOM   604  C  CA  . THR A 1 87  ? 1.500   11.887  -4.895  1.00 16.81 ? 87  THR A CA  1 
ATOM   605  C  C   . THR A 1 87  ? 1.242   13.387  -4.836  1.00 18.44 ? 87  THR A C   1 
ATOM   606  O  O   . THR A 1 87  ? 0.809   13.982  -5.825  1.00 19.37 ? 87  THR A O   1 
ATOM   607  C  CB  . THR A 1 87  ? 0.140   11.180  -5.083  1.00 18.97 ? 87  THR A CB  1 
ATOM   608  O  OG1 . THR A 1 87  ? -0.770  11.598  -4.053  1.00 18.51 ? 87  THR A OG1 1 
ATOM   609  C  CG2 . THR A 1 87  ? 0.318   9.670   -5.001  1.00 18.23 ? 87  THR A CG2 1 
ATOM   610  N  N   . GLY A 1 88  ? 1.496   13.997  -3.683  1.00 16.70 ? 88  GLY A N   1 
ATOM   611  C  CA  . GLY A 1 88  ? 1.271   15.426  -3.541  1.00 17.82 ? 88  GLY A CA  1 
ATOM   612  C  C   . GLY A 1 88  ? -0.197  15.792  -3.411  1.00 18.62 ? 88  GLY A C   1 
ATOM   613  O  O   . GLY A 1 88  ? -0.580  16.949  -3.599  1.00 18.83 ? 88  GLY A O   1 
ATOM   614  N  N   . LEU A 1 89  ? -1.024  14.811  -3.067  1.00 16.34 ? 89  LEU A N   1 
ATOM   615  C  CA  . LEU A 1 89  ? -2.453  15.045  -2.931  1.00 16.78 ? 89  LEU A CA  1 
ATOM   616  C  C   . LEU A 1 89  ? -2.968  14.884  -1.512  1.00 17.66 ? 89  LEU A C   1 
ATOM   617  O  O   . LEU A 1 89  ? -2.314  14.292  -0.662  1.00 16.89 ? 89  LEU A O   1 
ATOM   618  C  CB  . LEU A 1 89  ? -3.221  14.085  -3.836  1.00 17.42 ? 89  LEU A CB  1 
ATOM   619  C  CG  . LEU A 1 89  ? -2.838  14.142  -5.312  1.00 16.46 ? 89  LEU A CG  1 
ATOM   620  C  CD1 . LEU A 1 89  ? -3.641  13.112  -6.084  1.00 17.62 ? 89  LEU A CD1 1 
ATOM   621  C  CD2 . LEU A 1 89  ? -3.098  15.539  -5.850  1.00 18.16 ? 89  LEU A CD2 1 
ATOM   622  N  N   . SER A 1 90  ? -4.153  15.433  -1.276  1.00 19.38 ? 90  SER A N   1 
ATOM   623  C  CA  . SER A 1 90  ? -4.816  15.329  0.014   1.00 21.16 ? 90  SER A CA  1 
ATOM   624  C  C   . SER A 1 90  ? -6.277  15.096  -0.328  1.00 22.37 ? 90  SER A C   1 
ATOM   625  O  O   . SER A 1 90  ? -6.728  15.445  -1.417  1.00 21.78 ? 90  SER A O   1 
ATOM   626  C  CB  . SER A 1 90  ? -4.671  16.621  0.819   1.00 24.49 ? 90  SER A CB  1 
ATOM   627  O  OG  . SER A 1 90  ? -5.443  17.658  0.238   1.00 29.57 ? 90  SER A OG  1 
ATOM   628  N  N   . GLY A 1 91  ? -7.020  14.497  0.591   1.00 22.03 ? 91  GLY A N   1 
ATOM   629  C  CA  . GLY A 1 91  ? -8.424  14.253  0.330   1.00 21.48 ? 91  GLY A CA  1 
ATOM   630  C  C   . GLY A 1 91  ? -9.153  13.881  1.601   1.00 21.23 ? 91  GLY A C   1 
ATOM   631  O  O   . GLY A 1 91  ? -8.563  13.883  2.679   1.00 22.46 ? 91  GLY A O   1 
ATOM   632  N  N   . ASP A 1 92  ? -10.443 13.592  1.477   1.00 20.52 ? 92  ASP A N   1 
ATOM   633  C  CA  . ASP A 1 92  ? -11.242 13.184  2.624   1.00 21.57 ? 92  ASP A CA  1 
ATOM   634  C  C   . ASP A 1 92  ? -11.055 11.675  2.717   1.00 19.85 ? 92  ASP A C   1 
ATOM   635  O  O   . ASP A 1 92  ? -11.443 10.945  1.809   1.00 19.82 ? 92  ASP A O   1 
ATOM   636  C  CB  . ASP A 1 92  ? -12.716 13.524  2.398   1.00 23.96 ? 92  ASP A CB  1 
ATOM   637  C  CG  . ASP A 1 92  ? -12.952 15.017  2.236   1.00 26.30 ? 92  ASP A CG  1 
ATOM   638  O  OD1 . ASP A 1 92  ? -12.456 15.790  3.082   1.00 28.81 ? 92  ASP A OD1 1 
ATOM   639  O  OD2 . ASP A 1 92  ? -13.636 15.412  1.270   1.00 29.29 ? 92  ASP A OD2 1 
ATOM   640  N  N   . LEU A 1 93  ? -10.447 11.218  3.809   1.00 19.19 ? 93  LEU A N   1 
ATOM   641  C  CA  . LEU A 1 93  ? -10.178 9.793   3.999   1.00 19.32 ? 93  LEU A CA  1 
ATOM   642  C  C   . LEU A 1 93  ? -11.201 9.056   4.854   1.00 19.03 ? 93  LEU A C   1 
ATOM   643  O  O   . LEU A 1 93  ? -11.679 9.576   5.861   1.00 20.22 ? 93  LEU A O   1 
ATOM   644  C  CB  . LEU A 1 93  ? -8.798  9.603   4.630   1.00 20.16 ? 93  LEU A CB  1 
ATOM   645  C  CG  . LEU A 1 93  ? -7.606  10.240  3.922   1.00 23.80 ? 93  LEU A CG  1 
ATOM   646  C  CD1 . LEU A 1 93  ? -6.337  9.915   4.689   1.00 25.93 ? 93  LEU A CD1 1 
ATOM   647  C  CD2 . LEU A 1 93  ? -7.518  9.731   2.501   1.00 25.35 ? 93  LEU A CD2 1 
ATOM   648  N  N   . THR A 1 94  ? -11.510 7.828   4.452   1.00 17.43 ? 94  THR A N   1 
ATOM   649  C  CA  . THR A 1 94  ? -12.452 6.984   5.178   1.00 17.67 ? 94  THR A CA  1 
ATOM   650  C  C   . THR A 1 94  ? -11.826 5.604   5.362   1.00 16.74 ? 94  THR A C   1 
ATOM   651  O  O   . THR A 1 94  ? -11.357 4.996   4.402   1.00 17.70 ? 94  THR A O   1 
ATOM   652  C  CB  . THR A 1 94  ? -13.781 6.823   4.413   1.00 21.34 ? 94  THR A CB  1 
ATOM   653  O  OG1 . THR A 1 94  ? -14.392 8.108   4.227   1.00 23.08 ? 94  THR A OG1 1 
ATOM   654  C  CG2 . THR A 1 94  ? -14.736 5.925   5.197   1.00 22.07 ? 94  THR A CG2 1 
ATOM   655  N  N   . TYR A 1 95  ? -11.806 5.115   6.596   1.00 16.31 ? 95  TYR A N   1 
ATOM   656  C  CA  . TYR A 1 95  ? -11.242 3.796   6.870   1.00 15.45 ? 95  TYR A CA  1 
ATOM   657  C  C   . TYR A 1 95  ? -12.140 2.710   6.270   1.00 15.12 ? 95  TYR A C   1 
ATOM   658  O  O   . TYR A 1 95  ? -13.360 2.741   6.441   1.00 15.54 ? 95  TYR A O   1 
ATOM   659  C  CB  . TYR A 1 95  ? -11.122 3.584   8.377   1.00 16.54 ? 95  TYR A CB  1 
ATOM   660  C  CG  . TYR A 1 95  ? -10.647 2.203   8.755   1.00 16.35 ? 95  TYR A CG  1 
ATOM   661  C  CD1 . TYR A 1 95  ? -9.333  1.801   8.512   1.00 20.51 ? 95  TYR A CD1 1 
ATOM   662  C  CD2 . TYR A 1 95  ? -11.522 1.284   9.328   1.00 19.43 ? 95  TYR A CD2 1 
ATOM   663  C  CE1 . TYR A 1 95  ? -8.905  0.509   8.833   1.00 20.41 ? 95  TYR A CE1 1 
ATOM   664  C  CE2 . TYR A 1 95  ? -11.107 -0.004  9.650   1.00 21.21 ? 95  TYR A CE2 1 
ATOM   665  C  CZ  . TYR A 1 95  ? -9.801  -0.385  9.400   1.00 21.80 ? 95  TYR A CZ  1 
ATOM   666  O  OH  . TYR A 1 95  ? -9.404  -1.663  9.716   1.00 24.74 ? 95  TYR A OH  1 
ATOM   667  N  N   . LEU A 1 96  ? -11.540 1.751   5.569   1.00 13.09 ? 96  LEU A N   1 
ATOM   668  C  CA  . LEU A 1 96  ? -12.308 0.666   4.957   1.00 12.69 ? 96  LEU A CA  1 
ATOM   669  C  C   . LEU A 1 96  ? -12.162 -0.655  5.700   1.00 12.97 ? 96  LEU A C   1 
ATOM   670  O  O   . LEU A 1 96  ? -13.144 -1.226  6.183   1.00 15.03 ? 96  LEU A O   1 
ATOM   671  C  CB  . LEU A 1 96  ? -11.871 0.454   3.501   1.00 11.22 ? 96  LEU A CB  1 
ATOM   672  C  CG  . LEU A 1 96  ? -12.075 1.648   2.564   1.00 12.81 ? 96  LEU A CG  1 
ATOM   673  C  CD1 . LEU A 1 96  ? -11.533 1.322   1.175   1.00 12.94 ? 96  LEU A CD1 1 
ATOM   674  C  CD2 . LEU A 1 96  ? -13.565 1.989   2.497   1.00 14.65 ? 96  LEU A CD2 1 
ATOM   675  N  N   . PHE A 1 97  ? -10.928 -1.141  5.777   1.00 13.33 ? 97  PHE A N   1 
ATOM   676  C  CA  . PHE A 1 97  ? -10.644 -2.413  6.424   1.00 12.43 ? 97  PHE A CA  1 
ATOM   677  C  C   . PHE A 1 97  ? -9.140  -2.608  6.558   1.00 12.32 ? 97  PHE A C   1 
ATOM   678  O  O   . PHE A 1 97  ? -8.361  -1.766  6.113   1.00 12.04 ? 97  PHE A O   1 
ATOM   679  C  CB  . PHE A 1 97  ? -11.251 -3.554  5.598   1.00 12.37 ? 97  PHE A CB  1 
ATOM   680  C  CG  . PHE A 1 97  ? -11.204 -3.325  4.104   1.00 14.13 ? 97  PHE A CG  1 
ATOM   681  C  CD1 . PHE A 1 97  ? -12.383 -3.262  3.361   1.00 13.59 ? 97  PHE A CD1 1 
ATOM   682  C  CD2 . PHE A 1 97  ? -9.989  -3.166  3.441   1.00 13.77 ? 97  PHE A CD2 1 
ATOM   683  C  CE1 . PHE A 1 97  ? -12.355 -3.042  1.981   1.00 12.71 ? 97  PHE A CE1 1 
ATOM   684  C  CE2 . PHE A 1 97  ? -9.950  -2.946  2.061   1.00 12.55 ? 97  PHE A CE2 1 
ATOM   685  C  CZ  . PHE A 1 97  ? -11.136 -2.883  1.329   1.00 14.44 ? 97  PHE A CZ  1 
ATOM   686  N  N   . SER A 1 98  ? -8.740  -3.714  7.182   1.00 12.24 ? 98  SER A N   1 
ATOM   687  C  CA  . SER A 1 98  ? -7.325  -4.020  7.374   1.00 11.64 ? 98  SER A CA  1 
ATOM   688  C  C   . SER A 1 98  ? -7.061  -5.496  7.099   1.00 12.47 ? 98  SER A C   1 
ATOM   689  O  O   . SER A 1 98  ? -7.989  -6.305  7.064   1.00 13.42 ? 98  SER A O   1 
ATOM   690  C  CB  . SER A 1 98  ? -6.904  -3.703  8.809   1.00 13.52 ? 98  SER A CB  1 
ATOM   691  O  OG  . SER A 1 98  ? -7.556  -4.570  9.725   1.00 17.77 ? 98  SER A OG  1 
ATOM   692  N  N   . TYR A 1 99  ? -5.792  -5.841  6.906   1.00 10.98 ? 99  TYR A N   1 
ATOM   693  C  CA  . TYR A 1 99  ? -5.413  -7.228  6.658   1.00 9.09  ? 99  TYR A CA  1 
ATOM   694  C  C   . TYR A 1 99  ? -3.954  -7.486  7.020   1.00 10.47 ? 99  TYR A C   1 
ATOM   695  O  O   . TYR A 1 99  ? -3.117  -6.586  6.958   1.00 11.37 ? 99  TYR A O   1 
ATOM   696  C  CB  . TYR A 1 99  ? -5.624  -7.606  5.180   1.00 10.99 ? 99  TYR A CB  1 
ATOM   697  C  CG  . TYR A 1 99  ? -4.711  -6.888  4.202   1.00 9.68  ? 99  TYR A CG  1 
ATOM   698  C  CD1 . TYR A 1 99  ? -5.046  -5.630  3.695   1.00 11.16 ? 99  TYR A CD1 1 
ATOM   699  C  CD2 . TYR A 1 99  ? -3.500  -7.456  3.804   1.00 10.33 ? 99  TYR A CD2 1 
ATOM   700  C  CE1 . TYR A 1 99  ? -4.198  -4.955  2.818   1.00 11.66 ? 99  TYR A CE1 1 
ATOM   701  C  CE2 . TYR A 1 99  ? -2.646  -6.789  2.931   1.00 10.07 ? 99  TYR A CE2 1 
ATOM   702  C  CZ  . TYR A 1 99  ? -2.999  -5.540  2.441   1.00 11.48 ? 99  TYR A CZ  1 
ATOM   703  O  OH  . TYR A 1 99  ? -2.156  -4.882  1.576   1.00 11.87 ? 99  TYR A OH  1 
ATOM   704  N  N   . PHE A 1 100 ? -3.667  -8.721  7.413   1.00 10.22 ? 100 PHE A N   1 
ATOM   705  C  CA  . PHE A 1 100 ? -2.302  -9.131  7.729   1.00 10.18 ? 100 PHE A CA  1 
ATOM   706  C  C   . PHE A 1 100 ? -1.730  -9.619  6.403   1.00 10.78 ? 100 PHE A C   1 
ATOM   707  O  O   . PHE A 1 100 ? -2.283  -10.525 5.785   1.00 11.73 ? 100 PHE A O   1 
ATOM   708  C  CB  . PHE A 1 100 ? -2.309  -10.256 8.763   1.00 10.23 ? 100 PHE A CB  1 
ATOM   709  C  CG  . PHE A 1 100 ? -2.598  -9.783  10.157  1.00 12.66 ? 100 PHE A CG  1 
ATOM   710  C  CD1 . PHE A 1 100 ? -3.840  -9.993  10.738  1.00 15.62 ? 100 PHE A CD1 1 
ATOM   711  C  CD2 . PHE A 1 100 ? -1.626  -9.100  10.881  1.00 13.71 ? 100 PHE A CD2 1 
ATOM   712  C  CE1 . PHE A 1 100 ? -4.113  -9.527  12.030  1.00 17.93 ? 100 PHE A CE1 1 
ATOM   713  C  CE2 . PHE A 1 100 ? -1.885  -8.631  12.166  1.00 15.68 ? 100 PHE A CE2 1 
ATOM   714  C  CZ  . PHE A 1 100 ? -3.127  -8.844  12.741  1.00 17.02 ? 100 PHE A CZ  1 
ATOM   715  N  N   . VAL A 1 101 ? -0.624  -9.022  5.967   1.00 9.57  ? 101 VAL A N   1 
ATOM   716  C  CA  . VAL A 1 101 ? -0.045  -9.360  4.671   1.00 9.85  ? 101 VAL A CA  1 
ATOM   717  C  C   . VAL A 1 101 ? 0.321   -10.822 4.460   1.00 10.51 ? 101 VAL A C   1 
ATOM   718  O  O   . VAL A 1 101 ? 0.169   -11.345 3.356   1.00 11.97 ? 101 VAL A O   1 
ATOM   719  C  CB  . VAL A 1 101 ? 1.193   -8.485  4.353   1.00 10.28 ? 101 VAL A CB  1 
ATOM   720  C  CG1 . VAL A 1 101 ? 0.871   -7.024  4.614   1.00 10.64 ? 101 VAL A CG1 1 
ATOM   721  C  CG2 . VAL A 1 101 ? 2.394   -8.932  5.174   1.00 11.82 ? 101 VAL A CG2 1 
ATOM   722  N  N   . SER A 1 102 ? 0.799   -11.475 5.513   1.00 11.93 ? 102 SER A N   1 
ATOM   723  C  CA  . SER A 1 102 ? 1.188   -12.883 5.444   1.00 12.56 ? 102 SER A CA  1 
ATOM   724  C  C   . SER A 1 102 ? 1.370   -13.375 6.880   1.00 13.83 ? 102 SER A C   1 
ATOM   725  O  O   . SER A 1 102 ? 2.495   -13.501 7.373   1.00 12.77 ? 102 SER A O   1 
ATOM   726  C  CB  . SER A 1 102 ? 2.495   -13.026 4.662   1.00 13.06 ? 102 SER A CB  1 
ATOM   727  O  OG  . SER A 1 102 ? 2.789   -14.393 4.420   1.00 12.29 ? 102 SER A OG  1 
ATOM   728  N  N   . PRO A 1 103 ? 0.252   -13.666 7.566   1.00 13.50 ? 103 PRO A N   1 
ATOM   729  C  CA  . PRO A 1 103 ? 0.239   -14.133 8.955   1.00 14.26 ? 103 PRO A CA  1 
ATOM   730  C  C   . PRO A 1 103 ? 1.039   -15.393 9.274   1.00 14.42 ? 103 PRO A C   1 
ATOM   731  O  O   . PRO A 1 103 ? 1.271   -15.694 10.446  1.00 14.14 ? 103 PRO A O   1 
ATOM   732  C  CB  . PRO A 1 103 ? -1.250  -14.282 9.254   1.00 15.61 ? 103 PRO A CB  1 
ATOM   733  C  CG  . PRO A 1 103 ? -1.824  -14.652 7.922   1.00 13.59 ? 103 PRO A CG  1 
ATOM   734  C  CD  . PRO A 1 103 ? -1.104  -13.720 6.983   1.00 13.96 ? 103 PRO A CD  1 
ATOM   735  N  N   . GLY A 1 104 ? 1.460   -16.113 8.239   1.00 13.53 ? 104 GLY A N   1 
ATOM   736  C  CA  . GLY A 1 104 ? 2.241   -17.317 8.450   1.00 15.60 ? 104 GLY A CA  1 
ATOM   737  C  C   . GLY A 1 104 ? 3.671   -17.040 8.886   1.00 16.04 ? 104 GLY A C   1 
ATOM   738  O  O   . GLY A 1 104 ? 4.367   -17.950 9.343   1.00 17.02 ? 104 GLY A O   1 
ATOM   739  N  N   . PHE A 1 105 ? 4.131   -15.798 8.743   1.00 14.74 ? 105 PHE A N   1 
ATOM   740  C  CA  . PHE A 1 105 ? 5.499   -15.487 9.157   1.00 14.53 ? 105 PHE A CA  1 
ATOM   741  C  C   . PHE A 1 105 ? 5.733   -14.059 9.629   1.00 15.47 ? 105 PHE A C   1 
ATOM   742  O  O   . PHE A 1 105 ? 6.731   -13.789 10.293  1.00 15.83 ? 105 PHE A O   1 
ATOM   743  C  CB  . PHE A 1 105 ? 6.491   -15.827 8.031   1.00 14.02 ? 105 PHE A CB  1 
ATOM   744  C  CG  . PHE A 1 105 ? 6.710   -14.715 7.038   1.00 15.55 ? 105 PHE A CG  1 
ATOM   745  C  CD1 . PHE A 1 105 ? 7.768   -13.821 7.194   1.00 15.29 ? 105 PHE A CD1 1 
ATOM   746  C  CD2 . PHE A 1 105 ? 5.871   -14.573 5.935   1.00 16.57 ? 105 PHE A CD2 1 
ATOM   747  C  CE1 . PHE A 1 105 ? 7.993   -12.807 6.268   1.00 16.80 ? 105 PHE A CE1 1 
ATOM   748  C  CE2 . PHE A 1 105 ? 6.086   -13.560 5.000   1.00 18.64 ? 105 PHE A CE2 1 
ATOM   749  C  CZ  . PHE A 1 105 ? 7.151   -12.675 5.168   1.00 19.21 ? 105 PHE A CZ  1 
ATOM   750  N  N   . THR A 1 106 ? 4.840   -13.136 9.290   1.00 13.62 ? 106 THR A N   1 
ATOM   751  C  CA  . THR A 1 106 ? 5.042   -11.758 9.717   1.00 13.83 ? 106 THR A CA  1 
ATOM   752  C  C   . THR A 1 106 ? 3.802   -11.129 10.330  1.00 14.60 ? 106 THR A C   1 
ATOM   753  O  O   . THR A 1 106 ? 2.674   -11.553 10.063  1.00 14.13 ? 106 THR A O   1 
ATOM   754  C  CB  . THR A 1 106 ? 5.533   -10.876 8.547   1.00 14.30 ? 106 THR A CB  1 
ATOM   755  O  OG1 . THR A 1 106 ? 5.823   -9.559  9.031   1.00 15.21 ? 106 THR A OG1 1 
ATOM   756  C  CG2 . THR A 1 106 ? 4.471   -10.794 7.450   1.00 13.60 ? 106 THR A CG2 1 
ATOM   757  N  N   . ASP A 1 107 ? 4.015   -10.118 11.165  1.00 14.90 ? 107 ASP A N   1 
ATOM   758  C  CA  . ASP A 1 107 ? 2.902   -9.438  11.806  1.00 15.70 ? 107 ASP A CA  1 
ATOM   759  C  C   . ASP A 1 107 ? 2.519   -8.130  11.125  1.00 14.55 ? 107 ASP A C   1 
ATOM   760  O  O   . ASP A 1 107 ? 1.738   -7.359  11.679  1.00 15.75 ? 107 ASP A O   1 
ATOM   761  C  CB  . ASP A 1 107 ? 3.210   -9.169  13.285  1.00 17.73 ? 107 ASP A CB  1 
ATOM   762  C  CG  . ASP A 1 107 ? 4.403   -8.251  13.484  1.00 19.73 ? 107 ASP A CG  1 
ATOM   763  O  OD1 . ASP A 1 107 ? 4.706   -7.940  14.655  1.00 23.45 ? 107 ASP A OD1 1 
ATOM   764  O  OD2 . ASP A 1 107 ? 5.038   -7.839  12.490  1.00 18.97 ? 107 ASP A OD2 1 
ATOM   765  N  N   . GLU A 1 108 ? 3.057   -7.874  9.933   1.00 14.53 ? 108 GLU A N   1 
ATOM   766  C  CA  . GLU A 1 108 ? 2.713   -6.639  9.230   1.00 13.11 ? 108 GLU A CA  1 
ATOM   767  C  C   . GLU A 1 108 ? 1.208   -6.599  8.986   1.00 13.72 ? 108 GLU A C   1 
ATOM   768  O  O   . GLU A 1 108 ? 0.642   -7.525  8.403   1.00 13.30 ? 108 GLU A O   1 
ATOM   769  C  CB  . GLU A 1 108 ? 3.440   -6.524  7.884   1.00 13.72 ? 108 GLU A CB  1 
ATOM   770  C  CG  . GLU A 1 108 ? 3.096   -5.212  7.161   1.00 13.87 ? 108 GLU A CG  1 
ATOM   771  C  CD  . GLU A 1 108 ? 3.765   -5.047  5.805   1.00 14.68 ? 108 GLU A CD  1 
ATOM   772  O  OE1 . GLU A 1 108 ? 4.491   -5.962  5.363   1.00 16.56 ? 108 GLU A OE1 1 
ATOM   773  O  OE2 . GLU A 1 108 ? 3.553   -3.987  5.177   1.00 15.77 ? 108 GLU A OE2 1 
ATOM   774  N  N   . LYS A 1 109 ? 0.572   -5.533  9.457   1.00 13.57 ? 109 LYS A N   1 
ATOM   775  C  CA  . LYS A 1 109 ? -0.859  -5.341  9.292   1.00 12.68 ? 109 LYS A CA  1 
ATOM   776  C  C   . LYS A 1 109 ? -1.031  -4.065  8.481   1.00 12.77 ? 109 LYS A C   1 
ATOM   777  O  O   . LYS A 1 109 ? -0.388  -3.052  8.766   1.00 13.23 ? 109 LYS A O   1 
ATOM   778  C  CB  . LYS A 1 109 ? -1.532  -5.197  10.660  1.00 13.17 ? 109 LYS A CB  1 
ATOM   779  C  CG  . LYS A 1 109 ? -3.050  -5.163  10.601  1.00 16.41 ? 109 LYS A CG  1 
ATOM   780  C  CD  . LYS A 1 109 ? -3.642  -5.155  12.005  1.00 19.17 ? 109 LYS A CD  1 
ATOM   781  C  CE  . LYS A 1 109 ? -5.159  -5.122  11.980  1.00 21.84 ? 109 LYS A CE  1 
ATOM   782  N  NZ  . LYS A 1 109 ? -5.732  -5.043  13.355  1.00 23.76 ? 109 LYS A NZ  1 
ATOM   783  N  N   . THR A 1 110 ? -1.886  -4.126  7.464   1.00 11.32 ? 110 THR A N   1 
ATOM   784  C  CA  . THR A 1 110 ? -2.130  -2.986  6.585   1.00 10.09 ? 110 THR A CA  1 
ATOM   785  C  C   . THR A 1 110 ? -3.542  -2.431  6.753   1.00 10.69 ? 110 THR A C   1 
ATOM   786  O  O   . THR A 1 110 ? -4.515  -3.174  6.672   1.00 12.26 ? 110 THR A O   1 
ATOM   787  C  CB  . THR A 1 110 ? -1.939  -3.394  5.111   1.00 11.79 ? 110 THR A CB  1 
ATOM   788  O  OG1 . THR A 1 110 ? -0.626  -3.935  4.934   1.00 13.42 ? 110 THR A OG1 1 
ATOM   789  C  CG2 . THR A 1 110 ? -2.115  -2.197  4.185   1.00 12.80 ? 110 THR A CG2 1 
ATOM   790  N  N   . HIS A 1 111 ? -3.640  -1.124  6.992   1.00 12.09 ? 111 HIS A N   1 
ATOM   791  C  CA  . HIS A 1 111 ? -4.929  -0.457  7.148   1.00 11.90 ? 111 HIS A CA  1 
ATOM   792  C  C   . HIS A 1 111 ? -5.225  0.282   5.845   1.00 11.64 ? 111 HIS A C   1 
ATOM   793  O  O   . HIS A 1 111 ? -4.460  1.151   5.426   1.00 11.09 ? 111 HIS A O   1 
ATOM   794  C  CB  . HIS A 1 111 ? -4.889  0.533   8.316   1.00 13.44 ? 111 HIS A CB  1 
ATOM   795  C  CG  . HIS A 1 111 ? -4.542  -0.097  9.627   1.00 15.50 ? 111 HIS A CG  1 
ATOM   796  N  ND1 . HIS A 1 111 ? -3.242  -0.345  10.014  1.00 17.78 ? 111 HIS A ND1 1 
ATOM   797  C  CD2 . HIS A 1 111 ? -5.326  -0.559  10.630  1.00 16.46 ? 111 HIS A CD2 1 
ATOM   798  C  CE1 . HIS A 1 111 ? -3.240  -0.929  11.200  1.00 15.71 ? 111 HIS A CE1 1 
ATOM   799  N  NE2 . HIS A 1 111 ? -4.492  -1.071  11.595  1.00 20.11 ? 111 HIS A NE2 1 
ATOM   800  N  N   . VAL A 1 112 ? -6.346  -0.062  5.218   1.00 11.79 ? 112 VAL A N   1 
ATOM   801  C  CA  . VAL A 1 112 ? -6.730  0.522   3.936   1.00 11.40 ? 112 VAL A CA  1 
ATOM   802  C  C   . VAL A 1 112 ? -7.780  1.624   4.046   1.00 12.29 ? 112 VAL A C   1 
ATOM   803  O  O   . VAL A 1 112 ? -8.788  1.464   4.729   1.00 12.30 ? 112 VAL A O   1 
ATOM   804  C  CB  . VAL A 1 112 ? -7.269  -0.578  2.996   1.00 11.81 ? 112 VAL A CB  1 
ATOM   805  C  CG1 . VAL A 1 112 ? -7.536  -0.006  1.614   1.00 12.54 ? 112 VAL A CG1 1 
ATOM   806  C  CG2 . VAL A 1 112 ? -6.274  -1.730  2.924   1.00 12.49 ? 112 VAL A CG2 1 
ATOM   807  N  N   . PHE A 1 113 ? -7.533  2.733   3.352   1.00 10.99 ? 113 PHE A N   1 
ATOM   808  C  CA  . PHE A 1 113 ? -8.439  3.879   3.360   1.00 13.05 ? 113 PHE A CA  1 
ATOM   809  C  C   . PHE A 1 113 ? -8.914  4.250   1.966   1.00 13.83 ? 113 PHE A C   1 
ATOM   810  O  O   . PHE A 1 113 ? -8.259  3.944   0.973   1.00 13.19 ? 113 PHE A O   1 
ATOM   811  C  CB  . PHE A 1 113 ? -7.744  5.112   3.950   1.00 12.59 ? 113 PHE A CB  1 
ATOM   812  C  CG  . PHE A 1 113 ? -7.401  4.984   5.406   1.00 12.53 ? 113 PHE A CG  1 
ATOM   813  C  CD1 . PHE A 1 113 ? -6.314  4.219   5.818   1.00 13.27 ? 113 PHE A CD1 1 
ATOM   814  C  CD2 . PHE A 1 113 ? -8.177  5.621   6.371   1.00 14.57 ? 113 PHE A CD2 1 
ATOM   815  C  CE1 . PHE A 1 113 ? -6.012  4.089   7.174   1.00 13.71 ? 113 PHE A CE1 1 
ATOM   816  C  CE2 . PHE A 1 113 ? -7.882  5.498   7.724   1.00 14.87 ? 113 PHE A CE2 1 
ATOM   817  C  CZ  . PHE A 1 113 ? -6.798  4.730   8.127   1.00 14.74 ? 113 PHE A CZ  1 
ATOM   818  N  N   . LEU A 1 114 ? -10.060 4.917   1.910   1.00 13.28 ? 114 LEU A N   1 
ATOM   819  C  CA  . LEU A 1 114 ? -10.605 5.404   0.650   1.00 14.43 ? 114 LEU A CA  1 
ATOM   820  C  C   . LEU A 1 114 ? -10.386 6.915   0.694   1.00 15.16 ? 114 LEU A C   1 
ATOM   821  O  O   . LEU A 1 114 ? -10.604 7.547   1.733   1.00 15.85 ? 114 LEU A O   1 
ATOM   822  C  CB  . LEU A 1 114 ? -12.103 5.114   0.545   1.00 14.84 ? 114 LEU A CB  1 
ATOM   823  C  CG  . LEU A 1 114 ? -12.769 5.661   -0.728  1.00 15.82 ? 114 LEU A CG  1 
ATOM   824  C  CD1 . LEU A 1 114 ? -12.273 4.885   -1.940  1.00 14.57 ? 114 LEU A CD1 1 
ATOM   825  C  CD2 . LEU A 1 114 ? -14.286 5.539   -0.616  1.00 18.13 ? 114 LEU A CD2 1 
ATOM   826  N  N   . ALA A 1 115 ? -9.937  7.490   -0.415  1.00 14.50 ? 115 ALA A N   1 
ATOM   827  C  CA  . ALA A 1 115 ? -9.699  8.927   -0.482  1.00 16.70 ? 115 ALA A CA  1 
ATOM   828  C  C   . ALA A 1 115 ? -10.621 9.553   -1.519  1.00 17.79 ? 115 ALA A C   1 
ATOM   829  O  O   . ALA A 1 115 ? -10.668 9.110   -2.665  1.00 18.16 ? 115 ALA A O   1 
ATOM   830  C  CB  . ALA A 1 115 ? -8.240  9.206   -0.845  1.00 17.04 ? 115 ALA A CB  1 
ATOM   831  N  N   . GLU A 1 116 ? -11.352 10.585  -1.113  1.00 17.76 ? 116 GLU A N   1 
ATOM   832  C  CA  . GLU A 1 116 ? -12.265 11.267  -2.022  1.00 21.00 ? 116 GLU A CA  1 
ATOM   833  C  C   . GLU A 1 116 ? -11.975 12.763  -2.056  1.00 20.77 ? 116 GLU A C   1 
ATOM   834  O  O   . GLU A 1 116 ? -11.271 13.286  -1.194  1.00 20.09 ? 116 GLU A O   1 
ATOM   835  C  CB  . GLU A 1 116 ? -13.713 11.031  -1.580  1.00 22.76 ? 116 GLU A CB  1 
ATOM   836  C  CG  . GLU A 1 116 ? -14.151 9.581   -1.646  1.00 26.45 ? 116 GLU A CG  1 
ATOM   837  C  CD  . GLU A 1 116 ? -15.526 9.368   -1.049  1.00 30.01 ? 116 GLU A CD  1 
ATOM   838  O  OE1 . GLU A 1 116 ? -15.672 9.536   0.181   1.00 31.27 ? 116 GLU A OE1 1 
ATOM   839  O  OE2 . GLU A 1 116 ? -16.460 9.039   -1.811  1.00 33.68 ? 116 GLU A OE2 1 
ATOM   840  N  N   . ASN A 1 117 ? -12.517 13.447  -3.060  1.00 23.74 ? 117 ASN A N   1 
ATOM   841  C  CA  . ASN A 1 117 ? -12.331 14.888  -3.199  1.00 25.35 ? 117 ASN A CA  1 
ATOM   842  C  C   . ASN A 1 117 ? -10.856 15.285  -3.145  1.00 25.70 ? 117 ASN A C   1 
ATOM   843  O  O   . ASN A 1 117 ? -10.456 16.140  -2.351  1.00 25.60 ? 117 ASN A O   1 
ATOM   844  C  CB  . ASN A 1 117 ? -13.104 15.614  -2.095  1.00 27.72 ? 117 ASN A CB  1 
ATOM   845  C  CG  . ASN A 1 117 ? -14.550 15.170  -2.011  1.00 28.97 ? 117 ASN A CG  1 
ATOM   846  O  OD1 . ASN A 1 117 ? -15.285 15.219  -2.997  1.00 31.44 ? 117 ASN A OD1 1 
ATOM   847  N  ND2 . ASN A 1 117 ? -14.969 14.732  -0.827  1.00 31.28 ? 117 ASN A ND2 1 
ATOM   848  N  N   . LEU A 1 118 ? -10.056 14.662  -4.004  1.00 25.80 ? 118 LEU A N   1 
ATOM   849  C  CA  . LEU A 1 118 ? -8.624  14.927  -4.071  1.00 26.03 ? 118 LEU A CA  1 
ATOM   850  C  C   . LEU A 1 118 ? -8.287  16.346  -4.505  1.00 27.54 ? 118 LEU A C   1 
ATOM   851  O  O   . LEU A 1 118 ? -8.961  16.931  -5.358  1.00 27.92 ? 118 LEU A O   1 
ATOM   852  C  CB  . LEU A 1 118 ? -7.956  13.955  -5.045  1.00 26.72 ? 118 LEU A CB  1 
ATOM   853  C  CG  . LEU A 1 118 ? -8.016  12.458  -4.745  1.00 27.34 ? 118 LEU A CG  1 
ATOM   854  C  CD1 . LEU A 1 118 ? -7.559  11.688  -5.969  1.00 28.54 ? 118 LEU A CD1 1 
ATOM   855  C  CD2 . LEU A 1 118 ? -7.149  12.129  -3.536  1.00 26.82 ? 118 LEU A CD2 1 
ATOM   856  N  N   . LYS A 1 119 ? -7.230  16.888  -3.912  1.00 28.04 ? 119 LYS A N   1 
ATOM   857  C  CA  . LYS A 1 119 ? -6.745  18.221  -4.240  1.00 30.57 ? 119 LYS A CA  1 
ATOM   858  C  C   . LYS A 1 119 ? -5.230  18.203  -4.064  1.00 30.66 ? 119 LYS A C   1 
ATOM   859  O  O   . LYS A 1 119 ? -4.713  17.510  -3.187  1.00 28.76 ? 119 LYS A O   1 
ATOM   860  C  CB  . LYS A 1 119 ? -7.376  19.275  -3.322  1.00 32.81 ? 119 LYS A CB  1 
ATOM   861  C  CG  . LYS A 1 119 ? -7.027  19.129  -1.854  1.00 36.79 ? 119 LYS A CG  1 
ATOM   862  C  CD  . LYS A 1 119 ? -7.699  20.213  -1.022  1.00 39.57 ? 119 LYS A CD  1 
ATOM   863  C  CE  . LYS A 1 119 ? -7.331  20.089  0.449   1.00 42.01 ? 119 LYS A CE  1 
ATOM   864  N  NZ  . LYS A 1 119 ? -8.004  21.125  1.281   1.00 44.01 ? 119 LYS A NZ  1 
ATOM   865  N  N   . GLU A 1 120 ? -4.521  18.948  -4.905  1.00 30.50 ? 120 GLU A N   1 
ATOM   866  C  CA  . GLU A 1 120 ? -3.068  18.991  -4.824  1.00 32.54 ? 120 GLU A CA  1 
ATOM   867  C  C   . GLU A 1 120 ? -2.632  19.954  -3.724  1.00 32.99 ? 120 GLU A C   1 
ATOM   868  O  O   . GLU A 1 120 ? -3.034  21.119  -3.706  1.00 33.09 ? 120 GLU A O   1 
ATOM   869  C  CB  . GLU A 1 120 ? -2.475  19.408  -6.179  1.00 34.63 ? 120 GLU A CB  1 
ATOM   870  C  CG  . GLU A 1 120 ? -0.957  19.269  -6.270  1.00 37.14 ? 120 GLU A CG  1 
ATOM   871  C  CD  . GLU A 1 120 ? -0.449  19.249  -7.704  1.00 40.01 ? 120 GLU A CD  1 
ATOM   872  O  OE1 . GLU A 1 120 ? -0.767  18.287  -8.440  1.00 38.33 ? 120 GLU A OE1 1 
ATOM   873  O  OE2 . GLU A 1 120 ? 0.270   20.196  -8.095  1.00 40.64 ? 120 GLU A OE2 1 
ATOM   874  N  N   . VAL A 1 121 ? -1.823  19.454  -2.797  1.00 32.94 ? 121 VAL A N   1 
ATOM   875  C  CA  . VAL A 1 121 ? -1.335  20.263  -1.686  1.00 34.70 ? 121 VAL A CA  1 
ATOM   876  C  C   . VAL A 1 121 ? 0.145   20.591  -1.840  1.00 36.90 ? 121 VAL A C   1 
ATOM   877  O  O   . VAL A 1 121 ? 0.666   21.487  -1.177  1.00 37.26 ? 121 VAL A O   1 
ATOM   878  C  CB  . VAL A 1 121 ? -1.550  19.545  -0.338  1.00 34.43 ? 121 VAL A CB  1 
ATOM   879  C  CG1 . VAL A 1 121 ? -3.035  19.477  -0.019  1.00 34.26 ? 121 VAL A CG1 1 
ATOM   880  C  CG2 . VAL A 1 121 ? -0.960  18.146  -0.394  1.00 33.79 ? 121 VAL A CG2 1 
ATOM   881  N  N   . GLU A 1 122 ? 0.822   19.856  -2.715  1.00 38.71 ? 122 GLU A N   1 
ATOM   882  C  CA  . GLU A 1 122 ? 2.239   20.084  -2.952  1.00 41.27 ? 122 GLU A CA  1 
ATOM   883  C  C   . GLU A 1 122 ? 2.622   19.712  -4.380  1.00 42.42 ? 122 GLU A C   1 
ATOM   884  O  O   . GLU A 1 122 ? 2.309   18.620  -4.856  1.00 41.52 ? 122 GLU A O   1 
ATOM   885  C  CB  . GLU A 1 122 ? 3.082   19.284  -1.954  1.00 42.08 ? 122 GLU A CB  1 
ATOM   886  C  CG  . GLU A 1 122 ? 2.833   17.787  -1.971  1.00 44.31 ? 122 GLU A CG  1 
ATOM   887  C  CD  . GLU A 1 122 ? 3.676   17.044  -0.949  1.00 44.76 ? 122 GLU A CD  1 
ATOM   888  O  OE1 . GLU A 1 122 ? 3.495   17.282  0.265   1.00 45.16 ? 122 GLU A OE1 1 
ATOM   889  O  OE2 . GLU A 1 122 ? 4.524   16.223  -1.361  1.00 45.44 ? 122 GLU A OE2 1 
ATOM   890  N  N   . ALA A 1 123 ? 3.294   20.637  -5.058  1.00 43.79 ? 123 ALA A N   1 
ATOM   891  C  CA  . ALA A 1 123 ? 3.724   20.419  -6.433  1.00 45.25 ? 123 ALA A CA  1 
ATOM   892  C  C   . ALA A 1 123 ? 4.873   19.420  -6.471  1.00 45.96 ? 123 ALA A C   1 
ATOM   893  O  O   . ALA A 1 123 ? 5.079   18.737  -7.473  1.00 46.72 ? 123 ALA A O   1 
ATOM   894  C  CB  . ALA A 1 123 ? 4.156   21.739  -7.061  1.00 45.09 ? 123 ALA A CB  1 
ATOM   895  N  N   . HIS A 1 124 ? 5.619   19.348  -5.374  1.00 47.31 ? 124 HIS A N   1 
ATOM   896  C  CA  . HIS A 1 124 ? 6.748   18.433  -5.262  1.00 48.44 ? 124 HIS A CA  1 
ATOM   897  C  C   . HIS A 1 124 ? 6.351   17.253  -4.380  1.00 48.99 ? 124 HIS A C   1 
ATOM   898  O  O   . HIS A 1 124 ? 6.545   17.286  -3.164  1.00 49.74 ? 124 HIS A O   1 
ATOM   899  C  CB  . HIS A 1 124 ? 7.953   19.142  -4.633  1.00 49.65 ? 124 HIS A CB  1 
ATOM   900  C  CG  . HIS A 1 124 ? 8.372   20.389  -5.348  1.00 50.48 ? 124 HIS A CG  1 
ATOM   901  N  ND1 . HIS A 1 124 ? 7.544   21.484  -5.482  1.00 51.17 ? 124 HIS A ND1 1 
ATOM   902  C  CD2 . HIS A 1 124 ? 9.539   20.724  -5.948  1.00 50.84 ? 124 HIS A CD2 1 
ATOM   903  C  CE1 . HIS A 1 124 ? 8.185   22.440  -6.133  1.00 50.98 ? 124 HIS A CE1 1 
ATOM   904  N  NE2 . HIS A 1 124 ? 9.396   22.004  -6.426  1.00 51.45 ? 124 HIS A NE2 1 
ATOM   905  N  N   . PRO A 1 125 ? 5.783   16.193  -4.979  1.00 49.02 ? 125 PRO A N   1 
ATOM   906  C  CA  . PRO A 1 125 ? 5.376   15.023  -4.194  1.00 48.63 ? 125 PRO A CA  1 
ATOM   907  C  C   . PRO A 1 125 ? 6.501   14.516  -3.293  1.00 49.16 ? 125 PRO A C   1 
ATOM   908  O  O   . PRO A 1 125 ? 7.676   14.803  -3.530  1.00 49.05 ? 125 PRO A O   1 
ATOM   909  C  CB  . PRO A 1 125 ? 4.991   14.011  -5.268  1.00 48.51 ? 125 PRO A CB  1 
ATOM   910  C  CG  . PRO A 1 125 ? 4.440   14.883  -6.353  1.00 48.42 ? 125 PRO A CG  1 
ATOM   911  C  CD  . PRO A 1 125 ? 5.454   16.007  -6.403  1.00 48.79 ? 125 PRO A CD  1 
ATOM   912  N  N   . ALA A 1 130 ? 11.716  8.653   -7.293  1.00 31.09 ? 130 ALA A N   1 
ATOM   913  C  CA  . ALA A 1 130 ? 11.599  7.346   -6.654  1.00 30.54 ? 130 ALA A CA  1 
ATOM   914  C  C   . ALA A 1 130 ? 10.233  6.706   -6.894  1.00 28.84 ? 130 ALA A C   1 
ATOM   915  O  O   . ALA A 1 130 ? 10.148  5.532   -7.254  1.00 29.91 ? 130 ALA A O   1 
ATOM   916  C  CB  . ALA A 1 130 ? 11.853  7.473   -5.156  1.00 31.20 ? 130 ALA A CB  1 
ATOM   917  N  N   . ILE A 1 131 ? 9.170   7.480   -6.695  1.00 26.87 ? 131 ILE A N   1 
ATOM   918  C  CA  . ILE A 1 131 ? 7.811   6.981   -6.880  1.00 24.60 ? 131 ILE A CA  1 
ATOM   919  C  C   . ILE A 1 131 ? 7.185   7.497   -8.176  1.00 22.61 ? 131 ILE A C   1 
ATOM   920  O  O   . ILE A 1 131 ? 7.153   8.701   -8.424  1.00 23.93 ? 131 ILE A O   1 
ATOM   921  C  CB  . ILE A 1 131 ? 6.892   7.394   -5.697  1.00 27.55 ? 131 ILE A CB  1 
ATOM   922  C  CG1 . ILE A 1 131 ? 7.240   6.589   -4.441  1.00 31.00 ? 131 ILE A CG1 1 
ATOM   923  C  CG2 . ILE A 1 131 ? 5.433   7.169   -6.063  1.00 29.26 ? 131 ILE A CG2 1 
ATOM   924  C  CD1 . ILE A 1 131 ? 8.634   6.830   -3.908  1.00 32.81 ? 131 ILE A CD1 1 
ATOM   925  N  N   . GLU A 1 132 ? 6.689   6.576   -8.995  1.00 19.13 ? 132 GLU A N   1 
ATOM   926  C  CA  . GLU A 1 132 ? 6.038   6.930   -10.252 1.00 17.68 ? 132 GLU A CA  1 
ATOM   927  C  C   . GLU A 1 132 ? 4.527   6.914   -10.039 1.00 16.72 ? 132 GLU A C   1 
ATOM   928  O  O   . GLU A 1 132 ? 3.976   5.903   -9.609  1.00 16.59 ? 132 GLU A O   1 
ATOM   929  C  CB  . GLU A 1 132 ? 6.396   5.916   -11.344 1.00 19.00 ? 132 GLU A CB  1 
ATOM   930  C  CG  . GLU A 1 132 ? 5.703   6.183   -12.675 1.00 18.98 ? 132 GLU A CG  1 
ATOM   931  C  CD  . GLU A 1 132 ? 5.796   5.019   -13.652 1.00 22.48 ? 132 GLU A CD  1 
ATOM   932  O  OE1 . GLU A 1 132 ? 6.414   3.986   -13.319 1.00 24.14 ? 132 GLU A OE1 1 
ATOM   933  O  OE2 . GLU A 1 132 ? 5.240   5.140   -14.764 1.00 22.44 ? 132 GLU A OE2 1 
ATOM   934  N  N   . VAL A 1 133 ? 3.861   8.032   -10.329 1.00 14.83 ? 133 VAL A N   1 
ATOM   935  C  CA  . VAL A 1 133 ? 2.409   8.112   -10.187 1.00 14.73 ? 133 VAL A CA  1 
ATOM   936  C  C   . VAL A 1 133 ? 1.795   7.567   -11.470 1.00 15.19 ? 133 VAL A C   1 
ATOM   937  O  O   . VAL A 1 133 ? 2.106   8.038   -12.565 1.00 16.01 ? 133 VAL A O   1 
ATOM   938  C  CB  . VAL A 1 133 ? 1.950   9.568   -9.955  1.00 13.93 ? 133 VAL A CB  1 
ATOM   939  C  CG1 . VAL A 1 133 ? 0.436   9.686   -10.116 1.00 15.94 ? 133 VAL A CG1 1 
ATOM   940  C  CG2 . VAL A 1 133 ? 2.356   10.008  -8.558  1.00 16.67 ? 133 VAL A CG2 1 
ATOM   941  N  N   . VAL A 1 134 ? 0.932   6.567   -11.325 1.00 13.78 ? 134 VAL A N   1 
ATOM   942  C  CA  . VAL A 1 134 ? 0.297   5.920   -12.466 1.00 13.31 ? 134 VAL A CA  1 
ATOM   943  C  C   . VAL A 1 134 ? -1.228  5.904   -12.377 1.00 13.23 ? 134 VAL A C   1 
ATOM   944  O  O   . VAL A 1 134 ? -1.808  4.985   -11.804 1.00 13.10 ? 134 VAL A O   1 
ATOM   945  C  CB  . VAL A 1 134 ? 0.779   4.449   -12.599 1.00 14.79 ? 134 VAL A CB  1 
ATOM   946  C  CG1 . VAL A 1 134 ? 0.162   3.797   -13.834 1.00 15.32 ? 134 VAL A CG1 1 
ATOM   947  C  CG2 . VAL A 1 134 ? 2.303   4.399   -12.663 1.00 14.94 ? 134 VAL A CG2 1 
ATOM   948  N  N   . TRP A 1 135 ? -1.880  6.915   -12.944 1.00 12.16 ? 135 TRP A N   1 
ATOM   949  C  CA  . TRP A 1 135 ? -3.340  6.932   -12.947 1.00 12.03 ? 135 TRP A CA  1 
ATOM   950  C  C   . TRP A 1 135 ? -3.740  5.931   -14.027 1.00 13.27 ? 135 TRP A C   1 
ATOM   951  O  O   . TRP A 1 135 ? -3.252  6.011   -15.158 1.00 14.71 ? 135 TRP A O   1 
ATOM   952  C  CB  . TRP A 1 135 ? -3.887  8.314   -13.328 1.00 11.95 ? 135 TRP A CB  1 
ATOM   953  C  CG  . TRP A 1 135 ? -3.876  9.332   -12.236 1.00 13.65 ? 135 TRP A CG  1 
ATOM   954  C  CD1 . TRP A 1 135 ? -3.026  10.391  -12.113 1.00 13.41 ? 135 TRP A CD1 1 
ATOM   955  C  CD2 . TRP A 1 135 ? -4.801  9.431   -11.146 1.00 12.76 ? 135 TRP A CD2 1 
ATOM   956  N  NE1 . TRP A 1 135 ? -3.370  11.151  -11.019 1.00 13.93 ? 135 TRP A NE1 1 
ATOM   957  C  CE2 . TRP A 1 135 ? -4.458  10.585  -10.408 1.00 13.46 ? 135 TRP A CE2 1 
ATOM   958  C  CE3 . TRP A 1 135 ? -5.893  8.658   -10.722 1.00 13.50 ? 135 TRP A CE3 1 
ATOM   959  C  CZ2 . TRP A 1 135 ? -5.166  10.988  -9.271  1.00 12.74 ? 135 TRP A CZ2 1 
ATOM   960  C  CZ3 . TRP A 1 135 ? -6.600  9.061   -9.589  1.00 12.71 ? 135 TRP A CZ3 1 
ATOM   961  C  CH2 . TRP A 1 135 ? -6.233  10.215  -8.879  1.00 14.50 ? 135 TRP A CH2 1 
ATOM   962  N  N   . MET A 1 136 ? -4.614  4.989   -13.687 1.00 12.85 ? 136 MET A N   1 
ATOM   963  C  CA  . MET A 1 136 ? -5.043  3.985   -14.654 1.00 14.53 ? 136 MET A CA  1 
ATOM   964  C  C   . MET A 1 136 ? -6.407  3.408   -14.299 1.00 14.58 ? 136 MET A C   1 
ATOM   965  O  O   . MET A 1 136 ? -6.705  3.172   -13.131 1.00 13.81 ? 136 MET A O   1 
ATOM   966  C  CB  . MET A 1 136 ? -4.013  2.847   -14.710 1.00 14.35 ? 136 MET A CB  1 
ATOM   967  C  CG  . MET A 1 136 ? -4.274  1.809   -15.789 1.00 15.98 ? 136 MET A CG  1 
ATOM   968  S  SD  . MET A 1 136 ? -3.132  0.404   -15.688 1.00 17.08 ? 136 MET A SD  1 
ATOM   969  C  CE  . MET A 1 136 ? -1.575  1.194   -16.067 1.00 18.87 ? 136 MET A CE  1 
ATOM   970  N  N   . ARG A 1 137 ? -7.249  3.190   -15.303 1.00 14.56 ? 137 ARG A N   1 
ATOM   971  C  CA  . ARG A 1 137 ? -8.552  2.599   -15.026 1.00 14.47 ? 137 ARG A CA  1 
ATOM   972  C  C   . ARG A 1 137 ? -8.303  1.219   -14.420 1.00 13.68 ? 137 ARG A C   1 
ATOM   973  O  O   . ARG A 1 137 ? -7.465  0.464   -14.911 1.00 14.15 ? 137 ARG A O   1 
ATOM   974  C  CB  . ARG A 1 137 ? -9.372  2.466   -16.317 1.00 17.40 ? 137 ARG A CB  1 
ATOM   975  C  CG  . ARG A 1 137 ? -9.851  3.800   -16.872 1.00 21.36 ? 137 ARG A CG  1 
ATOM   976  C  CD  . ARG A 1 137 ? -10.614 3.632   -18.180 1.00 26.26 ? 137 ARG A CD  1 
ATOM   977  N  NE  . ARG A 1 137 ? -11.358 4.840   -18.534 1.00 32.14 ? 137 ARG A NE  1 
ATOM   978  C  CZ  . ARG A 1 137 ? -10.807 6.023   -18.795 1.00 34.84 ? 137 ARG A CZ  1 
ATOM   979  N  NH1 . ARG A 1 137 ? -9.491  6.178   -18.752 1.00 37.28 ? 137 ARG A NH1 1 
ATOM   980  N  NH2 . ARG A 1 137 ? -11.580 7.059   -19.093 1.00 36.95 ? 137 ARG A NH2 1 
ATOM   981  N  N   . PRO A 1 138 ? -9.014  0.879   -13.335 1.00 13.21 ? 138 PRO A N   1 
ATOM   982  C  CA  . PRO A 1 138 ? -8.823  -0.434  -12.705 1.00 14.13 ? 138 PRO A CA  1 
ATOM   983  C  C   . PRO A 1 138 ? -9.075  -1.596  -13.668 1.00 14.82 ? 138 PRO A C   1 
ATOM   984  O  O   . PRO A 1 138 ? -8.441  -2.646  -13.564 1.00 15.11 ? 138 PRO A O   1 
ATOM   985  C  CB  . PRO A 1 138 ? -9.821  -0.414  -11.550 1.00 15.09 ? 138 PRO A CB  1 
ATOM   986  C  CG  . PRO A 1 138 ? -9.883  1.045   -11.187 1.00 16.15 ? 138 PRO A CG  1 
ATOM   987  C  CD  . PRO A 1 138 ? -9.942  1.710   -12.546 1.00 13.05 ? 138 PRO A CD  1 
ATOM   988  N  N   . GLU A 1 139 ? -10.011 -1.410  -14.598 1.00 14.55 ? 139 GLU A N   1 
ATOM   989  C  CA  . GLU A 1 139 ? -10.315 -2.447  -15.577 1.00 16.18 ? 139 GLU A CA  1 
ATOM   990  C  C   . GLU A 1 139 ? -9.092  -2.713  -16.443 1.00 15.45 ? 139 GLU A C   1 
ATOM   991  O  O   . GLU A 1 139 ? -8.811  -3.854  -16.815 1.00 16.85 ? 139 GLU A O   1 
ATOM   992  C  CB  . GLU A 1 139 ? -11.488 -2.021  -16.471 1.00 15.91 ? 139 GLU A CB  1 
ATOM   993  C  CG  . GLU A 1 139 ? -12.804 -1.866  -15.728 1.00 17.83 ? 139 GLU A CG  1 
ATOM   994  C  CD  . GLU A 1 139 ? -13.027 -0.471  -15.175 1.00 20.03 ? 139 GLU A CD  1 
ATOM   995  O  OE1 . GLU A 1 139 ? -12.042 0.276   -14.968 1.00 16.46 ? 139 GLU A OE1 1 
ATOM   996  O  OE2 . GLU A 1 139 ? -14.203 -0.130  -14.936 1.00 18.93 ? 139 GLU A OE2 1 
ATOM   997  N  N   . GLU A 1 140 ? -8.364  -1.648  -16.759 1.00 15.98 ? 140 GLU A N   1 
ATOM   998  C  CA  . GLU A 1 140 ? -7.168  -1.761  -17.583 1.00 18.14 ? 140 GLU A CA  1 
ATOM   999  C  C   . GLU A 1 140 ? -6.046  -2.437  -16.796 1.00 17.63 ? 140 GLU A C   1 
ATOM   1000 O  O   . GLU A 1 140 ? -5.319  -3.276  -17.329 1.00 16.91 ? 140 GLU A O   1 
ATOM   1001 C  CB  . GLU A 1 140 ? -6.713  -0.376  -18.041 1.00 21.52 ? 140 GLU A CB  1 
ATOM   1002 C  CG  . GLU A 1 140 ? -5.639  -0.406  -19.109 1.00 28.08 ? 140 GLU A CG  1 
ATOM   1003 C  CD  . GLU A 1 140 ? -6.142  -1.006  -20.413 1.00 32.23 ? 140 GLU A CD  1 
ATOM   1004 O  OE1 . GLU A 1 140 ? -6.425  -2.221  -20.445 1.00 35.92 ? 140 GLU A OE1 1 
ATOM   1005 O  OE2 . GLU A 1 140 ? -6.266  -0.255  -21.405 1.00 37.55 ? 140 GLU A OE2 1 
ATOM   1006 N  N   . ALA A 1 141 ? -5.909  -2.067  -15.526 1.00 16.51 ? 141 ALA A N   1 
ATOM   1007 C  CA  . ALA A 1 141 ? -4.881  -2.657  -14.677 1.00 16.63 ? 141 ALA A CA  1 
ATOM   1008 C  C   . ALA A 1 141 ? -5.098  -4.166  -14.586 1.00 15.50 ? 141 ALA A C   1 
ATOM   1009 O  O   . ALA A 1 141 ? -4.153  -4.950  -14.690 1.00 16.31 ? 141 ALA A O   1 
ATOM   1010 C  CB  . ALA A 1 141 ? -4.929  -2.033  -13.282 1.00 15.19 ? 141 ALA A CB  1 
ATOM   1011 N  N   . LEU A 1 142 ? -6.352  -4.569  -14.398 1.00 15.74 ? 142 LEU A N   1 
ATOM   1012 C  CA  . LEU A 1 142 ? -6.681  -5.986  -14.289 1.00 15.78 ? 142 LEU A CA  1 
ATOM   1013 C  C   . LEU A 1 142 ? -6.370  -6.727  -15.586 1.00 16.83 ? 142 LEU A C   1 
ATOM   1014 O  O   . LEU A 1 142 ? -5.779  -7.806  -15.573 1.00 17.18 ? 142 LEU A O   1 
ATOM   1015 C  CB  . LEU A 1 142 ? -8.163  -6.161  -13.940 1.00 17.28 ? 142 LEU A CB  1 
ATOM   1016 C  CG  . LEU A 1 142 ? -8.661  -7.602  -13.803 1.00 18.19 ? 142 LEU A CG  1 
ATOM   1017 C  CD1 . LEU A 1 142 ? -7.867  -8.328  -12.721 1.00 18.04 ? 142 LEU A CD1 1 
ATOM   1018 C  CD2 . LEU A 1 142 ? -10.144 -7.593  -13.469 1.00 20.15 ? 142 LEU A CD2 1 
ATOM   1019 N  N   . GLU A 1 143 ? -6.760  -6.138  -16.711 1.00 17.57 ? 143 GLU A N   1 
ATOM   1020 C  CA  . GLU A 1 143 ? -6.515  -6.756  -18.005 1.00 20.20 ? 143 GLU A CA  1 
ATOM   1021 C  C   . GLU A 1 143 ? -5.020  -6.937  -18.258 1.00 19.66 ? 143 GLU A C   1 
ATOM   1022 O  O   . GLU A 1 143 ? -4.578  -8.013  -18.668 1.00 20.91 ? 143 GLU A O   1 
ATOM   1023 C  CB  . GLU A 1 143 ? -7.130  -5.908  -19.120 1.00 23.49 ? 143 GLU A CB  1 
ATOM   1024 C  CG  . GLU A 1 143 ? -7.087  -6.572  -20.481 1.00 30.15 ? 143 GLU A CG  1 
ATOM   1025 C  CD  . GLU A 1 143 ? -7.753  -5.735  -21.552 1.00 33.29 ? 143 GLU A CD  1 
ATOM   1026 O  OE1 . GLU A 1 143 ? -7.193  -4.679  -21.915 1.00 36.92 ? 143 GLU A OE1 1 
ATOM   1027 O  OE2 . GLU A 1 143 ? -8.837  -6.131  -22.023 1.00 37.25 ? 143 GLU A OE2 1 
ATOM   1028 N  N   . ARG A 1 144 ? -4.242  -5.887  -18.015 1.00 19.01 ? 144 ARG A N   1 
ATOM   1029 C  CA  . ARG A 1 144 ? -2.802  -5.962  -18.223 1.00 20.66 ? 144 ARG A CA  1 
ATOM   1030 C  C   . ARG A 1 144 ? -2.183  -7.045  -17.348 1.00 21.15 ? 144 ARG A C   1 
ATOM   1031 O  O   . ARG A 1 144 ? -1.239  -7.723  -17.760 1.00 21.79 ? 144 ARG A O   1 
ATOM   1032 C  CB  . ARG A 1 144 ? -2.130  -4.629  -17.905 1.00 22.47 ? 144 ARG A CB  1 
ATOM   1033 C  CG  . ARG A 1 144 ? -2.423  -3.499  -18.876 1.00 25.63 ? 144 ARG A CG  1 
ATOM   1034 C  CD  . ARG A 1 144 ? -1.370  -2.425  -18.700 1.00 28.76 ? 144 ARG A CD  1 
ATOM   1035 N  NE  . ARG A 1 144 ? -1.731  -1.146  -19.301 1.00 31.34 ? 144 ARG A NE  1 
ATOM   1036 C  CZ  . ARG A 1 144 ? -0.899  -0.114  -19.388 1.00 32.27 ? 144 ARG A CZ  1 
ATOM   1037 N  NH1 . ARG A 1 144 ? 0.341   -0.223  -18.922 1.00 32.89 ? 144 ARG A NH1 1 
ATOM   1038 N  NH2 . ARG A 1 144 ? -1.305  1.030   -19.922 1.00 33.32 ? 144 ARG A NH2 1 
ATOM   1039 N  N   . HIS A 1 145 ? -2.704  -7.202  -16.136 1.00 19.11 ? 145 HIS A N   1 
ATOM   1040 C  CA  . HIS A 1 145 ? -2.169  -8.220  -15.244 1.00 18.04 ? 145 HIS A CA  1 
ATOM   1041 C  C   . HIS A 1 145 ? -2.507  -9.607  -15.773 1.00 19.70 ? 145 HIS A C   1 
ATOM   1042 O  O   . HIS A 1 145 ? -1.651  -10.494 -15.792 1.00 20.47 ? 145 HIS A O   1 
ATOM   1043 C  CB  . HIS A 1 145 ? -2.722  -8.062  -13.824 1.00 17.69 ? 145 HIS A CB  1 
ATOM   1044 C  CG  . HIS A 1 145 ? -2.205  -9.093  -12.870 1.00 15.75 ? 145 HIS A CG  1 
ATOM   1045 N  ND1 . HIS A 1 145 ? -2.968  -10.150 -12.422 1.00 16.74 ? 145 HIS A ND1 1 
ATOM   1046 C  CD2 . HIS A 1 145 ? -0.978  -9.256  -12.321 1.00 15.01 ? 145 HIS A CD2 1 
ATOM   1047 C  CE1 . HIS A 1 145 ? -2.233  -10.921 -11.639 1.00 14.21 ? 145 HIS A CE1 1 
ATOM   1048 N  NE2 . HIS A 1 145 ? -1.021  -10.401 -11.562 1.00 17.95 ? 145 HIS A NE2 1 
ATOM   1049 N  N   . GLN A 1 146 ? -3.751  -9.788  -16.208 1.00 19.44 ? 146 GLN A N   1 
ATOM   1050 C  CA  . GLN A 1 146 ? -4.193  -11.073 -16.741 1.00 23.20 ? 146 GLN A CA  1 
ATOM   1051 C  C   . GLN A 1 146 ? -3.376  -11.457 -17.969 1.00 25.02 ? 146 GLN A C   1 
ATOM   1052 O  O   . GLN A 1 146 ? -3.223  -12.638 -18.272 1.00 26.28 ? 146 GLN A O   1 
ATOM   1053 C  CB  . GLN A 1 146 ? -5.677  -11.018 -17.109 1.00 22.71 ? 146 GLN A CB  1 
ATOM   1054 C  CG  . GLN A 1 146 ? -6.586  -10.678 -15.942 1.00 24.28 ? 146 GLN A CG  1 
ATOM   1055 C  CD  . GLN A 1 146 ? -8.024  -10.457 -16.365 1.00 24.04 ? 146 GLN A CD  1 
ATOM   1056 O  OE1 . GLN A 1 146 ? -8.292  -9.778  -17.360 1.00 26.17 ? 146 GLN A OE1 1 
ATOM   1057 N  NE2 . GLN A 1 146 ? -8.959  -11.016 -15.604 1.00 24.08 ? 146 GLN A NE2 1 
ATOM   1058 N  N   . ARG A 1 147 ? -2.856  -10.458 -18.674 1.00 27.24 ? 147 ARG A N   1 
ATOM   1059 C  CA  . ARG A 1 147 ? -2.046  -10.707 -19.864 1.00 29.86 ? 147 ARG A CA  1 
ATOM   1060 C  C   . ARG A 1 147 ? -0.573  -10.887 -19.501 1.00 30.12 ? 147 ARG A C   1 
ATOM   1061 O  O   . ARG A 1 147 ? 0.258   -11.158 -20.367 1.00 31.48 ? 147 ARG A O   1 
ATOM   1062 C  CB  . ARG A 1 147 ? -2.192  -9.555  -20.862 1.00 31.87 ? 147 ARG A CB  1 
ATOM   1063 C  CG  . ARG A 1 147 ? -3.590  -9.409  -21.438 1.00 36.27 ? 147 ARG A CG  1 
ATOM   1064 C  CD  . ARG A 1 147 ? -3.624  -8.341  -22.519 1.00 40.80 ? 147 ARG A CD  1 
ATOM   1065 N  NE  . ARG A 1 147 ? -2.712  -8.643  -23.621 1.00 44.09 ? 147 ARG A NE  1 
ATOM   1066 C  CZ  . ARG A 1 147 ? -2.806  -9.716  -24.403 1.00 45.90 ? 147 ARG A CZ  1 
ATOM   1067 N  NH1 . ARG A 1 147 ? -3.775  -10.601 -24.212 1.00 46.87 ? 147 ARG A NH1 1 
ATOM   1068 N  NH2 . ARG A 1 147 ? -1.928  -9.904  -25.379 1.00 45.78 ? 147 ARG A NH2 1 
ATOM   1069 N  N   . GLY A 1 148 ? -0.257  -10.729 -18.221 1.00 30.15 ? 148 GLY A N   1 
ATOM   1070 C  CA  . GLY A 1 148 ? 1.115   -10.886 -17.766 1.00 29.28 ? 148 GLY A CA  1 
ATOM   1071 C  C   . GLY A 1 148 ? 2.018   -9.708  -18.075 1.00 29.51 ? 148 GLY A C   1 
ATOM   1072 O  O   . GLY A 1 148 ? 3.240   -9.849  -18.094 1.00 29.75 ? 148 GLY A O   1 
ATOM   1073 N  N   . GLU A 1 149 ? 1.423   -8.541  -18.303 1.00 29.01 ? 149 GLU A N   1 
ATOM   1074 C  CA  . GLU A 1 149 ? 2.190   -7.340  -18.621 1.00 28.77 ? 149 GLU A CA  1 
ATOM   1075 C  C   . GLU A 1 149 ? 2.647   -6.589  -17.375 1.00 26.16 ? 149 GLU A C   1 
ATOM   1076 O  O   . GLU A 1 149 ? 3.642   -5.866  -17.408 1.00 26.17 ? 149 GLU A O   1 
ATOM   1077 C  CB  . GLU A 1 149 ? 1.356   -6.414  -19.515 1.00 32.53 ? 149 GLU A CB  1 
ATOM   1078 C  CG  . GLU A 1 149 ? 2.068   -5.139  -19.966 1.00 38.14 ? 149 GLU A CG  1 
ATOM   1079 C  CD  . GLU A 1 149 ? 1.965   -4.003  -18.960 1.00 41.02 ? 149 GLU A CD  1 
ATOM   1080 O  OE1 . GLU A 1 149 ? 2.579   -2.940  -19.195 1.00 41.94 ? 149 GLU A OE1 1 
ATOM   1081 O  OE2 . GLU A 1 149 ? 1.265   -4.170  -17.939 1.00 44.39 ? 149 GLU A OE2 1 
ATOM   1082 N  N   . VAL A 1 150 ? 1.920   -6.760  -16.276 1.00 22.85 ? 150 VAL A N   1 
ATOM   1083 C  CA  . VAL A 1 150 ? 2.269   -6.085  -15.032 1.00 20.05 ? 150 VAL A CA  1 
ATOM   1084 C  C   . VAL A 1 150 ? 1.937   -6.965  -13.831 1.00 18.39 ? 150 VAL A C   1 
ATOM   1085 O  O   . VAL A 1 150 ? 1.062   -7.826  -13.907 1.00 17.29 ? 150 VAL A O   1 
ATOM   1086 C  CB  . VAL A 1 150 ? 1.509   -4.742  -14.903 1.00 21.79 ? 150 VAL A CB  1 
ATOM   1087 C  CG1 . VAL A 1 150 ? 0.032   -4.996  -14.623 1.00 21.85 ? 150 VAL A CG1 1 
ATOM   1088 C  CG2 . VAL A 1 150 ? 2.135   -3.892  -13.818 1.00 24.17 ? 150 VAL A CG2 1 
ATOM   1089 N  N   . GLU A 1 151 ? 2.652   -6.750  -12.730 1.00 16.91 ? 151 GLU A N   1 
ATOM   1090 C  CA  . GLU A 1 151 ? 2.431   -7.514  -11.506 1.00 16.29 ? 151 GLU A CA  1 
ATOM   1091 C  C   . GLU A 1 151 ? 1.715   -6.624  -10.501 1.00 15.23 ? 151 GLU A C   1 
ATOM   1092 O  O   . GLU A 1 151 ? 1.705   -5.400  -10.641 1.00 15.64 ? 151 GLU A O   1 
ATOM   1093 C  CB  . GLU A 1 151 ? 3.762   -7.976  -10.911 1.00 17.23 ? 151 GLU A CB  1 
ATOM   1094 C  CG  . GLU A 1 151 ? 4.586   -8.858  -11.828 1.00 22.89 ? 151 GLU A CG  1 
ATOM   1095 C  CD  . GLU A 1 151 ? 3.816   -10.071 -12.306 1.00 26.22 ? 151 GLU A CD  1 
ATOM   1096 O  OE1 . GLU A 1 151 ? 3.243   -10.788 -11.459 1.00 25.80 ? 151 GLU A OE1 1 
ATOM   1097 O  OE2 . GLU A 1 151 ? 3.786   -10.307 -13.533 1.00 29.78 ? 151 GLU A OE2 1 
ATOM   1098 N  N   . PHE A 1 152 ? 1.116   -7.242  -9.489  1.00 12.73 ? 152 PHE A N   1 
ATOM   1099 C  CA  . PHE A 1 152 ? 0.385   -6.504  -8.457  1.00 11.19 ? 152 PHE A CA  1 
ATOM   1100 C  C   . PHE A 1 152 ? 1.004   -6.706  -7.084  1.00 11.64 ? 152 PHE A C   1 
ATOM   1101 O  O   . PHE A 1 152 ? 1.569   -7.758  -6.796  1.00 11.97 ? 152 PHE A O   1 
ATOM   1102 C  CB  . PHE A 1 152 ? -1.054  -7.028  -8.313  1.00 11.17 ? 152 PHE A CB  1 
ATOM   1103 C  CG  . PHE A 1 152 ? -2.041  -6.473  -9.294  1.00 13.06 ? 152 PHE A CG  1 
ATOM   1104 C  CD1 . PHE A 1 152 ? -2.861  -7.336  -10.016 1.00 13.83 ? 152 PHE A CD1 1 
ATOM   1105 C  CD2 . PHE A 1 152 ? -2.228  -5.101  -9.431  1.00 16.88 ? 152 PHE A CD2 1 
ATOM   1106 C  CE1 . PHE A 1 152 ? -3.859  -6.846  -10.856 1.00 13.64 ? 152 PHE A CE1 1 
ATOM   1107 C  CE2 . PHE A 1 152 ? -3.228  -4.598  -10.270 1.00 18.57 ? 152 PHE A CE2 1 
ATOM   1108 C  CZ  . PHE A 1 152 ? -4.045  -5.476  -10.983 1.00 16.67 ? 152 PHE A CZ  1 
ATOM   1109 N  N   . SER A 1 153 ? 0.886   -5.692  -6.240  1.00 10.77 ? 153 SER A N   1 
ATOM   1110 C  CA  . SER A 1 153 ? 1.297   -5.828  -4.853  1.00 10.15 ? 153 SER A CA  1 
ATOM   1111 C  C   . SER A 1 153 ? -0.074  -6.112  -4.236  1.00 10.25 ? 153 SER A C   1 
ATOM   1112 O  O   . SER A 1 153 ? -1.104  -5.915  -4.891  1.00 11.06 ? 153 SER A O   1 
ATOM   1113 C  CB  . SER A 1 153 ? 1.832   -4.515  -4.285  1.00 11.61 ? 153 SER A CB  1 
ATOM   1114 O  OG  . SER A 1 153 ? 0.810   -3.532  -4.228  1.00 13.10 ? 153 SER A OG  1 
ATOM   1115 N  N   . ALA A 1 154 ? -0.104  -6.570  -2.994  1.00 9.13  ? 154 ALA A N   1 
ATOM   1116 C  CA  . ALA A 1 154 ? -1.374  -6.834  -2.334  1.00 10.75 ? 154 ALA A CA  1 
ATOM   1117 C  C   . ALA A 1 154 ? -2.230  -5.564  -2.337  1.00 10.04 ? 154 ALA A C   1 
ATOM   1118 O  O   . ALA A 1 154 ? -3.438  -5.621  -2.593  1.00 10.62 ? 154 ALA A O   1 
ATOM   1119 C  CB  . ALA A 1 154 ? -1.127  -7.297  -0.905  1.00 10.93 ? 154 ALA A CB  1 
ATOM   1120 N  N   . THR A 1 155 ? -1.617  -4.416  -2.057  1.00 9.14  ? 155 THR A N   1 
ATOM   1121 C  CA  . THR A 1 155 ? -2.388  -3.172  -2.029  1.00 9.37  ? 155 THR A CA  1 
ATOM   1122 C  C   . THR A 1 155 ? -2.985  -2.828  -3.389  1.00 9.63  ? 155 THR A C   1 
ATOM   1123 O  O   . THR A 1 155 ? -4.123  -2.362  -3.466  1.00 10.50 ? 155 THR A O   1 
ATOM   1124 C  CB  . THR A 1 155 ? -1.550  -1.969  -1.520  1.00 9.07  ? 155 THR A CB  1 
ATOM   1125 O  OG1 . THR A 1 155 ? -0.401  -1.778  -2.356  1.00 11.51 ? 155 THR A OG1 1 
ATOM   1126 C  CG2 . THR A 1 155 ? -1.107  -2.209  -0.080  1.00 11.23 ? 155 THR A CG2 1 
ATOM   1127 N  N   . GLY A 1 156 ? -2.239  -3.079  -4.461  1.00 9.62  ? 156 GLY A N   1 
ATOM   1128 C  CA  . GLY A 1 156 ? -2.761  -2.787  -5.786  1.00 9.99  ? 156 GLY A CA  1 
ATOM   1129 C  C   . GLY A 1 156 ? -3.940  -3.682  -6.132  1.00 10.65 ? 156 GLY A C   1 
ATOM   1130 O  O   . GLY A 1 156 ? -4.948  -3.216  -6.672  1.00 9.99  ? 156 GLY A O   1 
ATOM   1131 N  N   . LEU A 1 157 ? -3.818  -4.972  -5.836  1.00 10.15 ? 157 LEU A N   1 
ATOM   1132 C  CA  . LEU A 1 157 ? -4.899  -5.910  -6.122  1.00 10.69 ? 157 LEU A CA  1 
ATOM   1133 C  C   . LEU A 1 157 ? -6.135  -5.579  -5.276  1.00 10.15 ? 157 LEU A C   1 
ATOM   1134 O  O   . LEU A 1 157 ? -7.263  -5.608  -5.776  1.00 10.05 ? 157 LEU A O   1 
ATOM   1135 C  CB  . LEU A 1 157 ? -4.451  -7.351  -5.850  1.00 10.52 ? 157 LEU A CB  1 
ATOM   1136 C  CG  . LEU A 1 157 ? -5.524  -8.428  -6.047  1.00 10.95 ? 157 LEU A CG  1 
ATOM   1137 C  CD1 . LEU A 1 157 ? -6.023  -8.428  -7.487  1.00 11.87 ? 157 LEU A CD1 1 
ATOM   1138 C  CD2 . LEU A 1 157 ? -4.944  -9.782  -5.674  1.00 9.62  ? 157 LEU A CD2 1 
ATOM   1139 N  N   . VAL A 1 158 ? -5.928  -5.259  -4.001  1.00 10.67 ? 158 VAL A N   1 
ATOM   1140 C  CA  . VAL A 1 158 ? -7.042  -4.911  -3.125  1.00 10.90 ? 158 VAL A CA  1 
ATOM   1141 C  C   . VAL A 1 158 ? -7.774  -3.684  -3.669  1.00 12.13 ? 158 VAL A C   1 
ATOM   1142 O  O   . VAL A 1 158 ? -9.007  -3.627  -3.653  1.00 12.76 ? 158 VAL A O   1 
ATOM   1143 C  CB  . VAL A 1 158 ? -6.547  -4.656  -1.678  1.00 11.04 ? 158 VAL A CB  1 
ATOM   1144 C  CG1 . VAL A 1 158 ? -7.609  -3.931  -0.860  1.00 12.37 ? 158 VAL A CG1 1 
ATOM   1145 C  CG2 . VAL A 1 158 ? -6.226  -5.989  -1.021  1.00 10.98 ? 158 VAL A CG2 1 
ATOM   1146 N  N   . GLY A 1 159 ? -7.015  -2.708  -4.158  1.00 10.63 ? 159 GLY A N   1 
ATOM   1147 C  CA  . GLY A 1 159 ? -7.627  -1.513  -4.711  1.00 12.24 ? 159 GLY A CA  1 
ATOM   1148 C  C   . GLY A 1 159 ? -8.480  -1.855  -5.919  1.00 12.45 ? 159 GLY A C   1 
ATOM   1149 O  O   . GLY A 1 159 ? -9.613  -1.397  -6.042  1.00 11.72 ? 159 GLY A O   1 
ATOM   1150 N  N   . VAL A 1 160 ? -7.930  -2.673  -6.809  1.00 11.57 ? 160 VAL A N   1 
ATOM   1151 C  CA  . VAL A 1 160 ? -8.642  -3.076  -8.016  1.00 12.07 ? 160 VAL A CA  1 
ATOM   1152 C  C   . VAL A 1 160 ? -9.919  -3.842  -7.682  1.00 11.87 ? 160 VAL A C   1 
ATOM   1153 O  O   . VAL A 1 160 ? -10.980 -3.554  -8.241  1.00 12.82 ? 160 VAL A O   1 
ATOM   1154 C  CB  . VAL A 1 160 ? -7.738  -3.935  -8.925  1.00 12.36 ? 160 VAL A CB  1 
ATOM   1155 C  CG1 . VAL A 1 160 ? -8.554  -4.574  -10.036 1.00 14.20 ? 160 VAL A CG1 1 
ATOM   1156 C  CG2 . VAL A 1 160 ? -6.642  -3.059  -9.528  1.00 14.11 ? 160 VAL A CG2 1 
ATOM   1157 N  N   . LEU A 1 161 ? -9.828  -4.803  -6.768  1.00 10.58 ? 161 LEU A N   1 
ATOM   1158 C  CA  . LEU A 1 161 ? -11.006 -5.582  -6.399  1.00 10.61 ? 161 LEU A CA  1 
ATOM   1159 C  C   . LEU A 1 161 ? -12.050 -4.732  -5.676  1.00 11.76 ? 161 LEU A C   1 
ATOM   1160 O  O   . LEU A 1 161 ? -13.253 -4.888  -5.918  1.00 11.59 ? 161 LEU A O   1 
ATOM   1161 C  CB  . LEU A 1 161 ? -10.605 -6.777  -5.534  1.00 11.22 ? 161 LEU A CB  1 
ATOM   1162 C  CG  . LEU A 1 161 ? -9.732  -7.818  -6.246  1.00 10.91 ? 161 LEU A CG  1 
ATOM   1163 C  CD1 . LEU A 1 161 ? -9.400  -8.948  -5.279  1.00 11.91 ? 161 LEU A CD1 1 
ATOM   1164 C  CD2 . LEU A 1 161 ? -10.462 -8.371  -7.474  1.00 12.83 ? 161 LEU A CD2 1 
ATOM   1165 N  N   . TYR A 1 162 ? -11.595 -3.836  -4.803  1.00 12.24 ? 162 TYR A N   1 
ATOM   1166 C  CA  . TYR A 1 162 ? -12.506 -2.961  -4.070  1.00 12.39 ? 162 TYR A CA  1 
ATOM   1167 C  C   . TYR A 1 162 ? -13.297 -2.104  -5.057  1.00 12.99 ? 162 TYR A C   1 
ATOM   1168 O  O   . TYR A 1 162 ? -14.504 -1.926  -4.915  1.00 12.51 ? 162 TYR A O   1 
ATOM   1169 C  CB  . TYR A 1 162 ? -11.739 -2.040  -3.115  1.00 12.78 ? 162 TYR A CB  1 
ATOM   1170 C  CG  . TYR A 1 162 ? -12.656 -1.137  -2.318  1.00 13.06 ? 162 TYR A CG  1 
ATOM   1171 C  CD1 . TYR A 1 162 ? -13.336 -1.614  -1.197  1.00 14.17 ? 162 TYR A CD1 1 
ATOM   1172 C  CD2 . TYR A 1 162 ? -12.920 0.162   -2.747  1.00 14.97 ? 162 TYR A CD2 1 
ATOM   1173 C  CE1 . TYR A 1 162 ? -14.270 -0.816  -0.526  1.00 15.20 ? 162 TYR A CE1 1 
ATOM   1174 C  CE2 . TYR A 1 162 ? -13.849 0.966   -2.088  1.00 15.01 ? 162 TYR A CE2 1 
ATOM   1175 C  CZ  . TYR A 1 162 ? -14.521 0.469   -0.982  1.00 15.70 ? 162 TYR A CZ  1 
ATOM   1176 O  OH  . TYR A 1 162 ? -15.471 1.249   -0.356  1.00 19.96 ? 162 TYR A OH  1 
ATOM   1177 N  N   . TYR A 1 163 ? -12.606 -1.566  -6.054  1.00 12.70 ? 163 TYR A N   1 
ATOM   1178 C  CA  . TYR A 1 163 ? -13.268 -0.747  -7.060  1.00 13.43 ? 163 TYR A CA  1 
ATOM   1179 C  C   . TYR A 1 163 ? -14.365 -1.542  -7.770  1.00 15.30 ? 163 TYR A C   1 
ATOM   1180 O  O   . TYR A 1 163 ? -15.504 -1.088  -7.866  1.00 14.69 ? 163 TYR A O   1 
ATOM   1181 C  CB  . TYR A 1 163 ? -12.254 -0.263  -8.095  1.00 14.07 ? 163 TYR A CB  1 
ATOM   1182 C  CG  . TYR A 1 163 ? -12.889 0.222   -9.382  1.00 13.57 ? 163 TYR A CG  1 
ATOM   1183 C  CD1 . TYR A 1 163 ? -13.369 1.526   -9.501  1.00 16.41 ? 163 TYR A CD1 1 
ATOM   1184 C  CD2 . TYR A 1 163 ? -13.009 -0.628  -10.480 1.00 14.85 ? 163 TYR A CD2 1 
ATOM   1185 C  CE1 . TYR A 1 163 ? -13.952 1.974   -10.691 1.00 15.28 ? 163 TYR A CE1 1 
ATOM   1186 C  CE2 . TYR A 1 163 ? -13.588 -0.193  -11.669 1.00 13.75 ? 163 TYR A CE2 1 
ATOM   1187 C  CZ  . TYR A 1 163 ? -14.057 1.105   -11.768 1.00 15.23 ? 163 TYR A CZ  1 
ATOM   1188 O  OH  . TYR A 1 163 ? -14.634 1.530   -12.948 1.00 17.76 ? 163 TYR A OH  1 
ATOM   1189 N  N   . HIS A 1 164 ? -14.020 -2.725  -8.269  1.00 14.52 ? 164 HIS A N   1 
ATOM   1190 C  CA  . HIS A 1 164 ? -14.994 -3.541  -8.990  1.00 14.68 ? 164 HIS A CA  1 
ATOM   1191 C  C   . HIS A 1 164 ? -16.179 -3.938  -8.120  1.00 16.33 ? 164 HIS A C   1 
ATOM   1192 O  O   . HIS A 1 164 ? -17.294 -4.093  -8.619  1.00 17.31 ? 164 HIS A O   1 
ATOM   1193 C  CB  . HIS A 1 164 ? -14.326 -4.800  -9.558  1.00 13.24 ? 164 HIS A CB  1 
ATOM   1194 C  CG  . HIS A 1 164 ? -13.443 -4.541  -10.743 1.00 14.45 ? 164 HIS A CG  1 
ATOM   1195 N  ND1 . HIS A 1 164 ? -13.886 -4.653  -12.045 1.00 16.98 ? 164 HIS A ND1 1 
ATOM   1196 C  CD2 . HIS A 1 164 ? -12.145 -4.171  -10.818 1.00 10.60 ? 164 HIS A CD2 1 
ATOM   1197 C  CE1 . HIS A 1 164 ? -12.894 -4.364  -12.871 1.00 14.56 ? 164 HIS A CE1 1 
ATOM   1198 N  NE2 . HIS A 1 164 ? -11.827 -4.067  -12.150 1.00 18.10 ? 164 HIS A NE2 1 
ATOM   1199 N  N   . ALA A 1 165 ? -15.943 -4.080  -6.820  1.00 14.35 ? 165 ALA A N   1 
ATOM   1200 C  CA  . ALA A 1 165 ? -16.997 -4.481  -5.895  1.00 15.66 ? 165 ALA A CA  1 
ATOM   1201 C  C   . ALA A 1 165 ? -17.922 -3.365  -5.417  1.00 17.06 ? 165 ALA A C   1 
ATOM   1202 O  O   . ALA A 1 165 ? -19.135 -3.571  -5.318  1.00 18.21 ? 165 ALA A O   1 
ATOM   1203 C  CB  . ALA A 1 165 ? -16.381 -5.171  -4.678  1.00 15.45 ? 165 ALA A CB  1 
ATOM   1204 N  N   . PHE A 1 166 ? -17.373 -2.185  -5.137  1.00 15.87 ? 166 PHE A N   1 
ATOM   1205 C  CA  . PHE A 1 166 ? -18.196 -1.109  -4.597  1.00 17.02 ? 166 PHE A CA  1 
ATOM   1206 C  C   . PHE A 1 166 ? -18.150 0.275   -5.235  1.00 18.38 ? 166 PHE A C   1 
ATOM   1207 O  O   . PHE A 1 166 ? -18.907 1.155   -4.825  1.00 18.79 ? 166 PHE A O   1 
ATOM   1208 C  CB  . PHE A 1 166 ? -17.880 -0.933  -3.109  1.00 17.87 ? 166 PHE A CB  1 
ATOM   1209 C  CG  . PHE A 1 166 ? -17.900 -2.210  -2.324  1.00 18.65 ? 166 PHE A CG  1 
ATOM   1210 C  CD1 . PHE A 1 166 ? -16.710 -2.834  -1.954  1.00 17.61 ? 166 PHE A CD1 1 
ATOM   1211 C  CD2 . PHE A 1 166 ? -19.107 -2.796  -1.955  1.00 20.81 ? 166 PHE A CD2 1 
ATOM   1212 C  CE1 . PHE A 1 166 ? -16.724 -4.021  -1.226  1.00 16.05 ? 166 PHE A CE1 1 
ATOM   1213 C  CE2 . PHE A 1 166 ? -19.132 -3.987  -1.227  1.00 20.44 ? 166 PHE A CE2 1 
ATOM   1214 C  CZ  . PHE A 1 166 ? -17.939 -4.601  -0.860  1.00 19.62 ? 166 PHE A CZ  1 
ATOM   1215 N  N   . LEU A 1 167 ? -17.294 0.492   -6.225  1.00 18.41 ? 167 LEU A N   1 
ATOM   1216 C  CA  . LEU A 1 167 ? -17.201 1.829   -6.800  1.00 19.35 ? 167 LEU A CA  1 
ATOM   1217 C  C   . LEU A 1 167 ? -17.701 2.026   -8.230  1.00 21.09 ? 167 LEU A C   1 
ATOM   1218 O  O   . LEU A 1 167 ? -17.441 3.063   -8.837  1.00 22.55 ? 167 LEU A O   1 
ATOM   1219 C  CB  . LEU A 1 167 ? -15.754 2.324   -6.693  1.00 18.05 ? 167 LEU A CB  1 
ATOM   1220 C  CG  . LEU A 1 167 ? -15.138 2.316   -5.286  1.00 18.44 ? 167 LEU A CG  1 
ATOM   1221 C  CD1 . LEU A 1 167 ? -13.698 2.806   -5.357  1.00 17.83 ? 167 LEU A CD1 1 
ATOM   1222 C  CD2 . LEU A 1 167 ? -15.954 3.187   -4.340  1.00 17.09 ? 167 LEU A CD2 1 
ATOM   1223 N  N   . ARG A 1 168 ? -18.418 1.049   -8.774  1.00 23.72 ? 168 ARG A N   1 
ATOM   1224 C  CA  . ARG A 1 168 ? -18.926 1.179   -10.137 1.00 25.62 ? 168 ARG A CA  1 
ATOM   1225 C  C   . ARG A 1 168 ? -20.415 1.511   -10.162 1.00 27.20 ? 168 ARG A C   1 
ATOM   1226 O  O   . ARG A 1 168 ? -20.930 2.150   -9.246  1.00 29.69 ? 168 ARG A O   1 
ATOM   1227 C  CB  . ARG A 1 168 ? -18.680 -0.106  -10.925 1.00 26.57 ? 168 ARG A CB  1 
ATOM   1228 C  CG  . ARG A 1 168 ? -17.215 -0.412  -11.158 1.00 27.48 ? 168 ARG A CG  1 
ATOM   1229 C  CD  . ARG A 1 168 ? -17.062 -1.602  -12.074 1.00 27.16 ? 168 ARG A CD  1 
ATOM   1230 N  NE  . ARG A 1 168 ? -17.636 -2.806  -11.487 1.00 27.39 ? 168 ARG A NE  1 
ATOM   1231 C  CZ  . ARG A 1 168 ? -17.717 -3.974  -12.115 1.00 28.19 ? 168 ARG A CZ  1 
ATOM   1232 N  NH1 . ARG A 1 168 ? -17.262 -4.095  -13.357 1.00 29.33 ? 168 ARG A NH1 1 
ATOM   1233 N  NH2 . ARG A 1 168 ? -18.246 -5.023  -11.498 1.00 28.98 ? 168 ARG A NH2 1 
HETATM 1234 S  S   . SO4 B 2 .   ? 7.072   1.478   1.388   1.00 36.95 ? 601 SO4 A S   1 
HETATM 1235 O  O1  . SO4 B 2 .   ? 6.887   1.625   2.844   1.00 35.60 ? 601 SO4 A O1  1 
HETATM 1236 O  O2  . SO4 B 2 .   ? 5.750   1.251   0.749   1.00 32.04 ? 601 SO4 A O2  1 
HETATM 1237 O  O3  . SO4 B 2 .   ? 7.694   2.698   0.838   1.00 38.60 ? 601 SO4 A O3  1 
HETATM 1238 O  O4  . SO4 B 2 .   ? 7.955   0.327   1.136   1.00 37.68 ? 601 SO4 A O4  1 
HETATM 1239 ZN ZN  . ZN  C 3 .   ? 10.216  5.575   8.781   1.00 70.72 ? 300 ZN  A ZN  1 
HETATM 1240 O  O   . HOH D 4 .   ? 0.607   -5.465  1.561   1.00 11.56 ? 602 HOH A O   1 
HETATM 1241 O  O   . HOH D 4 .   ? 0.990   -10.441 8.253   1.00 11.15 ? 603 HOH A O   1 
HETATM 1242 O  O   . HOH D 4 .   ? -5.381  4.510   -5.087  1.00 13.11 ? 604 HOH A O   1 
HETATM 1243 O  O   . HOH D 4 .   ? 8.133   -3.322  3.889   1.00 16.14 ? 605 HOH A O   1 
HETATM 1244 O  O   . HOH D 4 .   ? 1.554   12.433  10.101  1.00 15.84 ? 606 HOH A O   1 
HETATM 1245 O  O   . HOH D 4 .   ? 2.066   -1.663  -1.295  1.00 17.16 ? 607 HOH A O   1 
HETATM 1246 O  O   . HOH D 4 .   ? 1.532   -3.637  3.417   1.00 14.57 ? 608 HOH A O   1 
HETATM 1247 O  O   . HOH D 4 .   ? 1.307   -4.445  -1.053  1.00 13.98 ? 609 HOH A O   1 
HETATM 1248 O  O   . HOH D 4 .   ? 6.066   -0.658  -7.101  1.00 18.32 ? 610 HOH A O   1 
HETATM 1249 O  O   . HOH D 4 .   ? 2.988   1.731   -2.601  1.00 16.68 ? 611 HOH A O   1 
HETATM 1250 O  O   . HOH D 4 .   ? 2.332   -17.448 12.295  1.00 17.28 ? 612 HOH A O   1 
HETATM 1251 O  O   . HOH D 4 .   ? 1.597   -10.071 -9.421  1.00 16.35 ? 613 HOH A O   1 
HETATM 1252 O  O   . HOH D 4 .   ? -2.594  13.966  2.110   1.00 18.98 ? 614 HOH A O   1 
HETATM 1253 O  O   . HOH D 4 .   ? 5.161   3.005   -1.554  1.00 22.38 ? 615 HOH A O   1 
HETATM 1254 O  O   . HOH D 4 .   ? -2.122  13.844  9.948   1.00 22.36 ? 616 HOH A O   1 
HETATM 1255 O  O   . HOH D 4 .   ? 7.003   3.897   4.056   1.00 19.81 ? 617 HOH A O   1 
HETATM 1256 O  O   . HOH D 4 .   ? -12.895 3.062   -15.096 1.00 19.72 ? 618 HOH A O   1 
HETATM 1257 O  O   . HOH D 4 .   ? -9.848  16.630  -16.704 1.00 50.92 ? 619 HOH A O   1 
HETATM 1258 O  O   . HOH D 4 .   ? 11.378  -0.992  -1.308  1.00 26.38 ? 620 HOH A O   1 
HETATM 1259 O  O   . HOH D 4 .   ? 2.020   -4.696  12.069  1.00 23.74 ? 621 HOH A O   1 
HETATM 1260 O  O   . HOH D 4 .   ? 6.673   15.544  4.098   1.00 22.70 ? 622 HOH A O   1 
HETATM 1261 O  O   . HOH D 4 .   ? -1.473  10.214  16.664  1.00 26.39 ? 623 HOH A O   1 
HETATM 1262 O  O   . HOH D 4 .   ? -11.954 7.785   -4.580  1.00 22.83 ? 624 HOH A O   1 
HETATM 1263 O  O   . HOH D 4 .   ? -13.578 9.274   2.156   1.00 26.40 ? 625 HOH A O   1 
HETATM 1264 O  O   . HOH D 4 .   ? 9.060   -0.851  3.206   1.00 32.98 ? 626 HOH A O   1 
HETATM 1265 O  O   . HOH D 4 .   ? 4.511   -8.762  -15.551 1.00 34.25 ? 627 HOH A O   1 
HETATM 1266 O  O   . HOH D 4 .   ? -6.661  6.064   12.650  1.00 24.25 ? 628 HOH A O   1 
HETATM 1267 O  O   . HOH D 4 .   ? -8.218  -4.355  12.309  1.00 41.77 ? 629 HOH A O   1 
HETATM 1268 O  O   . HOH D 4 .   ? 5.321   1.708   -4.896  1.00 27.29 ? 630 HOH A O   1 
HETATM 1269 O  O   . HOH D 4 .   ? -5.681  12.664  13.583  1.00 25.66 ? 631 HOH A O   1 
HETATM 1270 O  O   . HOH D 4 .   ? -16.241 -2.081  -15.279 1.00 28.99 ? 632 HOH A O   1 
HETATM 1271 O  O   . HOH D 4 .   ? 7.081   6.173   6.141   1.00 30.60 ? 633 HOH A O   1 
HETATM 1272 O  O   . HOH D 4 .   ? 3.925   -20.675 9.288   1.00 31.75 ? 634 HOH A O   1 
HETATM 1273 O  O   . HOH D 4 .   ? -14.415 8.222   -10.757 1.00 26.15 ? 635 HOH A O   1 
HETATM 1274 O  O   . HOH D 4 .   ? 10.361  -11.905 -7.594  1.00 37.35 ? 636 HOH A O   1 
HETATM 1275 O  O   . HOH D 4 .   ? 5.202   -5.437  -12.579 1.00 24.22 ? 637 HOH A O   1 
HETATM 1276 O  O   . HOH D 4 .   ? -1.617  -12.956 -14.022 1.00 27.03 ? 638 HOH A O   1 
HETATM 1277 O  O   . HOH D 4 .   ? 6.095   4.895   1.433   1.00 26.00 ? 639 HOH A O   1 
HETATM 1278 O  O   . HOH D 4 .   ? 6.808   -18.927 10.501  1.00 27.69 ? 640 HOH A O   1 
HETATM 1279 O  O   . HOH D 4 .   ? -10.778 -5.702  -17.050 1.00 28.17 ? 641 HOH A O   1 
HETATM 1280 O  O   . HOH D 4 .   ? -8.778  -13.082 -13.639 1.00 26.89 ? 642 HOH A O   1 
HETATM 1281 O  O   . HOH D 4 .   ? -4.181  11.635  16.806  1.00 30.91 ? 643 HOH A O   1 
HETATM 1282 O  O   . HOH D 4 .   ? -9.770  13.028  5.805   1.00 35.28 ? 644 HOH A O   1 
HETATM 1283 O  O   . HOH D 4 .   ? -10.512 -8.375  -17.817 1.00 30.25 ? 645 HOH A O   1 
HETATM 1284 O  O   . HOH D 4 .   ? 6.397   8.515   2.232   1.00 25.17 ? 646 HOH A O   1 
HETATM 1285 O  O   . HOH D 4 .   ? -7.038  -2.435  -23.027 1.00 50.12 ? 647 HOH A O   1 
HETATM 1286 O  O   . HOH D 4 .   ? 4.434   2.300   13.958  1.00 41.89 ? 648 HOH A O   1 
HETATM 1287 O  O   . HOH D 4 .   ? 8.889   -1.982  9.801   1.00 30.24 ? 649 HOH A O   1 
HETATM 1288 O  O   . HOH D 4 .   ? -10.849 12.942  -6.141  1.00 34.67 ? 650 HOH A O   1 
HETATM 1289 O  O   . HOH D 4 .   ? -5.234  13.396  2.890   1.00 27.79 ? 651 HOH A O   1 
HETATM 1290 O  O   . HOH D 4 .   ? 2.485   4.551   15.484  1.00 27.01 ? 652 HOH A O   1 
HETATM 1291 O  O   . HOH D 4 .   ? -12.835 6.714   8.863   1.00 34.24 ? 653 HOH A O   1 
HETATM 1292 O  O   . HOH D 4 .   ? 8.948   -21.050 10.344  1.00 35.47 ? 654 HOH A O   1 
HETATM 1293 O  O   . HOH D 4 .   ? -13.711 -2.063  8.776   1.00 28.85 ? 655 HOH A O   1 
HETATM 1294 O  O   . HOH D 4 .   ? -14.011 11.842  -5.089  1.00 34.24 ? 656 HOH A O   1 
HETATM 1295 O  O   . HOH D 4 .   ? -15.110 3.738   8.443   1.00 36.77 ? 657 HOH A O   1 
HETATM 1296 O  O   . HOH D 4 .   ? -1.471  16.421  3.736   1.00 30.06 ? 658 HOH A O   1 
# 
